data_4R03
# 
_entry.id   4R03 
# 
_audit_conform.dict_name       mmcif_pdbx.dic 
_audit_conform.dict_version    5.398 
_audit_conform.dict_location   http://mmcif.pdb.org/dictionaries/ascii/mmcif_pdbx.dic 
# 
loop_
_database_2.database_id 
_database_2.database_code 
_database_2.pdbx_database_accession 
_database_2.pdbx_DOI 
PDB   4R03         pdb_00004r03 10.2210/pdb4r03/pdb 
RCSB  RCSB086730   ?            ?                   
WWPDB D_1000086730 ?            ?                   
# 
loop_
_pdbx_audit_revision_history.ordinal 
_pdbx_audit_revision_history.data_content_type 
_pdbx_audit_revision_history.major_revision 
_pdbx_audit_revision_history.minor_revision 
_pdbx_audit_revision_history.revision_date 
1 'Structure model' 1 0 2014-08-27 
2 'Structure model' 1 1 2014-12-24 
3 'Structure model' 1 2 2017-11-22 
4 'Structure model' 1 3 2020-04-22 
5 'Structure model' 1 4 2023-02-01 
6 'Structure model' 1 5 2024-11-06 
# 
_pdbx_audit_revision_details.ordinal             1 
_pdbx_audit_revision_details.revision_ordinal    1 
_pdbx_audit_revision_details.data_content_type   'Structure model' 
_pdbx_audit_revision_details.provider            repository 
_pdbx_audit_revision_details.type                'Initial release' 
_pdbx_audit_revision_details.description         ? 
_pdbx_audit_revision_details.details             ? 
# 
loop_
_pdbx_audit_revision_group.ordinal 
_pdbx_audit_revision_group.revision_ordinal 
_pdbx_audit_revision_group.data_content_type 
_pdbx_audit_revision_group.group 
1 2 'Structure model' 'Structure summary'      
2 3 'Structure model' 'Refinement description' 
3 4 'Structure model' 'Database references'    
4 4 'Structure model' 'Derived calculations'   
5 5 'Structure model' 'Database references'    
6 5 'Structure model' 'Derived calculations'   
7 6 'Structure model' 'Data collection'        
8 6 'Structure model' 'Structure summary'      
# 
loop_
_pdbx_audit_revision_category.ordinal 
_pdbx_audit_revision_category.revision_ordinal 
_pdbx_audit_revision_category.data_content_type 
_pdbx_audit_revision_category.category 
1  3 'Structure model' software                  
2  4 'Structure model' citation                  
3  4 'Structure model' citation_author           
4  4 'Structure model' struct_conn               
5  5 'Structure model' database_2                
6  5 'Structure model' struct_ref_seq_dif        
7  5 'Structure model' struct_site               
8  6 'Structure model' chem_comp_atom            
9  6 'Structure model' chem_comp_bond            
10 6 'Structure model' pdbx_entry_details        
11 6 'Structure model' pdbx_modification_feature 
# 
loop_
_pdbx_audit_revision_item.ordinal 
_pdbx_audit_revision_item.revision_ordinal 
_pdbx_audit_revision_item.data_content_type 
_pdbx_audit_revision_item.item 
1  3 'Structure model' '_software.classification'                     
2  3 'Structure model' '_software.name'                               
3  4 'Structure model' '_citation.country'                            
4  4 'Structure model' '_citation.journal_abbrev'                     
5  4 'Structure model' '_citation.journal_id_ASTM'                    
6  4 'Structure model' '_citation.journal_id_CSD'                     
7  4 'Structure model' '_citation.journal_id_ISSN'                    
8  4 'Structure model' '_citation.journal_volume'                     
9  4 'Structure model' '_citation.page_first'                         
10 4 'Structure model' '_citation.page_last'                          
11 4 'Structure model' '_citation.pdbx_database_id_DOI'               
12 4 'Structure model' '_citation.pdbx_database_id_PubMed'            
13 4 'Structure model' '_citation.title'                              
14 4 'Structure model' '_citation.year'                               
15 4 'Structure model' '_struct_conn.pdbx_leaving_atom_flag'          
16 5 'Structure model' '_database_2.pdbx_DOI'                         
17 5 'Structure model' '_database_2.pdbx_database_accession'          
18 5 'Structure model' '_struct_ref_seq_dif.details'                  
19 5 'Structure model' '_struct_site.pdbx_auth_asym_id'               
20 5 'Structure model' '_struct_site.pdbx_auth_comp_id'               
21 5 'Structure model' '_struct_site.pdbx_auth_seq_id'                
22 6 'Structure model' '_pdbx_entry_details.has_protein_modification' 
# 
_pdbx_database_status.SG_entry                        Y 
_pdbx_database_status.entry_id                        4R03 
_pdbx_database_status.deposit_site                    RCSB 
_pdbx_database_status.process_site                    RCSB 
_pdbx_database_status.recvd_initial_deposition_date   2014-07-29 
_pdbx_database_status.status_code                     REL 
_pdbx_database_status.status_code_sf                  REL 
_pdbx_database_status.status_code_mr                  ? 
_pdbx_database_status.status_code_cs                  ? 
_pdbx_database_status.methods_development_category    ? 
_pdbx_database_status.pdb_format_compatible           Y 
_pdbx_database_status.status_code_nmr_data            ? 
# 
_pdbx_database_related.db_name        TargetTrack 
_pdbx_database_related.db_id          JCSG-418938 
_pdbx_database_related.details        . 
_pdbx_database_related.content_type   unspecified 
# 
_audit_author.name           'Joint Center for Structural Genomics (JCSG)' 
_audit_author.pdbx_ordinal   1 
# 
_citation.id                        primary 
_citation.title                     'Structures of single-layer beta-sheet proteins evolved from beta-hairpin repeats.' 
_citation.journal_abbrev            'Protein Sci.' 
_citation.journal_volume            28 
_citation.page_first                1676 
_citation.page_last                 1689 
_citation.year                      2019 
_citation.journal_id_ASTM           PRCIEI 
_citation.country                   US 
_citation.journal_id_ISSN           1469-896X 
_citation.journal_id_CSD            0795 
_citation.book_publisher            ? 
_citation.pdbx_database_id_PubMed   31306512 
_citation.pdbx_database_id_DOI      10.1002/pro.3683 
# 
loop_
_citation_author.citation_id 
_citation_author.name 
_citation_author.ordinal 
_citation_author.identifier_ORCID 
primary 'Xu, Q.'          1  ?                   
primary 'Biancalana, M.'  2  ?                   
primary 'Grant, J.C.'     3  ?                   
primary 'Chiu, H.J.'      4  ?                   
primary 'Jaroszewski, L.' 5  ?                   
primary 'Knuth, M.W.'     6  ?                   
primary 'Lesley, S.A.'    7  ?                   
primary 'Godzik, A.'      8  ?                   
primary 'Elsliger, M.A.'  9  ?                   
primary 'Deacon, A.M.'    10 ?                   
primary 'Wilson, I.A.'    11 0000-0002-6469-2419 
# 
loop_
_entity.id 
_entity.type 
_entity.src_method 
_entity.pdbx_description 
_entity.formula_weight 
_entity.pdbx_number_of_molecules 
_entity.pdbx_ec 
_entity.pdbx_mutation 
_entity.pdbx_fragment 
_entity.details 
1 polymer     man 'Uncharacterized protein'       13272.422 1   ? ? 'UNP residues 29-136' ? 
2 non-polymer syn '(4S)-2-METHYL-2,4-PENTANEDIOL' 118.174   1   ? ? ?                     ? 
3 non-polymer syn 'CITRIC ACID'                   192.124   1   ? ? ?                     ? 
4 non-polymer syn 'PHOSPHATE ION'                 94.971    2   ? ? ?                     ? 
5 water       nat water                           18.015    188 ? ? ?                     ? 
# 
_entity_poly.entity_id                      1 
_entity_poly.type                           'polypeptide(L)' 
_entity_poly.nstd_linkage                   no 
_entity_poly.nstd_monomer                   yes 
_entity_poly.pdbx_seq_one_letter_code       
;GKDYLYDTKEENGKIISKVVFLQENGLLNKQVRYEFQYNENGKVSEKKAFRWDRTNDEWVPFYQITYQYDDQSGEIKTNY
G(MSE)WDKKKKNFSLNVQN(MSE)IIPSTNYEEIFS
;
_entity_poly.pdbx_seq_one_letter_code_can   
;GKDYLYDTKEENGKIISKVVFLQENGLLNKQVRYEFQYNENGKVSEKKAFRWDRTNDEWVPFYQITYQYDDQSGEIKTNY
GMWDKKKKNFSLNVQNMIIPSTNYEEIFS
;
_entity_poly.pdbx_strand_id                 A 
_entity_poly.pdbx_target_identifier         JCSG-418938 
# 
loop_
_pdbx_entity_nonpoly.entity_id 
_pdbx_entity_nonpoly.name 
_pdbx_entity_nonpoly.comp_id 
2 '(4S)-2-METHYL-2,4-PENTANEDIOL' MPD 
3 'CITRIC ACID'                   CIT 
4 'PHOSPHATE ION'                 PO4 
5 water                           HOH 
# 
loop_
_entity_poly_seq.entity_id 
_entity_poly_seq.num 
_entity_poly_seq.mon_id 
_entity_poly_seq.hetero 
1 1   GLY n 
1 2   LYS n 
1 3   ASP n 
1 4   TYR n 
1 5   LEU n 
1 6   TYR n 
1 7   ASP n 
1 8   THR n 
1 9   LYS n 
1 10  GLU n 
1 11  GLU n 
1 12  ASN n 
1 13  GLY n 
1 14  LYS n 
1 15  ILE n 
1 16  ILE n 
1 17  SER n 
1 18  LYS n 
1 19  VAL n 
1 20  VAL n 
1 21  PHE n 
1 22  LEU n 
1 23  GLN n 
1 24  GLU n 
1 25  ASN n 
1 26  GLY n 
1 27  LEU n 
1 28  LEU n 
1 29  ASN n 
1 30  LYS n 
1 31  GLN n 
1 32  VAL n 
1 33  ARG n 
1 34  TYR n 
1 35  GLU n 
1 36  PHE n 
1 37  GLN n 
1 38  TYR n 
1 39  ASN n 
1 40  GLU n 
1 41  ASN n 
1 42  GLY n 
1 43  LYS n 
1 44  VAL n 
1 45  SER n 
1 46  GLU n 
1 47  LYS n 
1 48  LYS n 
1 49  ALA n 
1 50  PHE n 
1 51  ARG n 
1 52  TRP n 
1 53  ASP n 
1 54  ARG n 
1 55  THR n 
1 56  ASN n 
1 57  ASP n 
1 58  GLU n 
1 59  TRP n 
1 60  VAL n 
1 61  PRO n 
1 62  PHE n 
1 63  TYR n 
1 64  GLN n 
1 65  ILE n 
1 66  THR n 
1 67  TYR n 
1 68  GLN n 
1 69  TYR n 
1 70  ASP n 
1 71  ASP n 
1 72  GLN n 
1 73  SER n 
1 74  GLY n 
1 75  GLU n 
1 76  ILE n 
1 77  LYS n 
1 78  THR n 
1 79  ASN n 
1 80  TYR n 
1 81  GLY n 
1 82  MSE n 
1 83  TRP n 
1 84  ASP n 
1 85  LYS n 
1 86  LYS n 
1 87  LYS n 
1 88  LYS n 
1 89  ASN n 
1 90  PHE n 
1 91  SER n 
1 92  LEU n 
1 93  ASN n 
1 94  VAL n 
1 95  GLN n 
1 96  ASN n 
1 97  MSE n 
1 98  ILE n 
1 99  ILE n 
1 100 PRO n 
1 101 SER n 
1 102 THR n 
1 103 ASN n 
1 104 TYR n 
1 105 GLU n 
1 106 GLU n 
1 107 ILE n 
1 108 PHE n 
1 109 SER n 
# 
_entity_src_gen.entity_id                          1 
_entity_src_gen.pdbx_src_id                        1 
_entity_src_gen.pdbx_alt_source_flag               sample 
_entity_src_gen.pdbx_seq_type                      ? 
_entity_src_gen.pdbx_beg_seq_num                   ? 
_entity_src_gen.pdbx_end_seq_num                   ? 
_entity_src_gen.gene_src_common_name               ? 
_entity_src_gen.gene_src_genus                     ? 
_entity_src_gen.pdbx_gene_src_gene                 BDI_3222 
_entity_src_gen.gene_src_species                   ? 
_entity_src_gen.gene_src_strain                    'ATCC 8503 / DSM 20701 / NCTC 11152' 
_entity_src_gen.gene_src_tissue                    ? 
_entity_src_gen.gene_src_tissue_fraction           ? 
_entity_src_gen.gene_src_details                   ? 
_entity_src_gen.pdbx_gene_src_fragment             ? 
_entity_src_gen.pdbx_gene_src_scientific_name      'Parabacteroides distasonis ATCC 8503' 
_entity_src_gen.pdbx_gene_src_ncbi_taxonomy_id     435591 
_entity_src_gen.pdbx_gene_src_variant              ? 
_entity_src_gen.pdbx_gene_src_cell_line            ? 
_entity_src_gen.pdbx_gene_src_atcc                 ? 
_entity_src_gen.pdbx_gene_src_organ                ? 
_entity_src_gen.pdbx_gene_src_organelle            ? 
_entity_src_gen.pdbx_gene_src_cell                 ? 
_entity_src_gen.pdbx_gene_src_cellular_location    ? 
_entity_src_gen.host_org_common_name               ? 
_entity_src_gen.pdbx_host_org_scientific_name      'Escherichia Coli' 
_entity_src_gen.pdbx_host_org_ncbi_taxonomy_id     562 
_entity_src_gen.host_org_genus                     ? 
_entity_src_gen.pdbx_host_org_gene                 ? 
_entity_src_gen.pdbx_host_org_organ                ? 
_entity_src_gen.host_org_species                   ? 
_entity_src_gen.pdbx_host_org_tissue               ? 
_entity_src_gen.pdbx_host_org_tissue_fraction      ? 
_entity_src_gen.pdbx_host_org_strain               PB1 
_entity_src_gen.pdbx_host_org_variant              ? 
_entity_src_gen.pdbx_host_org_cell_line            ? 
_entity_src_gen.pdbx_host_org_atcc                 ? 
_entity_src_gen.pdbx_host_org_culture_collection   ? 
_entity_src_gen.pdbx_host_org_cell                 ? 
_entity_src_gen.pdbx_host_org_organelle            ? 
_entity_src_gen.pdbx_host_org_cellular_location    ? 
_entity_src_gen.pdbx_host_org_vector_type          Plasmid 
_entity_src_gen.pdbx_host_org_vector               ? 
_entity_src_gen.host_org_details                   ? 
_entity_src_gen.expression_system_id               ? 
_entity_src_gen.plasmid_name                       SpeedET 
_entity_src_gen.plasmid_details                    ? 
_entity_src_gen.pdbx_description                   ? 
# 
loop_
_chem_comp.id 
_chem_comp.type 
_chem_comp.mon_nstd_flag 
_chem_comp.name 
_chem_comp.pdbx_synonyms 
_chem_comp.formula 
_chem_comp.formula_weight 
ALA 'L-peptide linking' y ALANINE                         ? 'C3 H7 N O2'     89.093  
ARG 'L-peptide linking' y ARGININE                        ? 'C6 H15 N4 O2 1' 175.209 
ASN 'L-peptide linking' y ASPARAGINE                      ? 'C4 H8 N2 O3'    132.118 
ASP 'L-peptide linking' y 'ASPARTIC ACID'                 ? 'C4 H7 N O4'     133.103 
CIT non-polymer         . 'CITRIC ACID'                   ? 'C6 H8 O7'       192.124 
GLN 'L-peptide linking' y GLUTAMINE                       ? 'C5 H10 N2 O3'   146.144 
GLU 'L-peptide linking' y 'GLUTAMIC ACID'                 ? 'C5 H9 N O4'     147.129 
GLY 'peptide linking'   y GLYCINE                         ? 'C2 H5 N O2'     75.067  
HOH non-polymer         . WATER                           ? 'H2 O'           18.015  
ILE 'L-peptide linking' y ISOLEUCINE                      ? 'C6 H13 N O2'    131.173 
LEU 'L-peptide linking' y LEUCINE                         ? 'C6 H13 N O2'    131.173 
LYS 'L-peptide linking' y LYSINE                          ? 'C6 H15 N2 O2 1' 147.195 
MPD non-polymer         . '(4S)-2-METHYL-2,4-PENTANEDIOL' ? 'C6 H14 O2'      118.174 
MSE 'L-peptide linking' n SELENOMETHIONINE                ? 'C5 H11 N O2 Se' 196.106 
PHE 'L-peptide linking' y PHENYLALANINE                   ? 'C9 H11 N O2'    165.189 
PO4 non-polymer         . 'PHOSPHATE ION'                 ? 'O4 P -3'        94.971  
PRO 'L-peptide linking' y PROLINE                         ? 'C5 H9 N O2'     115.130 
SER 'L-peptide linking' y SERINE                          ? 'C3 H7 N O3'     105.093 
THR 'L-peptide linking' y THREONINE                       ? 'C4 H9 N O3'     119.119 
TRP 'L-peptide linking' y TRYPTOPHAN                      ? 'C11 H12 N2 O2'  204.225 
TYR 'L-peptide linking' y TYROSINE                        ? 'C9 H11 N O3'    181.189 
VAL 'L-peptide linking' y VALINE                          ? 'C5 H11 N O2'    117.146 
# 
loop_
_pdbx_poly_seq_scheme.asym_id 
_pdbx_poly_seq_scheme.entity_id 
_pdbx_poly_seq_scheme.seq_id 
_pdbx_poly_seq_scheme.mon_id 
_pdbx_poly_seq_scheme.ndb_seq_num 
_pdbx_poly_seq_scheme.pdb_seq_num 
_pdbx_poly_seq_scheme.auth_seq_num 
_pdbx_poly_seq_scheme.pdb_mon_id 
_pdbx_poly_seq_scheme.auth_mon_id 
_pdbx_poly_seq_scheme.pdb_strand_id 
_pdbx_poly_seq_scheme.pdb_ins_code 
_pdbx_poly_seq_scheme.hetero 
A 1 1   GLY 1   0   0   GLY GLY A . n 
A 1 2   LYS 2   29  29  LYS LYS A . n 
A 1 3   ASP 3   30  30  ASP ASP A . n 
A 1 4   TYR 4   31  31  TYR TYR A . n 
A 1 5   LEU 5   32  32  LEU LEU A . n 
A 1 6   TYR 6   33  33  TYR TYR A . n 
A 1 7   ASP 7   34  34  ASP ASP A . n 
A 1 8   THR 8   35  35  THR THR A . n 
A 1 9   LYS 9   36  36  LYS LYS A . n 
A 1 10  GLU 10  37  37  GLU GLU A . n 
A 1 11  GLU 11  38  38  GLU GLU A . n 
A 1 12  ASN 12  39  39  ASN ASN A . n 
A 1 13  GLY 13  40  40  GLY GLY A . n 
A 1 14  LYS 14  41  41  LYS LYS A . n 
A 1 15  ILE 15  42  42  ILE ILE A . n 
A 1 16  ILE 16  43  43  ILE ILE A . n 
A 1 17  SER 17  44  44  SER SER A . n 
A 1 18  LYS 18  45  45  LYS LYS A . n 
A 1 19  VAL 19  46  46  VAL VAL A . n 
A 1 20  VAL 20  47  47  VAL VAL A . n 
A 1 21  PHE 21  48  48  PHE PHE A . n 
A 1 22  LEU 22  49  49  LEU LEU A . n 
A 1 23  GLN 23  50  50  GLN GLN A . n 
A 1 24  GLU 24  51  51  GLU GLU A . n 
A 1 25  ASN 25  52  52  ASN ASN A . n 
A 1 26  GLY 26  53  53  GLY GLY A . n 
A 1 27  LEU 27  54  54  LEU LEU A . n 
A 1 28  LEU 28  55  55  LEU LEU A . n 
A 1 29  ASN 29  56  56  ASN ASN A . n 
A 1 30  LYS 30  57  57  LYS LYS A . n 
A 1 31  GLN 31  58  58  GLN GLN A . n 
A 1 32  VAL 32  59  59  VAL VAL A . n 
A 1 33  ARG 33  60  60  ARG ARG A . n 
A 1 34  TYR 34  61  61  TYR TYR A . n 
A 1 35  GLU 35  62  62  GLU GLU A . n 
A 1 36  PHE 36  63  63  PHE PHE A . n 
A 1 37  GLN 37  64  64  GLN GLN A . n 
A 1 38  TYR 38  65  65  TYR TYR A . n 
A 1 39  ASN 39  66  66  ASN ASN A . n 
A 1 40  GLU 40  67  67  GLU GLU A . n 
A 1 41  ASN 41  68  68  ASN ASN A . n 
A 1 42  GLY 42  69  69  GLY GLY A . n 
A 1 43  LYS 43  70  70  LYS LYS A . n 
A 1 44  VAL 44  71  71  VAL VAL A . n 
A 1 45  SER 45  72  72  SER SER A . n 
A 1 46  GLU 46  73  73  GLU GLU A . n 
A 1 47  LYS 47  74  74  LYS LYS A . n 
A 1 48  LYS 48  75  75  LYS LYS A . n 
A 1 49  ALA 49  76  76  ALA ALA A . n 
A 1 50  PHE 50  77  77  PHE PHE A . n 
A 1 51  ARG 51  78  78  ARG ARG A . n 
A 1 52  TRP 52  79  79  TRP TRP A . n 
A 1 53  ASP 53  80  80  ASP ASP A . n 
A 1 54  ARG 54  81  81  ARG ARG A . n 
A 1 55  THR 55  82  82  THR THR A . n 
A 1 56  ASN 56  83  83  ASN ASN A . n 
A 1 57  ASP 57  84  84  ASP ASP A . n 
A 1 58  GLU 58  85  85  GLU GLU A . n 
A 1 59  TRP 59  86  86  TRP TRP A . n 
A 1 60  VAL 60  87  87  VAL VAL A . n 
A 1 61  PRO 61  88  88  PRO PRO A . n 
A 1 62  PHE 62  89  89  PHE PHE A . n 
A 1 63  TYR 63  90  90  TYR TYR A . n 
A 1 64  GLN 64  91  91  GLN GLN A . n 
A 1 65  ILE 65  92  92  ILE ILE A . n 
A 1 66  THR 66  93  93  THR THR A . n 
A 1 67  TYR 67  94  94  TYR TYR A . n 
A 1 68  GLN 68  95  95  GLN GLN A . n 
A 1 69  TYR 69  96  96  TYR TYR A . n 
A 1 70  ASP 70  97  97  ASP ASP A . n 
A 1 71  ASP 71  98  98  ASP ASP A . n 
A 1 72  GLN 72  99  99  GLN GLN A . n 
A 1 73  SER 73  100 100 SER SER A . n 
A 1 74  GLY 74  101 101 GLY GLY A . n 
A 1 75  GLU 75  102 102 GLU GLU A . n 
A 1 76  ILE 76  103 103 ILE ILE A . n 
A 1 77  LYS 77  104 104 LYS LYS A . n 
A 1 78  THR 78  105 105 THR THR A . n 
A 1 79  ASN 79  106 106 ASN ASN A . n 
A 1 80  TYR 80  107 107 TYR TYR A . n 
A 1 81  GLY 81  108 108 GLY GLY A . n 
A 1 82  MSE 82  109 109 MSE MSE A . n 
A 1 83  TRP 83  110 110 TRP TRP A . n 
A 1 84  ASP 84  111 111 ASP ASP A . n 
A 1 85  LYS 85  112 112 LYS LYS A . n 
A 1 86  LYS 86  113 113 LYS LYS A . n 
A 1 87  LYS 87  114 114 LYS LYS A . n 
A 1 88  LYS 88  115 115 LYS LYS A . n 
A 1 89  ASN 89  116 116 ASN ASN A . n 
A 1 90  PHE 90  117 117 PHE PHE A . n 
A 1 91  SER 91  118 118 SER SER A . n 
A 1 92  LEU 92  119 119 LEU LEU A . n 
A 1 93  ASN 93  120 120 ASN ASN A . n 
A 1 94  VAL 94  121 121 VAL VAL A . n 
A 1 95  GLN 95  122 122 GLN GLN A . n 
A 1 96  ASN 96  123 123 ASN ASN A . n 
A 1 97  MSE 97  124 124 MSE MSE A . n 
A 1 98  ILE 98  125 125 ILE ILE A . n 
A 1 99  ILE 99  126 126 ILE ILE A . n 
A 1 100 PRO 100 127 127 PRO PRO A . n 
A 1 101 SER 101 128 128 SER SER A . n 
A 1 102 THR 102 129 129 THR THR A . n 
A 1 103 ASN 103 130 130 ASN ASN A . n 
A 1 104 TYR 104 131 131 TYR TYR A . n 
A 1 105 GLU 105 132 132 GLU GLU A . n 
A 1 106 GLU 106 133 133 GLU GLU A . n 
A 1 107 ILE 107 134 134 ILE ILE A . n 
A 1 108 PHE 108 135 135 PHE PHE A . n 
A 1 109 SER 109 136 136 SER SER A . n 
# 
loop_
_pdbx_nonpoly_scheme.asym_id 
_pdbx_nonpoly_scheme.entity_id 
_pdbx_nonpoly_scheme.mon_id 
_pdbx_nonpoly_scheme.ndb_seq_num 
_pdbx_nonpoly_scheme.pdb_seq_num 
_pdbx_nonpoly_scheme.auth_seq_num 
_pdbx_nonpoly_scheme.pdb_mon_id 
_pdbx_nonpoly_scheme.auth_mon_id 
_pdbx_nonpoly_scheme.pdb_strand_id 
_pdbx_nonpoly_scheme.pdb_ins_code 
B 2 MPD 1   201 141 MPD MPD A . 
C 3 CIT 1   202 142 CIT CIT A . 
D 4 PO4 1   203 143 PO4 PO4 A . 
E 4 PO4 1   204 144 PO4 PO4 A . 
F 5 HOH 1   301 145 HOH HOH A . 
F 5 HOH 2   302 146 HOH HOH A . 
F 5 HOH 3   303 147 HOH HOH A . 
F 5 HOH 4   304 148 HOH HOH A . 
F 5 HOH 5   305 149 HOH HOH A . 
F 5 HOH 6   306 150 HOH HOH A . 
F 5 HOH 7   307 151 HOH HOH A . 
F 5 HOH 8   308 152 HOH HOH A . 
F 5 HOH 9   309 153 HOH HOH A . 
F 5 HOH 10  310 154 HOH HOH A . 
F 5 HOH 11  311 155 HOH HOH A . 
F 5 HOH 12  312 156 HOH HOH A . 
F 5 HOH 13  313 157 HOH HOH A . 
F 5 HOH 14  314 158 HOH HOH A . 
F 5 HOH 15  315 159 HOH HOH A . 
F 5 HOH 16  316 160 HOH HOH A . 
F 5 HOH 17  317 161 HOH HOH A . 
F 5 HOH 18  318 162 HOH HOH A . 
F 5 HOH 19  319 163 HOH HOH A . 
F 5 HOH 20  320 164 HOH HOH A . 
F 5 HOH 21  321 165 HOH HOH A . 
F 5 HOH 22  322 166 HOH HOH A . 
F 5 HOH 23  323 167 HOH HOH A . 
F 5 HOH 24  324 168 HOH HOH A . 
F 5 HOH 25  325 169 HOH HOH A . 
F 5 HOH 26  326 170 HOH HOH A . 
F 5 HOH 27  327 171 HOH HOH A . 
F 5 HOH 28  328 172 HOH HOH A . 
F 5 HOH 29  329 173 HOH HOH A . 
F 5 HOH 30  330 174 HOH HOH A . 
F 5 HOH 31  331 175 HOH HOH A . 
F 5 HOH 32  332 176 HOH HOH A . 
F 5 HOH 33  333 177 HOH HOH A . 
F 5 HOH 34  334 178 HOH HOH A . 
F 5 HOH 35  335 179 HOH HOH A . 
F 5 HOH 36  336 180 HOH HOH A . 
F 5 HOH 37  337 181 HOH HOH A . 
F 5 HOH 38  338 182 HOH HOH A . 
F 5 HOH 39  339 183 HOH HOH A . 
F 5 HOH 40  340 184 HOH HOH A . 
F 5 HOH 41  341 185 HOH HOH A . 
F 5 HOH 42  342 186 HOH HOH A . 
F 5 HOH 43  343 187 HOH HOH A . 
F 5 HOH 44  344 188 HOH HOH A . 
F 5 HOH 45  345 189 HOH HOH A . 
F 5 HOH 46  346 190 HOH HOH A . 
F 5 HOH 47  347 191 HOH HOH A . 
F 5 HOH 48  348 192 HOH HOH A . 
F 5 HOH 49  349 193 HOH HOH A . 
F 5 HOH 50  350 194 HOH HOH A . 
F 5 HOH 51  351 195 HOH HOH A . 
F 5 HOH 52  352 196 HOH HOH A . 
F 5 HOH 53  353 197 HOH HOH A . 
F 5 HOH 54  354 198 HOH HOH A . 
F 5 HOH 55  355 199 HOH HOH A . 
F 5 HOH 56  356 200 HOH HOH A . 
F 5 HOH 57  357 201 HOH HOH A . 
F 5 HOH 58  358 202 HOH HOH A . 
F 5 HOH 59  359 203 HOH HOH A . 
F 5 HOH 60  360 204 HOH HOH A . 
F 5 HOH 61  361 205 HOH HOH A . 
F 5 HOH 62  362 206 HOH HOH A . 
F 5 HOH 63  363 207 HOH HOH A . 
F 5 HOH 64  364 208 HOH HOH A . 
F 5 HOH 65  365 209 HOH HOH A . 
F 5 HOH 66  366 210 HOH HOH A . 
F 5 HOH 67  367 211 HOH HOH A . 
F 5 HOH 68  368 212 HOH HOH A . 
F 5 HOH 69  369 213 HOH HOH A . 
F 5 HOH 70  370 214 HOH HOH A . 
F 5 HOH 71  371 215 HOH HOH A . 
F 5 HOH 72  372 216 HOH HOH A . 
F 5 HOH 73  373 217 HOH HOH A . 
F 5 HOH 74  374 218 HOH HOH A . 
F 5 HOH 75  375 219 HOH HOH A . 
F 5 HOH 76  376 220 HOH HOH A . 
F 5 HOH 77  377 221 HOH HOH A . 
F 5 HOH 78  378 222 HOH HOH A . 
F 5 HOH 79  379 223 HOH HOH A . 
F 5 HOH 80  380 224 HOH HOH A . 
F 5 HOH 81  381 225 HOH HOH A . 
F 5 HOH 82  382 226 HOH HOH A . 
F 5 HOH 83  383 227 HOH HOH A . 
F 5 HOH 84  384 228 HOH HOH A . 
F 5 HOH 85  385 229 HOH HOH A . 
F 5 HOH 86  386 230 HOH HOH A . 
F 5 HOH 87  387 231 HOH HOH A . 
F 5 HOH 88  388 232 HOH HOH A . 
F 5 HOH 89  389 233 HOH HOH A . 
F 5 HOH 90  390 234 HOH HOH A . 
F 5 HOH 91  391 235 HOH HOH A . 
F 5 HOH 92  392 236 HOH HOH A . 
F 5 HOH 93  393 237 HOH HOH A . 
F 5 HOH 94  394 238 HOH HOH A . 
F 5 HOH 95  395 239 HOH HOH A . 
F 5 HOH 96  396 240 HOH HOH A . 
F 5 HOH 97  397 241 HOH HOH A . 
F 5 HOH 98  398 242 HOH HOH A . 
F 5 HOH 99  399 243 HOH HOH A . 
F 5 HOH 100 400 244 HOH HOH A . 
F 5 HOH 101 401 245 HOH HOH A . 
F 5 HOH 102 402 246 HOH HOH A . 
F 5 HOH 103 403 247 HOH HOH A . 
F 5 HOH 104 404 248 HOH HOH A . 
F 5 HOH 105 405 249 HOH HOH A . 
F 5 HOH 106 406 250 HOH HOH A . 
F 5 HOH 107 407 251 HOH HOH A . 
F 5 HOH 108 408 252 HOH HOH A . 
F 5 HOH 109 409 253 HOH HOH A . 
F 5 HOH 110 410 254 HOH HOH A . 
F 5 HOH 111 411 255 HOH HOH A . 
F 5 HOH 112 412 256 HOH HOH A . 
F 5 HOH 113 413 257 HOH HOH A . 
F 5 HOH 114 414 258 HOH HOH A . 
F 5 HOH 115 415 259 HOH HOH A . 
F 5 HOH 116 416 260 HOH HOH A . 
F 5 HOH 117 417 261 HOH HOH A . 
F 5 HOH 118 418 262 HOH HOH A . 
F 5 HOH 119 419 263 HOH HOH A . 
F 5 HOH 120 420 264 HOH HOH A . 
F 5 HOH 121 421 265 HOH HOH A . 
F 5 HOH 122 422 266 HOH HOH A . 
F 5 HOH 123 423 267 HOH HOH A . 
F 5 HOH 124 424 268 HOH HOH A . 
F 5 HOH 125 425 269 HOH HOH A . 
F 5 HOH 126 426 270 HOH HOH A . 
F 5 HOH 127 427 271 HOH HOH A . 
F 5 HOH 128 428 272 HOH HOH A . 
F 5 HOH 129 429 273 HOH HOH A . 
F 5 HOH 130 430 274 HOH HOH A . 
F 5 HOH 131 431 275 HOH HOH A . 
F 5 HOH 132 432 276 HOH HOH A . 
F 5 HOH 133 433 277 HOH HOH A . 
F 5 HOH 134 434 278 HOH HOH A . 
F 5 HOH 135 435 279 HOH HOH A . 
F 5 HOH 136 436 280 HOH HOH A . 
F 5 HOH 137 437 281 HOH HOH A . 
F 5 HOH 138 438 282 HOH HOH A . 
F 5 HOH 139 439 283 HOH HOH A . 
F 5 HOH 140 440 284 HOH HOH A . 
F 5 HOH 141 441 285 HOH HOH A . 
F 5 HOH 142 442 286 HOH HOH A . 
F 5 HOH 143 443 287 HOH HOH A . 
F 5 HOH 144 444 288 HOH HOH A . 
F 5 HOH 145 445 289 HOH HOH A . 
F 5 HOH 146 446 290 HOH HOH A . 
F 5 HOH 147 447 291 HOH HOH A . 
F 5 HOH 148 448 292 HOH HOH A . 
F 5 HOH 149 449 293 HOH HOH A . 
F 5 HOH 150 450 294 HOH HOH A . 
F 5 HOH 151 451 295 HOH HOH A . 
F 5 HOH 152 452 296 HOH HOH A . 
F 5 HOH 153 453 297 HOH HOH A . 
F 5 HOH 154 454 298 HOH HOH A . 
F 5 HOH 155 455 299 HOH HOH A . 
F 5 HOH 156 456 300 HOH HOH A . 
F 5 HOH 157 457 301 HOH HOH A . 
F 5 HOH 158 458 302 HOH HOH A . 
F 5 HOH 159 459 303 HOH HOH A . 
F 5 HOH 160 460 304 HOH HOH A . 
F 5 HOH 161 461 305 HOH HOH A . 
F 5 HOH 162 462 306 HOH HOH A . 
F 5 HOH 163 463 307 HOH HOH A . 
F 5 HOH 164 464 308 HOH HOH A . 
F 5 HOH 165 465 309 HOH HOH A . 
F 5 HOH 166 466 310 HOH HOH A . 
F 5 HOH 167 467 311 HOH HOH A . 
F 5 HOH 168 468 312 HOH HOH A . 
F 5 HOH 169 469 313 HOH HOH A . 
F 5 HOH 170 470 314 HOH HOH A . 
F 5 HOH 171 471 315 HOH HOH A . 
F 5 HOH 172 472 316 HOH HOH A . 
F 5 HOH 173 473 317 HOH HOH A . 
F 5 HOH 174 474 318 HOH HOH A . 
F 5 HOH 175 475 319 HOH HOH A . 
F 5 HOH 176 476 320 HOH HOH A . 
F 5 HOH 177 477 321 HOH HOH A . 
F 5 HOH 178 478 322 HOH HOH A . 
F 5 HOH 179 479 323 HOH HOH A . 
F 5 HOH 180 480 324 HOH HOH A . 
F 5 HOH 181 481 325 HOH HOH A . 
F 5 HOH 182 482 326 HOH HOH A . 
F 5 HOH 183 483 327 HOH HOH A . 
F 5 HOH 184 484 328 HOH HOH A . 
F 5 HOH 185 485 329 HOH HOH A . 
F 5 HOH 186 486 330 HOH HOH A . 
F 5 HOH 187 487 331 HOH HOH A . 
F 5 HOH 188 488 332 HOH HOH A . 
# 
loop_
_pdbx_unobs_or_zero_occ_atoms.id 
_pdbx_unobs_or_zero_occ_atoms.PDB_model_num 
_pdbx_unobs_or_zero_occ_atoms.polymer_flag 
_pdbx_unobs_or_zero_occ_atoms.occupancy_flag 
_pdbx_unobs_or_zero_occ_atoms.auth_asym_id 
_pdbx_unobs_or_zero_occ_atoms.auth_comp_id 
_pdbx_unobs_or_zero_occ_atoms.auth_seq_id 
_pdbx_unobs_or_zero_occ_atoms.PDB_ins_code 
_pdbx_unobs_or_zero_occ_atoms.auth_atom_id 
_pdbx_unobs_or_zero_occ_atoms.label_alt_id 
_pdbx_unobs_or_zero_occ_atoms.label_asym_id 
_pdbx_unobs_or_zero_occ_atoms.label_comp_id 
_pdbx_unobs_or_zero_occ_atoms.label_seq_id 
_pdbx_unobs_or_zero_occ_atoms.label_atom_id 
1 1 Y 1 A ASP 98 ? CG  ? A ASP 71 CG  
2 1 Y 1 A ASP 98 ? OD1 ? A ASP 71 OD1 
3 1 Y 1 A ASP 98 ? OD2 ? A ASP 71 OD2 
4 1 Y 1 A GLN 99 ? CG  ? A GLN 72 CG  
5 1 Y 1 A GLN 99 ? CD  ? A GLN 72 CD  
6 1 Y 1 A GLN 99 ? OE1 ? A GLN 72 OE1 
7 1 Y 1 A GLN 99 ? NE2 ? A GLN 72 NE2 
# 
loop_
_software.pdbx_ordinal 
_software.name 
_software.version 
_software.date 
_software.type 
_software.contact_author 
_software.contact_author_email 
_software.classification 
_software.location 
_software.language 
_software.citation_id 
1 MolProbity  3beta29                           ?               package 'D.C. & J.S. Richardson lab' 
molprobity@kinemage.biochem.duke.edu 'model building'  http://kinemage.biochem.duke.edu/molprobity/                                
?          ? 
2 PDB_EXTRACT 3.10                              'June 10, 2010' package PDB                          deposit@deposit.rcsb.org 
'data extraction' http://sw-tools.pdb.org/apps/PDB_EXTRACT/                                   C++        ? 
3 SHELX       .                                 ?               package 'George M. Sheldrick'        gsheldr@shelx.uni-ac.gwdg.de 
phasing           http://shelx.uni-ac.gwdg.de/SHELX/                                          Fortran_77 ? 
4 SHARP       .                                 ?               package 'Eric de La Fortelle'        
sharp-develop@globalphasing.com      phasing           http://www.globalphasing.com/sharp/                                         
?          ? 
5 XSCALE      'January 10, 2014 BUILT=20140307' ?               package 'Wolfgang Kabsch'            ? 'data scaling'    
http://www.mpimf-heidelberg.mpg.de/~kabsch/xds/html_doc/xscale_program.html ?          ? 
6 REFMAC      5.8.0069                          ?               program 'Garib N. Murshudov'         garib@ysbl.york.ac.uk 
refinement        http://www.ccp4.ac.uk/dist/html/refmac5.html                                Fortran_77 ? 
7 XDS         .                                 ?               ?       ?                            ? 'data reduction'  ? ? ? 
8 SHELXD      .                                 ?               ?       ?                            ? phasing           ? ? ? 
# 
_cell.entry_id           4R03 
_cell.length_a           59.001 
_cell.length_b           71.697 
_cell.length_c           82.683 
_cell.angle_alpha        90.000 
_cell.angle_beta         90.000 
_cell.angle_gamma        90.000 
_cell.pdbx_unique_axis   ? 
_cell.Z_PDB              8 
_cell.length_a_esd       ? 
_cell.length_b_esd       ? 
_cell.length_c_esd       ? 
_cell.angle_alpha_esd    ? 
_cell.angle_beta_esd     ? 
_cell.angle_gamma_esd    ? 
# 
_symmetry.entry_id                         4R03 
_symmetry.Int_Tables_number                24 
_symmetry.space_group_name_H-M             'I 21 21 21' 
_symmetry.pdbx_full_space_group_name_H-M   ? 
_symmetry.cell_setting                     ? 
_symmetry.space_group_name_Hall            ? 
# 
_exptl.crystals_number   1 
_exptl.method            'X-RAY DIFFRACTION' 
_exptl.entry_id          4R03 
# 
_exptl_crystal.id                    1 
_exptl_crystal.density_Matthews      3.29 
_exptl_crystal.density_meas          ? 
_exptl_crystal.density_percent_sol   62.66 
_exptl_crystal.description           ? 
_exptl_crystal.F_000                 ? 
_exptl_crystal.preparation           ? 
# 
_exptl_crystal_grow.crystal_id      1 
_exptl_crystal_grow.method          'VAPOR DIFFUSION, SITTING DROP' 
_exptl_crystal_grow.pH              4.2 
_exptl_crystal_grow.temp            277 
_exptl_crystal_grow.pdbx_details    
'40.00% 2-methyl-2,4-pentanediol, 0.1M phosphate-citrate pH 4.2, NANODROP, VAPOR DIFFUSION, SITTING DROP, temperature 277K' 
_exptl_crystal_grow.temp_details    ? 
_exptl_crystal_grow.pdbx_pH_range   ? 
# 
_diffrn.id                     1 
_diffrn.ambient_temp           100 
_diffrn.ambient_temp_details   ? 
_diffrn.crystal_id             1 
# 
_diffrn_detector.diffrn_id              1 
_diffrn_detector.detector               CCD 
_diffrn_detector.type                   'MARMOSAIC 325 mm CCD' 
_diffrn_detector.details                'Vertical focusing mirror; double crystal Si(111) monochromator' 
_diffrn_detector.pdbx_collection_date   2014-06-10 
# 
_diffrn_radiation.diffrn_id                        1 
_diffrn_radiation.pdbx_monochromatic_or_laue_m_l   M 
_diffrn_radiation.monochromator                    'double crystal Si(111)' 
_diffrn_radiation.pdbx_diffrn_protocol             MAD 
_diffrn_radiation.wavelength_id                    1 
_diffrn_radiation.pdbx_scattering_type             x-ray 
# 
loop_
_diffrn_radiation_wavelength.id 
_diffrn_radiation_wavelength.wavelength 
_diffrn_radiation_wavelength.wt 
1 0.95369 1.0 
2 0.97934 1.0 
3 0.97907 1.0 
# 
_diffrn_source.diffrn_id                   1 
_diffrn_source.source                      SYNCHROTRON 
_diffrn_source.pdbx_synchrotron_beamline   BL14-1 
_diffrn_source.type                        'SSRL BEAMLINE BL14-1' 
_diffrn_source.pdbx_wavelength_list        0.95369,0.97934,0.97907 
_diffrn_source.pdbx_wavelength             ? 
_diffrn_source.pdbx_synchrotron_site       SSRL 
# 
_reflns.entry_id                     4R03 
_reflns.d_resolution_high            1.50 
_reflns.d_resolution_low             27.084 
_reflns.number_obs                   27948 
_reflns.pdbx_Rmerge_I_obs            0.045 
_reflns.pdbx_netI_over_sigmaI        14.960 
_reflns.percent_possible_obs         98.200 
_reflns.B_iso_Wilson_estimate        18.114 
_reflns.observed_criterion_sigma_I   -3.000 
_reflns.observed_criterion_sigma_F   ? 
_reflns.number_all                   ? 
_reflns.pdbx_Rsym_value              ? 
_reflns.pdbx_redundancy              ? 
_reflns.R_free_details               ? 
_reflns.limit_h_max                  ? 
_reflns.limit_h_min                  ? 
_reflns.limit_k_max                  ? 
_reflns.limit_k_min                  ? 
_reflns.limit_l_max                  ? 
_reflns.limit_l_min                  ? 
_reflns.observed_criterion_F_max     ? 
_reflns.observed_criterion_F_min     ? 
_reflns.pdbx_chi_squared             ? 
_reflns.pdbx_scaling_rejects         ? 
_reflns.pdbx_ordinal                 1 
_reflns.pdbx_diffrn_id               1 
# 
loop_
_reflns_shell.d_res_high 
_reflns_shell.d_res_low 
_reflns_shell.number_measured_obs 
_reflns_shell.number_measured_all 
_reflns_shell.number_unique_obs 
_reflns_shell.Rmerge_I_obs 
_reflns_shell.meanI_over_sigI_obs 
_reflns_shell.pdbx_Rsym_value 
_reflns_shell.pdbx_chi_squared 
_reflns_shell.pdbx_redundancy 
_reflns_shell.percent_possible_obs 
_reflns_shell.number_unique_all 
_reflns_shell.percent_possible_all 
_reflns_shell.pdbx_ordinal 
_reflns_shell.pdbx_diffrn_id 
1.500 1.600  10277 ? 4505 0.483 1.9  ? ? ? ? ? 91.200 1  1 
1.600 1.660  7844  ? 2397 0.347 3.3  ? ? ? ? ? 99.700 2  1 
1.660 1.730  8912  ? 2431 0.263 4.7  ? ? ? ? ? 99.900 3  1 
1.730 1.830  10443 ? 2857 0.181 6.7  ? ? ? ? ? 99.900 4  1 
1.830 1.940  9033  ? 2480 0.108 10.9 ? ? ? ? ? 99.800 5  1 
1.940 2.090  9457  ? 2596 0.071 15.9 ? ? ? ? ? 99.800 6  1 
2.090 2.300  9552  ? 2624 0.054 20.5 ? ? ? ? ? 99.700 7  1 
2.300 2.630  9395  ? 2596 0.045 23.6 ? ? ? ? ? 99.700 8  1 
2.630 3.310  9500  ? 2667 0.033 30.7 ? ? ? ? ? 99.400 9  1 
3.310 27.084 9596  ? 2759 0.027 38.0 ? ? ? ? ? 98.800 10 1 
# 
_refine.entry_id                                 4R03 
_refine.ls_d_res_high                            1.5000 
_refine.ls_d_res_low                             27.084 
_refine.pdbx_ls_sigma_F                          0.000 
_refine.pdbx_data_cutoff_high_absF               ? 
_refine.pdbx_data_cutoff_low_absF                ? 
_refine.ls_percent_reflns_obs                    98.1500 
_refine.ls_number_reflns_obs                     26540 
_refine.ls_number_reflns_all                     ? 
_refine.pdbx_ls_cross_valid_method               THROUGHOUT 
_refine.pdbx_R_Free_selection_details            RANDOM 
_refine.details                                  
;1. HYDROGENS HAVE BEEN ADDED IN THE RIDING POSITIONS. 2. A MET-INHIBITION PROTOCOL WAS USED FOR SELENOMETHIONINE INCORPORATION DURING PROTEIN EXPRESSION. THE OCCUPANCY OF THE SE ATOMS IN THE MSE RESIDUES WAS REDUCED TO 0.75 FOR THE REDUCED SCATTERING POWER DUE TO PARTIAL S-MET INCORPORATION. 3. CITRATE (CIT), PHOSPHATE (PO4), AND 2-METHYL-2,4-PENTANEDIOL (MPD) WERE PRESENT IN PURIFICATION/CRYSTALLIZATION CONDITIONS.
;
_refine.ls_R_factor_all                          ? 
_refine.ls_R_factor_obs                          0.1675 
_refine.ls_R_factor_R_work                       0.1664 
_refine.ls_wR_factor_R_work                      ? 
_refine.ls_R_factor_R_free                       0.1876 
_refine.ls_wR_factor_R_free                      ? 
_refine.ls_percent_reflns_R_free                 5.0000 
_refine.ls_number_reflns_R_free                  1407 
_refine.ls_R_factor_R_free_error                 ? 
_refine.B_iso_mean                               22.8870 
_refine.solvent_model_param_bsol                 ? 
_refine.solvent_model_param_ksol                 ? 
_refine.pdbx_isotropic_thermal_model             ? 
_refine.aniso_B[1][1]                            0.1400 
_refine.aniso_B[2][2]                            0.2500 
_refine.aniso_B[3][3]                            -0.3900 
_refine.aniso_B[1][2]                            0.0000 
_refine.aniso_B[1][3]                            -0.0000 
_refine.aniso_B[2][3]                            0.0000 
_refine.correlation_coeff_Fo_to_Fc               0.9690 
_refine.correlation_coeff_Fo_to_Fc_free          0.9580 
_refine.overall_SU_R_Cruickshank_DPI             ? 
_refine.overall_SU_R_free                        ? 
_refine.pdbx_overall_ESU_R                       0.0610 
_refine.pdbx_overall_ESU_R_Free                  0.0620 
_refine.overall_SU_ML                            0.0420 
_refine.overall_SU_B                             1.1750 
_refine.solvent_model_details                    MASK 
_refine.pdbx_solvent_vdw_probe_radii             1.2000 
_refine.pdbx_solvent_ion_probe_radii             0.8000 
_refine.pdbx_solvent_shrinkage_radii             0.8000 
_refine.ls_number_parameters                     ? 
_refine.ls_number_restraints                     ? 
_refine.pdbx_starting_model                      ? 
_refine.pdbx_method_to_determine_struct          MAD 
_refine.pdbx_stereochemistry_target_values       'MAXIMUM LIKELIHOOD WITH PHASES' 
_refine.pdbx_stereochem_target_val_spec_case     ? 
_refine.overall_FOM_work_R_set                   ? 
_refine.B_iso_max                                74.870 
_refine.B_iso_min                                9.410 
_refine.pdbx_overall_phase_error                 ? 
_refine.occupancy_max                            1.000 
_refine.occupancy_min                            0.250 
_refine.pdbx_ls_sigma_I                          ? 
_refine.ls_redundancy_reflns_obs                 ? 
_refine.ls_R_factor_R_free_error_details         ? 
_refine.pdbx_data_cutoff_high_rms_absF           ? 
_refine.overall_FOM_free_R_set                   ? 
_refine.pdbx_diffrn_id                           1 
_refine.pdbx_refine_id                           'X-RAY DIFFRACTION' 
_refine.pdbx_TLS_residual_ADP_flag               ? 
_refine.pdbx_overall_SU_R_free_Cruickshank_DPI   ? 
_refine.pdbx_overall_SU_R_Blow_DPI               ? 
_refine.pdbx_overall_SU_R_free_Blow_DPI          ? 
# 
_refine_hist.pdbx_refine_id                   'X-RAY DIFFRACTION' 
_refine_hist.cycle_id                         LAST 
_refine_hist.pdbx_number_atoms_protein        925 
_refine_hist.pdbx_number_atoms_nucleic_acid   0 
_refine_hist.pdbx_number_atoms_ligand         31 
_refine_hist.number_atoms_solvent             188 
_refine_hist.number_atoms_total               1144 
_refine_hist.d_res_high                       1.5000 
_refine_hist.d_res_low                        27.084 
# 
loop_
_refine_ls_restr.type 
_refine_ls_restr.number 
_refine_ls_restr.dev_ideal 
_refine_ls_restr.dev_ideal_target 
_refine_ls_restr.weight 
_refine_ls_restr.pdbx_restraint_function 
_refine_ls_restr.pdbx_refine_id 
r_bond_refined_d       1057 0.020  0.022  ? ? 'X-RAY DIFFRACTION' 
r_bond_other_d         979  0.001  0.020  ? ? 'X-RAY DIFFRACTION' 
r_angle_refined_deg    1441 1.736  1.972  ? ? 'X-RAY DIFFRACTION' 
r_angle_other_deg      2276 0.784  3.000  ? ? 'X-RAY DIFFRACTION' 
r_dihedral_angle_1_deg 132  6.173  5.000  ? ? 'X-RAY DIFFRACTION' 
r_dihedral_angle_2_deg 60   41.862 26.000 ? ? 'X-RAY DIFFRACTION' 
r_dihedral_angle_3_deg 206  11.530 15.000 ? ? 'X-RAY DIFFRACTION' 
r_dihedral_angle_4_deg 3    9.996  15.000 ? ? 'X-RAY DIFFRACTION' 
r_chiral_restr         140  0.115  0.200  ? ? 'X-RAY DIFFRACTION' 
r_gen_planes_refined   1218 0.009  0.020  ? ? 'X-RAY DIFFRACTION' 
r_gen_planes_other     250  0.002  0.020  ? ? 'X-RAY DIFFRACTION' 
r_mcbond_it            462  1.924  1.814  ? ? 'X-RAY DIFFRACTION' 
r_mcbond_other         461  1.912  1.812  ? ? 'X-RAY DIFFRACTION' 
r_mcangle_it           583  3.077  2.722  ? ? 'X-RAY DIFFRACTION' 
# 
_refine_ls_shell.d_res_high                       1.5000 
_refine_ls_shell.d_res_low                        1.5390 
_refine_ls_shell.pdbx_total_number_of_bins_used   20 
_refine_ls_shell.percent_reflns_obs               85.0900 
_refine_ls_shell.number_reflns_R_work             1680 
_refine_ls_shell.R_factor_all                     ? 
_refine_ls_shell.R_factor_R_work                  0.3070 
_refine_ls_shell.R_factor_R_free                  0.3280 
_refine_ls_shell.percent_reflns_R_free            ? 
_refine_ls_shell.number_reflns_R_free             89 
_refine_ls_shell.R_factor_R_free_error            ? 
_refine_ls_shell.number_reflns_all                1769 
_refine_ls_shell.number_reflns_obs                ? 
_refine_ls_shell.redundancy_reflns_obs            ? 
_refine_ls_shell.pdbx_refine_id                   'X-RAY DIFFRACTION' 
# 
_struct.title                     
'Crystal structure of a DUF3836 family protein (BDI_3222) from Parabacteroides distasonis ATCC 8503 at 1.50 A resolution' 
_struct.entry_id                  4R03 
_struct.pdbx_model_type_details   ? 
_struct.pdbx_model_details        ? 
_struct.pdbx_CASP_flag            ? 
# 
_struct_keywords.text            
;PF12930 family protein, DUF3836, Structural Genomics, Joint Center for Structural Genomics, JCSG, Protein Structure Initiative, PSI-BIOLOGY, UNKNOWN FUNCTION
;
_struct_keywords.pdbx_keywords   'STRUCTURAL GENOMICS, UNKNOWN FUNCTION' 
_struct_keywords.entry_id        4R03 
# 
loop_
_struct_asym.id 
_struct_asym.pdbx_blank_PDB_chainid_flag 
_struct_asym.pdbx_modified 
_struct_asym.entity_id 
_struct_asym.details 
A N N 1 ? 
B N N 2 ? 
C N N 3 ? 
D N N 4 ? 
E N N 4 ? 
F N N 5 ? 
# 
_struct_ref.id                         1 
_struct_ref.db_name                    UNP 
_struct_ref.db_code                    A6LGW3_PARD8 
_struct_ref.pdbx_db_accession          A6LGW3 
_struct_ref.entity_id                  1 
_struct_ref.pdbx_seq_one_letter_code   
;KDYLYDTKEENGKIISKVVFLQENGLLNKQVRYEFQYNENGKVSEKKAFRWDRTNDEWVPFYQITYQYDDQSGEIKTNYG
MWDKKKKNFSLNVQNMIIPSTNYEEIFS
;
_struct_ref.pdbx_align_begin           29 
_struct_ref.pdbx_db_isoform            ? 
# 
_struct_ref_seq.align_id                      1 
_struct_ref_seq.ref_id                        1 
_struct_ref_seq.pdbx_PDB_id_code              4R03 
_struct_ref_seq.pdbx_strand_id                A 
_struct_ref_seq.seq_align_beg                 2 
_struct_ref_seq.pdbx_seq_align_beg_ins_code   ? 
_struct_ref_seq.seq_align_end                 109 
_struct_ref_seq.pdbx_seq_align_end_ins_code   ? 
_struct_ref_seq.pdbx_db_accession             A6LGW3 
_struct_ref_seq.db_align_beg                  29 
_struct_ref_seq.pdbx_db_align_beg_ins_code    ? 
_struct_ref_seq.db_align_end                  136 
_struct_ref_seq.pdbx_db_align_end_ins_code    ? 
_struct_ref_seq.pdbx_auth_seq_align_beg       29 
_struct_ref_seq.pdbx_auth_seq_align_end       136 
# 
_struct_ref_seq_dif.align_id                     1 
_struct_ref_seq_dif.pdbx_pdb_id_code             4R03 
_struct_ref_seq_dif.mon_id                       GLY 
_struct_ref_seq_dif.pdbx_pdb_strand_id           A 
_struct_ref_seq_dif.seq_num                      1 
_struct_ref_seq_dif.pdbx_pdb_ins_code            ? 
_struct_ref_seq_dif.pdbx_seq_db_name             UNP 
_struct_ref_seq_dif.pdbx_seq_db_accession_code   A6LGW3 
_struct_ref_seq_dif.db_mon_id                    ? 
_struct_ref_seq_dif.pdbx_seq_db_seq_num          ? 
_struct_ref_seq_dif.details                      'expression tag' 
_struct_ref_seq_dif.pdbx_auth_seq_num            0 
_struct_ref_seq_dif.pdbx_ordinal                 1 
# 
_pdbx_struct_assembly.id                   1 
_pdbx_struct_assembly.details              author_and_software_defined_assembly 
_pdbx_struct_assembly.method_details       PISA 
_pdbx_struct_assembly.oligomeric_details   monomeric 
_pdbx_struct_assembly.oligomeric_count     1 
# 
_pdbx_struct_assembly_gen.assembly_id       1 
_pdbx_struct_assembly_gen.oper_expression   1 
_pdbx_struct_assembly_gen.asym_id_list      A,B,C,D,E,F 
# 
_pdbx_struct_oper_list.id                   1 
_pdbx_struct_oper_list.type                 'identity operation' 
_pdbx_struct_oper_list.name                 1_555 
_pdbx_struct_oper_list.symmetry_operation   x,y,z 
_pdbx_struct_oper_list.matrix[1][1]         1.0000000000 
_pdbx_struct_oper_list.matrix[1][2]         0.0000000000 
_pdbx_struct_oper_list.matrix[1][3]         0.0000000000 
_pdbx_struct_oper_list.vector[1]            0.0000000000 
_pdbx_struct_oper_list.matrix[2][1]         0.0000000000 
_pdbx_struct_oper_list.matrix[2][2]         1.0000000000 
_pdbx_struct_oper_list.matrix[2][3]         0.0000000000 
_pdbx_struct_oper_list.vector[2]            0.0000000000 
_pdbx_struct_oper_list.matrix[3][1]         0.0000000000 
_pdbx_struct_oper_list.matrix[3][2]         0.0000000000 
_pdbx_struct_oper_list.matrix[3][3]         1.0000000000 
_pdbx_struct_oper_list.vector[3]            0.0000000000 
# 
_struct_biol.id        1 
_struct_biol.details   'CRYSTAL PACKING ANALYSIS SUGGESTS THE ASSIGNMENT OF A MONOMER AS THE SIGNIFICANT OLIGOMERIZATION STATE.' 
# 
_struct_conf.conf_type_id            HELX_P 
_struct_conf.id                      HELX_P1 
_struct_conf.pdbx_PDB_helix_id       1 
_struct_conf.beg_label_comp_id       THR 
_struct_conf.beg_label_asym_id       A 
_struct_conf.beg_label_seq_id        102 
_struct_conf.pdbx_beg_PDB_ins_code   ? 
_struct_conf.end_label_comp_id       SER 
_struct_conf.end_label_asym_id       A 
_struct_conf.end_label_seq_id        109 
_struct_conf.pdbx_end_PDB_ins_code   ? 
_struct_conf.beg_auth_comp_id        THR 
_struct_conf.beg_auth_asym_id        A 
_struct_conf.beg_auth_seq_id         129 
_struct_conf.end_auth_comp_id        SER 
_struct_conf.end_auth_asym_id        A 
_struct_conf.end_auth_seq_id         136 
_struct_conf.pdbx_PDB_helix_class    5 
_struct_conf.details                 ? 
_struct_conf.pdbx_PDB_helix_length   8 
# 
_struct_conf_type.id          HELX_P 
_struct_conf_type.criteria    ? 
_struct_conf_type.reference   ? 
# 
loop_
_struct_conn.id 
_struct_conn.conn_type_id 
_struct_conn.pdbx_leaving_atom_flag 
_struct_conn.pdbx_PDB_id 
_struct_conn.ptnr1_label_asym_id 
_struct_conn.ptnr1_label_comp_id 
_struct_conn.ptnr1_label_seq_id 
_struct_conn.ptnr1_label_atom_id 
_struct_conn.pdbx_ptnr1_label_alt_id 
_struct_conn.pdbx_ptnr1_PDB_ins_code 
_struct_conn.pdbx_ptnr1_standard_comp_id 
_struct_conn.ptnr1_symmetry 
_struct_conn.ptnr2_label_asym_id 
_struct_conn.ptnr2_label_comp_id 
_struct_conn.ptnr2_label_seq_id 
_struct_conn.ptnr2_label_atom_id 
_struct_conn.pdbx_ptnr2_label_alt_id 
_struct_conn.pdbx_ptnr2_PDB_ins_code 
_struct_conn.ptnr1_auth_asym_id 
_struct_conn.ptnr1_auth_comp_id 
_struct_conn.ptnr1_auth_seq_id 
_struct_conn.ptnr2_auth_asym_id 
_struct_conn.ptnr2_auth_comp_id 
_struct_conn.ptnr2_auth_seq_id 
_struct_conn.ptnr2_symmetry 
_struct_conn.pdbx_ptnr3_label_atom_id 
_struct_conn.pdbx_ptnr3_label_seq_id 
_struct_conn.pdbx_ptnr3_label_comp_id 
_struct_conn.pdbx_ptnr3_label_asym_id 
_struct_conn.pdbx_ptnr3_label_alt_id 
_struct_conn.pdbx_ptnr3_PDB_ins_code 
_struct_conn.details 
_struct_conn.pdbx_dist_value 
_struct_conn.pdbx_value_order 
_struct_conn.pdbx_role 
covale1 covale both ? A GLY 81 C ? ? ? 1_555 A MSE 82 N ? ? A GLY 108 A MSE 109 1_555 ? ? ? ? ? ? ? 1.335 ? ? 
covale2 covale both ? A MSE 82 C ? ? ? 1_555 A TRP 83 N ? ? A MSE 109 A TRP 110 1_555 ? ? ? ? ? ? ? 1.340 ? ? 
covale3 covale both ? A ASN 96 C ? ? ? 1_555 A MSE 97 N A ? A ASN 123 A MSE 124 1_555 ? ? ? ? ? ? ? 1.332 ? ? 
covale4 covale both ? A ASN 96 C ? ? ? 1_555 A MSE 97 N B ? A ASN 123 A MSE 124 1_555 ? ? ? ? ? ? ? 1.323 ? ? 
covale5 covale both ? A MSE 97 C A ? ? 1_555 A ILE 98 N ? ? A MSE 124 A ILE 125 1_555 ? ? ? ? ? ? ? 1.335 ? ? 
covale6 covale both ? A MSE 97 C B ? ? 1_555 A ILE 98 N ? ? A MSE 124 A ILE 125 1_555 ? ? ? ? ? ? ? 1.330 ? ? 
# 
_struct_conn_type.id          covale 
_struct_conn_type.criteria    ? 
_struct_conn_type.reference   ? 
# 
loop_
_pdbx_modification_feature.ordinal 
_pdbx_modification_feature.label_comp_id 
_pdbx_modification_feature.label_asym_id 
_pdbx_modification_feature.label_seq_id 
_pdbx_modification_feature.label_alt_id 
_pdbx_modification_feature.modified_residue_label_comp_id 
_pdbx_modification_feature.modified_residue_label_asym_id 
_pdbx_modification_feature.modified_residue_label_seq_id 
_pdbx_modification_feature.modified_residue_label_alt_id 
_pdbx_modification_feature.auth_comp_id 
_pdbx_modification_feature.auth_asym_id 
_pdbx_modification_feature.auth_seq_id 
_pdbx_modification_feature.PDB_ins_code 
_pdbx_modification_feature.symmetry 
_pdbx_modification_feature.modified_residue_auth_comp_id 
_pdbx_modification_feature.modified_residue_auth_asym_id 
_pdbx_modification_feature.modified_residue_auth_seq_id 
_pdbx_modification_feature.modified_residue_PDB_ins_code 
_pdbx_modification_feature.modified_residue_symmetry 
_pdbx_modification_feature.comp_id_linking_atom 
_pdbx_modification_feature.modified_residue_id_linking_atom 
_pdbx_modification_feature.modified_residue_id 
_pdbx_modification_feature.ref_pcm_id 
_pdbx_modification_feature.ref_comp_id 
_pdbx_modification_feature.type 
_pdbx_modification_feature.category 
1 MSE A 82 ? . . . . MSE A 109 ? 1_555 . . . . . . . MET 1 MSE Selenomethionine 'Named protein modification' 
2 MSE A 97 A . . . . MSE A 124 ? 1_555 . . . . . . . MET 1 MSE Selenomethionine 'Named protein modification' 
3 MSE A 97 B . . . . MSE A 124 ? 1_555 . . . . . . . MET 1 MSE Selenomethionine 'Named protein modification' 
# 
_struct_sheet.id               A 
_struct_sheet.type             ? 
_struct_sheet.number_strands   7 
_struct_sheet.details          ? 
# 
loop_
_struct_sheet_order.sheet_id 
_struct_sheet_order.range_id_1 
_struct_sheet_order.range_id_2 
_struct_sheet_order.offset 
_struct_sheet_order.sense 
A 1 2 ? anti-parallel 
A 2 3 ? anti-parallel 
A 3 4 ? anti-parallel 
A 4 5 ? anti-parallel 
A 5 6 ? anti-parallel 
A 6 7 ? anti-parallel 
# 
loop_
_struct_sheet_range.sheet_id 
_struct_sheet_range.id 
_struct_sheet_range.beg_label_comp_id 
_struct_sheet_range.beg_label_asym_id 
_struct_sheet_range.beg_label_seq_id 
_struct_sheet_range.pdbx_beg_PDB_ins_code 
_struct_sheet_range.end_label_comp_id 
_struct_sheet_range.end_label_asym_id 
_struct_sheet_range.end_label_seq_id 
_struct_sheet_range.pdbx_end_PDB_ins_code 
_struct_sheet_range.beg_auth_comp_id 
_struct_sheet_range.beg_auth_asym_id 
_struct_sheet_range.beg_auth_seq_id 
_struct_sheet_range.end_auth_comp_id 
_struct_sheet_range.end_auth_asym_id 
_struct_sheet_range.end_auth_seq_id 
A 1 LYS A 2  ? GLU A 11  ? LYS A 29  GLU A 38  
A 2 LYS A 14 ? GLU A 24  ? LYS A 41  GLU A 51  
A 3 LEU A 27 ? TYR A 38  ? LEU A 54  TYR A 65  
A 4 VAL A 44 ? ASP A 53  ? VAL A 71  ASP A 80  
A 5 GLU A 58 ? TYR A 69  ? GLU A 85  TYR A 96  
A 6 GLU A 75 ? ASP A 84  ? GLU A 102 ASP A 111 
A 7 ASN A 89 ? PRO A 100 ? ASN A 116 PRO A 127 
# 
loop_
_pdbx_struct_sheet_hbond.sheet_id 
_pdbx_struct_sheet_hbond.range_id_1 
_pdbx_struct_sheet_hbond.range_id_2 
_pdbx_struct_sheet_hbond.range_1_label_atom_id 
_pdbx_struct_sheet_hbond.range_1_label_comp_id 
_pdbx_struct_sheet_hbond.range_1_label_asym_id 
_pdbx_struct_sheet_hbond.range_1_label_seq_id 
_pdbx_struct_sheet_hbond.range_1_PDB_ins_code 
_pdbx_struct_sheet_hbond.range_1_auth_atom_id 
_pdbx_struct_sheet_hbond.range_1_auth_comp_id 
_pdbx_struct_sheet_hbond.range_1_auth_asym_id 
_pdbx_struct_sheet_hbond.range_1_auth_seq_id 
_pdbx_struct_sheet_hbond.range_2_label_atom_id 
_pdbx_struct_sheet_hbond.range_2_label_comp_id 
_pdbx_struct_sheet_hbond.range_2_label_asym_id 
_pdbx_struct_sheet_hbond.range_2_label_seq_id 
_pdbx_struct_sheet_hbond.range_2_PDB_ins_code 
_pdbx_struct_sheet_hbond.range_2_auth_atom_id 
_pdbx_struct_sheet_hbond.range_2_auth_comp_id 
_pdbx_struct_sheet_hbond.range_2_auth_asym_id 
_pdbx_struct_sheet_hbond.range_2_auth_seq_id 
A 1 2 N LEU A 5  ? N LEU A 32  O PHE A 21 ? O PHE A 48  
A 2 3 N VAL A 20 ? N VAL A 47  O VAL A 32 ? O VAL A 59  
A 3 4 N ARG A 33 ? N ARG A 60  O PHE A 50 ? O PHE A 77  
A 4 5 N ASP A 53 ? N ASP A 80  O GLU A 58 ? O GLU A 85  
A 5 6 N GLN A 68 ? N GLN A 95  O LYS A 77 ? O LYS A 104 
A 6 7 N MSE A 82 ? N MSE A 109 O LEU A 92 ? O LEU A 119 
# 
loop_
_struct_site.id 
_struct_site.pdbx_evidence_code 
_struct_site.pdbx_auth_asym_id 
_struct_site.pdbx_auth_comp_id 
_struct_site.pdbx_auth_seq_id 
_struct_site.pdbx_auth_ins_code 
_struct_site.pdbx_num_residues 
_struct_site.details 
AC1 Software A MPD 201 ? 6  'BINDING SITE FOR RESIDUE MPD A 201' 
AC2 Software A CIT 202 ? 11 'BINDING SITE FOR RESIDUE CIT A 202' 
AC3 Software A PO4 203 ? 7  'BINDING SITE FOR RESIDUE PO4 A 203' 
AC4 Software A PO4 204 ? 3  'BINDING SITE FOR RESIDUE PO4 A 204' 
# 
loop_
_struct_site_gen.id 
_struct_site_gen.site_id 
_struct_site_gen.pdbx_num_res 
_struct_site_gen.label_comp_id 
_struct_site_gen.label_asym_id 
_struct_site_gen.label_seq_id 
_struct_site_gen.pdbx_auth_ins_code 
_struct_site_gen.auth_comp_id 
_struct_site_gen.auth_asym_id 
_struct_site_gen.auth_seq_id 
_struct_site_gen.label_atom_id 
_struct_site_gen.label_alt_id 
_struct_site_gen.symmetry 
_struct_site_gen.details 
1  AC1 6  ASN A 29  ? ASN A 56  . ? 1_555 ? 
2  AC1 6  ARG A 54  ? ARG A 81  . ? 1_555 ? 
3  AC1 6  GLU A 106 ? GLU A 133 . ? 7_555 ? 
4  AC1 6  HOH F .   ? HOH A 315 . ? 1_555 ? 
5  AC1 6  HOH F .   ? HOH A 341 . ? 1_555 ? 
6  AC1 6  HOH F .   ? HOH A 411 . ? 7_555 ? 
7  AC2 11 ASN A 29  ? ASN A 56  . ? 1_555 ? 
8  AC2 11 LYS A 30  ? LYS A 57  . ? 1_555 ? 
9  AC2 11 TRP A 52  ? TRP A 79  . ? 1_555 ? 
10 AC2 11 ARG A 54  ? ARG A 81  . ? 1_555 ? 
11 AC2 11 ASP A 57  ? ASP A 84  . ? 1_555 ? 
12 AC2 11 LYS A 85  ? LYS A 112 . ? 8_565 ? 
13 AC2 11 LYS A 86  ? LYS A 113 . ? 8_565 ? 
14 AC2 11 HOH F .   ? HOH A 308 . ? 1_555 ? 
15 AC2 11 HOH F .   ? HOH A 409 . ? 8_565 ? 
16 AC2 11 HOH F .   ? HOH A 486 . ? 1_555 ? 
17 AC2 11 HOH F .   ? HOH A 487 . ? 1_555 ? 
18 AC3 7  VAL A 19  ? VAL A 46  . ? 1_555 ? 
19 AC3 7  LYS A 30  ? LYS A 57  . ? 1_555 ? 
20 AC3 7  ARG A 33  ? ARG A 60  . ? 1_555 ? 
21 AC3 7  TRP A 59  ? TRP A 86  . ? 1_555 ? 
22 AC3 7  HOH F .   ? HOH A 380 . ? 1_555 ? 
23 AC3 7  HOH F .   ? HOH A 464 . ? 1_555 ? 
24 AC3 7  HOH F .   ? HOH A 469 . ? 1_555 ? 
25 AC4 3  GLU A 11  ? GLU A 38  . ? 7_455 ? 
26 AC4 3  HOH F .   ? HOH A 470 . ? 1_555 ? 
27 AC4 3  HOH F .   ? HOH A 471 . ? 1_555 ? 
# 
_pdbx_entry_details.entry_id                   4R03 
_pdbx_entry_details.compound_details           ? 
_pdbx_entry_details.source_details             ? 
_pdbx_entry_details.nonpolymer_details         ? 
_pdbx_entry_details.sequence_details           
;THIS CONSTRUCT WAS EXPRESSED WITH AN N-TERMINAL PURIFICATION TAG MGSDKIHHHHHHENLYFQG. THE TAG WAS REMOVED WITH TEV PROTEASE LEAVING ONLY A GLYCINE (0) FOLLOWED BY RESIDUES 29-136 OF THE TARGET SEQUENCE.
;
_pdbx_entry_details.has_ligand_of_interest     ? 
_pdbx_entry_details.has_protein_modification   Y 
# 
_pdbx_validate_rmsd_angle.id                         1 
_pdbx_validate_rmsd_angle.PDB_model_num              1 
_pdbx_validate_rmsd_angle.auth_atom_id_1             NE 
_pdbx_validate_rmsd_angle.auth_asym_id_1             A 
_pdbx_validate_rmsd_angle.auth_comp_id_1             ARG 
_pdbx_validate_rmsd_angle.auth_seq_id_1              60 
_pdbx_validate_rmsd_angle.PDB_ins_code_1             ? 
_pdbx_validate_rmsd_angle.label_alt_id_1             ? 
_pdbx_validate_rmsd_angle.auth_atom_id_2             CZ 
_pdbx_validate_rmsd_angle.auth_asym_id_2             A 
_pdbx_validate_rmsd_angle.auth_comp_id_2             ARG 
_pdbx_validate_rmsd_angle.auth_seq_id_2              60 
_pdbx_validate_rmsd_angle.PDB_ins_code_2             ? 
_pdbx_validate_rmsd_angle.label_alt_id_2             ? 
_pdbx_validate_rmsd_angle.auth_atom_id_3             NH2 
_pdbx_validate_rmsd_angle.auth_asym_id_3             A 
_pdbx_validate_rmsd_angle.auth_comp_id_3             ARG 
_pdbx_validate_rmsd_angle.auth_seq_id_3              60 
_pdbx_validate_rmsd_angle.PDB_ins_code_3             ? 
_pdbx_validate_rmsd_angle.label_alt_id_3             ? 
_pdbx_validate_rmsd_angle.angle_value                117.27 
_pdbx_validate_rmsd_angle.angle_target_value         120.30 
_pdbx_validate_rmsd_angle.angle_deviation            -3.03 
_pdbx_validate_rmsd_angle.angle_standard_deviation   0.50 
_pdbx_validate_rmsd_angle.linker_flag                N 
# 
loop_
_pdbx_validate_torsion.id 
_pdbx_validate_torsion.PDB_model_num 
_pdbx_validate_torsion.auth_comp_id 
_pdbx_validate_torsion.auth_asym_id 
_pdbx_validate_torsion.auth_seq_id 
_pdbx_validate_torsion.PDB_ins_code 
_pdbx_validate_torsion.label_alt_id 
_pdbx_validate_torsion.phi 
_pdbx_validate_torsion.psi 
1 1 ASN A 39  ? ? 49.62   -126.10 
2 1 PHE A 89  ? ? -122.00 -53.26  
3 1 PHE A 117 ? ? -101.97 50.32   
# 
_pdbx_SG_project.project_name          PSI:Biology 
_pdbx_SG_project.full_name_of_center   'Joint Center for Structural Genomics' 
_pdbx_SG_project.id                    1 
_pdbx_SG_project.initial_of_center     JCSG 
# 
loop_
_pdbx_struct_mod_residue.id 
_pdbx_struct_mod_residue.label_asym_id 
_pdbx_struct_mod_residue.label_comp_id 
_pdbx_struct_mod_residue.label_seq_id 
_pdbx_struct_mod_residue.auth_asym_id 
_pdbx_struct_mod_residue.auth_comp_id 
_pdbx_struct_mod_residue.auth_seq_id 
_pdbx_struct_mod_residue.PDB_ins_code 
_pdbx_struct_mod_residue.parent_comp_id 
_pdbx_struct_mod_residue.details 
1 A MSE 82 A MSE 109 ? MET SELENOMETHIONINE 
2 A MSE 97 A MSE 124 ? MET SELENOMETHIONINE 
# 
loop_
_pdbx_struct_special_symmetry.id 
_pdbx_struct_special_symmetry.PDB_model_num 
_pdbx_struct_special_symmetry.auth_asym_id 
_pdbx_struct_special_symmetry.auth_comp_id 
_pdbx_struct_special_symmetry.auth_seq_id 
_pdbx_struct_special_symmetry.PDB_ins_code 
_pdbx_struct_special_symmetry.label_asym_id 
_pdbx_struct_special_symmetry.label_comp_id 
_pdbx_struct_special_symmetry.label_seq_id 
1 1 A HOH 301 ? F HOH . 
2 1 A HOH 397 ? F HOH . 
3 1 A HOH 482 ? F HOH . 
# 
_phasing.method   MAD 
# 
loop_
_chem_comp_atom.comp_id 
_chem_comp_atom.atom_id 
_chem_comp_atom.type_symbol 
_chem_comp_atom.pdbx_aromatic_flag 
_chem_comp_atom.pdbx_stereo_config 
_chem_comp_atom.pdbx_ordinal 
ALA N    N  N N 1   
ALA CA   C  N S 2   
ALA C    C  N N 3   
ALA O    O  N N 4   
ALA CB   C  N N 5   
ALA OXT  O  N N 6   
ALA H    H  N N 7   
ALA H2   H  N N 8   
ALA HA   H  N N 9   
ALA HB1  H  N N 10  
ALA HB2  H  N N 11  
ALA HB3  H  N N 12  
ALA HXT  H  N N 13  
ARG N    N  N N 14  
ARG CA   C  N S 15  
ARG C    C  N N 16  
ARG O    O  N N 17  
ARG CB   C  N N 18  
ARG CG   C  N N 19  
ARG CD   C  N N 20  
ARG NE   N  N N 21  
ARG CZ   C  N N 22  
ARG NH1  N  N N 23  
ARG NH2  N  N N 24  
ARG OXT  O  N N 25  
ARG H    H  N N 26  
ARG H2   H  N N 27  
ARG HA   H  N N 28  
ARG HB2  H  N N 29  
ARG HB3  H  N N 30  
ARG HG2  H  N N 31  
ARG HG3  H  N N 32  
ARG HD2  H  N N 33  
ARG HD3  H  N N 34  
ARG HE   H  N N 35  
ARG HH11 H  N N 36  
ARG HH12 H  N N 37  
ARG HH21 H  N N 38  
ARG HH22 H  N N 39  
ARG HXT  H  N N 40  
ASN N    N  N N 41  
ASN CA   C  N S 42  
ASN C    C  N N 43  
ASN O    O  N N 44  
ASN CB   C  N N 45  
ASN CG   C  N N 46  
ASN OD1  O  N N 47  
ASN ND2  N  N N 48  
ASN OXT  O  N N 49  
ASN H    H  N N 50  
ASN H2   H  N N 51  
ASN HA   H  N N 52  
ASN HB2  H  N N 53  
ASN HB3  H  N N 54  
ASN HD21 H  N N 55  
ASN HD22 H  N N 56  
ASN HXT  H  N N 57  
ASP N    N  N N 58  
ASP CA   C  N S 59  
ASP C    C  N N 60  
ASP O    O  N N 61  
ASP CB   C  N N 62  
ASP CG   C  N N 63  
ASP OD1  O  N N 64  
ASP OD2  O  N N 65  
ASP OXT  O  N N 66  
ASP H    H  N N 67  
ASP H2   H  N N 68  
ASP HA   H  N N 69  
ASP HB2  H  N N 70  
ASP HB3  H  N N 71  
ASP HD2  H  N N 72  
ASP HXT  H  N N 73  
CIT C1   C  N N 74  
CIT O1   O  N N 75  
CIT O2   O  N N 76  
CIT C2   C  N N 77  
CIT C3   C  N N 78  
CIT O7   O  N N 79  
CIT C4   C  N N 80  
CIT C5   C  N N 81  
CIT O3   O  N N 82  
CIT O4   O  N N 83  
CIT C6   C  N N 84  
CIT O5   O  N N 85  
CIT O6   O  N N 86  
CIT HO2  H  N N 87  
CIT H21  H  N N 88  
CIT H22  H  N N 89  
CIT HO7  H  N N 90  
CIT H41  H  N N 91  
CIT H42  H  N N 92  
CIT HO4  H  N N 93  
CIT HO6  H  N N 94  
GLN N    N  N N 95  
GLN CA   C  N S 96  
GLN C    C  N N 97  
GLN O    O  N N 98  
GLN CB   C  N N 99  
GLN CG   C  N N 100 
GLN CD   C  N N 101 
GLN OE1  O  N N 102 
GLN NE2  N  N N 103 
GLN OXT  O  N N 104 
GLN H    H  N N 105 
GLN H2   H  N N 106 
GLN HA   H  N N 107 
GLN HB2  H  N N 108 
GLN HB3  H  N N 109 
GLN HG2  H  N N 110 
GLN HG3  H  N N 111 
GLN HE21 H  N N 112 
GLN HE22 H  N N 113 
GLN HXT  H  N N 114 
GLU N    N  N N 115 
GLU CA   C  N S 116 
GLU C    C  N N 117 
GLU O    O  N N 118 
GLU CB   C  N N 119 
GLU CG   C  N N 120 
GLU CD   C  N N 121 
GLU OE1  O  N N 122 
GLU OE2  O  N N 123 
GLU OXT  O  N N 124 
GLU H    H  N N 125 
GLU H2   H  N N 126 
GLU HA   H  N N 127 
GLU HB2  H  N N 128 
GLU HB3  H  N N 129 
GLU HG2  H  N N 130 
GLU HG3  H  N N 131 
GLU HE2  H  N N 132 
GLU HXT  H  N N 133 
GLY N    N  N N 134 
GLY CA   C  N N 135 
GLY C    C  N N 136 
GLY O    O  N N 137 
GLY OXT  O  N N 138 
GLY H    H  N N 139 
GLY H2   H  N N 140 
GLY HA2  H  N N 141 
GLY HA3  H  N N 142 
GLY HXT  H  N N 143 
HOH O    O  N N 144 
HOH H1   H  N N 145 
HOH H2   H  N N 146 
ILE N    N  N N 147 
ILE CA   C  N S 148 
ILE C    C  N N 149 
ILE O    O  N N 150 
ILE CB   C  N S 151 
ILE CG1  C  N N 152 
ILE CG2  C  N N 153 
ILE CD1  C  N N 154 
ILE OXT  O  N N 155 
ILE H    H  N N 156 
ILE H2   H  N N 157 
ILE HA   H  N N 158 
ILE HB   H  N N 159 
ILE HG12 H  N N 160 
ILE HG13 H  N N 161 
ILE HG21 H  N N 162 
ILE HG22 H  N N 163 
ILE HG23 H  N N 164 
ILE HD11 H  N N 165 
ILE HD12 H  N N 166 
ILE HD13 H  N N 167 
ILE HXT  H  N N 168 
LEU N    N  N N 169 
LEU CA   C  N S 170 
LEU C    C  N N 171 
LEU O    O  N N 172 
LEU CB   C  N N 173 
LEU CG   C  N N 174 
LEU CD1  C  N N 175 
LEU CD2  C  N N 176 
LEU OXT  O  N N 177 
LEU H    H  N N 178 
LEU H2   H  N N 179 
LEU HA   H  N N 180 
LEU HB2  H  N N 181 
LEU HB3  H  N N 182 
LEU HG   H  N N 183 
LEU HD11 H  N N 184 
LEU HD12 H  N N 185 
LEU HD13 H  N N 186 
LEU HD21 H  N N 187 
LEU HD22 H  N N 188 
LEU HD23 H  N N 189 
LEU HXT  H  N N 190 
LYS N    N  N N 191 
LYS CA   C  N S 192 
LYS C    C  N N 193 
LYS O    O  N N 194 
LYS CB   C  N N 195 
LYS CG   C  N N 196 
LYS CD   C  N N 197 
LYS CE   C  N N 198 
LYS NZ   N  N N 199 
LYS OXT  O  N N 200 
LYS H    H  N N 201 
LYS H2   H  N N 202 
LYS HA   H  N N 203 
LYS HB2  H  N N 204 
LYS HB3  H  N N 205 
LYS HG2  H  N N 206 
LYS HG3  H  N N 207 
LYS HD2  H  N N 208 
LYS HD3  H  N N 209 
LYS HE2  H  N N 210 
LYS HE3  H  N N 211 
LYS HZ1  H  N N 212 
LYS HZ2  H  N N 213 
LYS HZ3  H  N N 214 
LYS HXT  H  N N 215 
MPD C1   C  N N 216 
MPD C2   C  N N 217 
MPD O2   O  N N 218 
MPD CM   C  N N 219 
MPD C3   C  N N 220 
MPD C4   C  N S 221 
MPD O4   O  N N 222 
MPD C5   C  N N 223 
MPD H11  H  N N 224 
MPD H12  H  N N 225 
MPD H13  H  N N 226 
MPD HO2  H  N N 227 
MPD HM1  H  N N 228 
MPD HM2  H  N N 229 
MPD HM3  H  N N 230 
MPD H31  H  N N 231 
MPD H32  H  N N 232 
MPD H4   H  N N 233 
MPD HO4  H  N N 234 
MPD H51  H  N N 235 
MPD H52  H  N N 236 
MPD H53  H  N N 237 
MSE N    N  N N 238 
MSE CA   C  N S 239 
MSE C    C  N N 240 
MSE O    O  N N 241 
MSE OXT  O  N N 242 
MSE CB   C  N N 243 
MSE CG   C  N N 244 
MSE SE   SE N N 245 
MSE CE   C  N N 246 
MSE H    H  N N 247 
MSE H2   H  N N 248 
MSE HA   H  N N 249 
MSE HXT  H  N N 250 
MSE HB2  H  N N 251 
MSE HB3  H  N N 252 
MSE HG2  H  N N 253 
MSE HG3  H  N N 254 
MSE HE1  H  N N 255 
MSE HE2  H  N N 256 
MSE HE3  H  N N 257 
PHE N    N  N N 258 
PHE CA   C  N S 259 
PHE C    C  N N 260 
PHE O    O  N N 261 
PHE CB   C  N N 262 
PHE CG   C  Y N 263 
PHE CD1  C  Y N 264 
PHE CD2  C  Y N 265 
PHE CE1  C  Y N 266 
PHE CE2  C  Y N 267 
PHE CZ   C  Y N 268 
PHE OXT  O  N N 269 
PHE H    H  N N 270 
PHE H2   H  N N 271 
PHE HA   H  N N 272 
PHE HB2  H  N N 273 
PHE HB3  H  N N 274 
PHE HD1  H  N N 275 
PHE HD2  H  N N 276 
PHE HE1  H  N N 277 
PHE HE2  H  N N 278 
PHE HZ   H  N N 279 
PHE HXT  H  N N 280 
PO4 P    P  N N 281 
PO4 O1   O  N N 282 
PO4 O2   O  N N 283 
PO4 O3   O  N N 284 
PO4 O4   O  N N 285 
PRO N    N  N N 286 
PRO CA   C  N S 287 
PRO C    C  N N 288 
PRO O    O  N N 289 
PRO CB   C  N N 290 
PRO CG   C  N N 291 
PRO CD   C  N N 292 
PRO OXT  O  N N 293 
PRO H    H  N N 294 
PRO HA   H  N N 295 
PRO HB2  H  N N 296 
PRO HB3  H  N N 297 
PRO HG2  H  N N 298 
PRO HG3  H  N N 299 
PRO HD2  H  N N 300 
PRO HD3  H  N N 301 
PRO HXT  H  N N 302 
SER N    N  N N 303 
SER CA   C  N S 304 
SER C    C  N N 305 
SER O    O  N N 306 
SER CB   C  N N 307 
SER OG   O  N N 308 
SER OXT  O  N N 309 
SER H    H  N N 310 
SER H2   H  N N 311 
SER HA   H  N N 312 
SER HB2  H  N N 313 
SER HB3  H  N N 314 
SER HG   H  N N 315 
SER HXT  H  N N 316 
THR N    N  N N 317 
THR CA   C  N S 318 
THR C    C  N N 319 
THR O    O  N N 320 
THR CB   C  N R 321 
THR OG1  O  N N 322 
THR CG2  C  N N 323 
THR OXT  O  N N 324 
THR H    H  N N 325 
THR H2   H  N N 326 
THR HA   H  N N 327 
THR HB   H  N N 328 
THR HG1  H  N N 329 
THR HG21 H  N N 330 
THR HG22 H  N N 331 
THR HG23 H  N N 332 
THR HXT  H  N N 333 
TRP N    N  N N 334 
TRP CA   C  N S 335 
TRP C    C  N N 336 
TRP O    O  N N 337 
TRP CB   C  N N 338 
TRP CG   C  Y N 339 
TRP CD1  C  Y N 340 
TRP CD2  C  Y N 341 
TRP NE1  N  Y N 342 
TRP CE2  C  Y N 343 
TRP CE3  C  Y N 344 
TRP CZ2  C  Y N 345 
TRP CZ3  C  Y N 346 
TRP CH2  C  Y N 347 
TRP OXT  O  N N 348 
TRP H    H  N N 349 
TRP H2   H  N N 350 
TRP HA   H  N N 351 
TRP HB2  H  N N 352 
TRP HB3  H  N N 353 
TRP HD1  H  N N 354 
TRP HE1  H  N N 355 
TRP HE3  H  N N 356 
TRP HZ2  H  N N 357 
TRP HZ3  H  N N 358 
TRP HH2  H  N N 359 
TRP HXT  H  N N 360 
TYR N    N  N N 361 
TYR CA   C  N S 362 
TYR C    C  N N 363 
TYR O    O  N N 364 
TYR CB   C  N N 365 
TYR CG   C  Y N 366 
TYR CD1  C  Y N 367 
TYR CD2  C  Y N 368 
TYR CE1  C  Y N 369 
TYR CE2  C  Y N 370 
TYR CZ   C  Y N 371 
TYR OH   O  N N 372 
TYR OXT  O  N N 373 
TYR H    H  N N 374 
TYR H2   H  N N 375 
TYR HA   H  N N 376 
TYR HB2  H  N N 377 
TYR HB3  H  N N 378 
TYR HD1  H  N N 379 
TYR HD2  H  N N 380 
TYR HE1  H  N N 381 
TYR HE2  H  N N 382 
TYR HH   H  N N 383 
TYR HXT  H  N N 384 
VAL N    N  N N 385 
VAL CA   C  N S 386 
VAL C    C  N N 387 
VAL O    O  N N 388 
VAL CB   C  N N 389 
VAL CG1  C  N N 390 
VAL CG2  C  N N 391 
VAL OXT  O  N N 392 
VAL H    H  N N 393 
VAL H2   H  N N 394 
VAL HA   H  N N 395 
VAL HB   H  N N 396 
VAL HG11 H  N N 397 
VAL HG12 H  N N 398 
VAL HG13 H  N N 399 
VAL HG21 H  N N 400 
VAL HG22 H  N N 401 
VAL HG23 H  N N 402 
VAL HXT  H  N N 403 
# 
loop_
_chem_comp_bond.comp_id 
_chem_comp_bond.atom_id_1 
_chem_comp_bond.atom_id_2 
_chem_comp_bond.value_order 
_chem_comp_bond.pdbx_aromatic_flag 
_chem_comp_bond.pdbx_stereo_config 
_chem_comp_bond.pdbx_ordinal 
ALA N   CA   sing N N 1   
ALA N   H    sing N N 2   
ALA N   H2   sing N N 3   
ALA CA  C    sing N N 4   
ALA CA  CB   sing N N 5   
ALA CA  HA   sing N N 6   
ALA C   O    doub N N 7   
ALA C   OXT  sing N N 8   
ALA CB  HB1  sing N N 9   
ALA CB  HB2  sing N N 10  
ALA CB  HB3  sing N N 11  
ALA OXT HXT  sing N N 12  
ARG N   CA   sing N N 13  
ARG N   H    sing N N 14  
ARG N   H2   sing N N 15  
ARG CA  C    sing N N 16  
ARG CA  CB   sing N N 17  
ARG CA  HA   sing N N 18  
ARG C   O    doub N N 19  
ARG C   OXT  sing N N 20  
ARG CB  CG   sing N N 21  
ARG CB  HB2  sing N N 22  
ARG CB  HB3  sing N N 23  
ARG CG  CD   sing N N 24  
ARG CG  HG2  sing N N 25  
ARG CG  HG3  sing N N 26  
ARG CD  NE   sing N N 27  
ARG CD  HD2  sing N N 28  
ARG CD  HD3  sing N N 29  
ARG NE  CZ   sing N N 30  
ARG NE  HE   sing N N 31  
ARG CZ  NH1  sing N N 32  
ARG CZ  NH2  doub N N 33  
ARG NH1 HH11 sing N N 34  
ARG NH1 HH12 sing N N 35  
ARG NH2 HH21 sing N N 36  
ARG NH2 HH22 sing N N 37  
ARG OXT HXT  sing N N 38  
ASN N   CA   sing N N 39  
ASN N   H    sing N N 40  
ASN N   H2   sing N N 41  
ASN CA  C    sing N N 42  
ASN CA  CB   sing N N 43  
ASN CA  HA   sing N N 44  
ASN C   O    doub N N 45  
ASN C   OXT  sing N N 46  
ASN CB  CG   sing N N 47  
ASN CB  HB2  sing N N 48  
ASN CB  HB3  sing N N 49  
ASN CG  OD1  doub N N 50  
ASN CG  ND2  sing N N 51  
ASN ND2 HD21 sing N N 52  
ASN ND2 HD22 sing N N 53  
ASN OXT HXT  sing N N 54  
ASP N   CA   sing N N 55  
ASP N   H    sing N N 56  
ASP N   H2   sing N N 57  
ASP CA  C    sing N N 58  
ASP CA  CB   sing N N 59  
ASP CA  HA   sing N N 60  
ASP C   O    doub N N 61  
ASP C   OXT  sing N N 62  
ASP CB  CG   sing N N 63  
ASP CB  HB2  sing N N 64  
ASP CB  HB3  sing N N 65  
ASP CG  OD1  doub N N 66  
ASP CG  OD2  sing N N 67  
ASP OD2 HD2  sing N N 68  
ASP OXT HXT  sing N N 69  
CIT C1  O1   doub N N 70  
CIT C1  O2   sing N N 71  
CIT C1  C2   sing N N 72  
CIT O2  HO2  sing N N 73  
CIT C2  C3   sing N N 74  
CIT C2  H21  sing N N 75  
CIT C2  H22  sing N N 76  
CIT C3  O7   sing N N 77  
CIT C3  C4   sing N N 78  
CIT C3  C6   sing N N 79  
CIT O7  HO7  sing N N 80  
CIT C4  C5   sing N N 81  
CIT C4  H41  sing N N 82  
CIT C4  H42  sing N N 83  
CIT C5  O3   doub N N 84  
CIT C5  O4   sing N N 85  
CIT O4  HO4  sing N N 86  
CIT C6  O5   doub N N 87  
CIT C6  O6   sing N N 88  
CIT O6  HO6  sing N N 89  
GLN N   CA   sing N N 90  
GLN N   H    sing N N 91  
GLN N   H2   sing N N 92  
GLN CA  C    sing N N 93  
GLN CA  CB   sing N N 94  
GLN CA  HA   sing N N 95  
GLN C   O    doub N N 96  
GLN C   OXT  sing N N 97  
GLN CB  CG   sing N N 98  
GLN CB  HB2  sing N N 99  
GLN CB  HB3  sing N N 100 
GLN CG  CD   sing N N 101 
GLN CG  HG2  sing N N 102 
GLN CG  HG3  sing N N 103 
GLN CD  OE1  doub N N 104 
GLN CD  NE2  sing N N 105 
GLN NE2 HE21 sing N N 106 
GLN NE2 HE22 sing N N 107 
GLN OXT HXT  sing N N 108 
GLU N   CA   sing N N 109 
GLU N   H    sing N N 110 
GLU N   H2   sing N N 111 
GLU CA  C    sing N N 112 
GLU CA  CB   sing N N 113 
GLU CA  HA   sing N N 114 
GLU C   O    doub N N 115 
GLU C   OXT  sing N N 116 
GLU CB  CG   sing N N 117 
GLU CB  HB2  sing N N 118 
GLU CB  HB3  sing N N 119 
GLU CG  CD   sing N N 120 
GLU CG  HG2  sing N N 121 
GLU CG  HG3  sing N N 122 
GLU CD  OE1  doub N N 123 
GLU CD  OE2  sing N N 124 
GLU OE2 HE2  sing N N 125 
GLU OXT HXT  sing N N 126 
GLY N   CA   sing N N 127 
GLY N   H    sing N N 128 
GLY N   H2   sing N N 129 
GLY CA  C    sing N N 130 
GLY CA  HA2  sing N N 131 
GLY CA  HA3  sing N N 132 
GLY C   O    doub N N 133 
GLY C   OXT  sing N N 134 
GLY OXT HXT  sing N N 135 
HOH O   H1   sing N N 136 
HOH O   H2   sing N N 137 
ILE N   CA   sing N N 138 
ILE N   H    sing N N 139 
ILE N   H2   sing N N 140 
ILE CA  C    sing N N 141 
ILE CA  CB   sing N N 142 
ILE CA  HA   sing N N 143 
ILE C   O    doub N N 144 
ILE C   OXT  sing N N 145 
ILE CB  CG1  sing N N 146 
ILE CB  CG2  sing N N 147 
ILE CB  HB   sing N N 148 
ILE CG1 CD1  sing N N 149 
ILE CG1 HG12 sing N N 150 
ILE CG1 HG13 sing N N 151 
ILE CG2 HG21 sing N N 152 
ILE CG2 HG22 sing N N 153 
ILE CG2 HG23 sing N N 154 
ILE CD1 HD11 sing N N 155 
ILE CD1 HD12 sing N N 156 
ILE CD1 HD13 sing N N 157 
ILE OXT HXT  sing N N 158 
LEU N   CA   sing N N 159 
LEU N   H    sing N N 160 
LEU N   H2   sing N N 161 
LEU CA  C    sing N N 162 
LEU CA  CB   sing N N 163 
LEU CA  HA   sing N N 164 
LEU C   O    doub N N 165 
LEU C   OXT  sing N N 166 
LEU CB  CG   sing N N 167 
LEU CB  HB2  sing N N 168 
LEU CB  HB3  sing N N 169 
LEU CG  CD1  sing N N 170 
LEU CG  CD2  sing N N 171 
LEU CG  HG   sing N N 172 
LEU CD1 HD11 sing N N 173 
LEU CD1 HD12 sing N N 174 
LEU CD1 HD13 sing N N 175 
LEU CD2 HD21 sing N N 176 
LEU CD2 HD22 sing N N 177 
LEU CD2 HD23 sing N N 178 
LEU OXT HXT  sing N N 179 
LYS N   CA   sing N N 180 
LYS N   H    sing N N 181 
LYS N   H2   sing N N 182 
LYS CA  C    sing N N 183 
LYS CA  CB   sing N N 184 
LYS CA  HA   sing N N 185 
LYS C   O    doub N N 186 
LYS C   OXT  sing N N 187 
LYS CB  CG   sing N N 188 
LYS CB  HB2  sing N N 189 
LYS CB  HB3  sing N N 190 
LYS CG  CD   sing N N 191 
LYS CG  HG2  sing N N 192 
LYS CG  HG3  sing N N 193 
LYS CD  CE   sing N N 194 
LYS CD  HD2  sing N N 195 
LYS CD  HD3  sing N N 196 
LYS CE  NZ   sing N N 197 
LYS CE  HE2  sing N N 198 
LYS CE  HE3  sing N N 199 
LYS NZ  HZ1  sing N N 200 
LYS NZ  HZ2  sing N N 201 
LYS NZ  HZ3  sing N N 202 
LYS OXT HXT  sing N N 203 
MPD C1  C2   sing N N 204 
MPD C1  H11  sing N N 205 
MPD C1  H12  sing N N 206 
MPD C1  H13  sing N N 207 
MPD C2  O2   sing N N 208 
MPD C2  CM   sing N N 209 
MPD C2  C3   sing N N 210 
MPD O2  HO2  sing N N 211 
MPD CM  HM1  sing N N 212 
MPD CM  HM2  sing N N 213 
MPD CM  HM3  sing N N 214 
MPD C3  C4   sing N N 215 
MPD C3  H31  sing N N 216 
MPD C3  H32  sing N N 217 
MPD C4  O4   sing N N 218 
MPD C4  C5   sing N N 219 
MPD C4  H4   sing N N 220 
MPD O4  HO4  sing N N 221 
MPD C5  H51  sing N N 222 
MPD C5  H52  sing N N 223 
MPD C5  H53  sing N N 224 
MSE N   CA   sing N N 225 
MSE N   H    sing N N 226 
MSE N   H2   sing N N 227 
MSE CA  C    sing N N 228 
MSE CA  CB   sing N N 229 
MSE CA  HA   sing N N 230 
MSE C   O    doub N N 231 
MSE C   OXT  sing N N 232 
MSE OXT HXT  sing N N 233 
MSE CB  CG   sing N N 234 
MSE CB  HB2  sing N N 235 
MSE CB  HB3  sing N N 236 
MSE CG  SE   sing N N 237 
MSE CG  HG2  sing N N 238 
MSE CG  HG3  sing N N 239 
MSE SE  CE   sing N N 240 
MSE CE  HE1  sing N N 241 
MSE CE  HE2  sing N N 242 
MSE CE  HE3  sing N N 243 
PHE N   CA   sing N N 244 
PHE N   H    sing N N 245 
PHE N   H2   sing N N 246 
PHE CA  C    sing N N 247 
PHE CA  CB   sing N N 248 
PHE CA  HA   sing N N 249 
PHE C   O    doub N N 250 
PHE C   OXT  sing N N 251 
PHE CB  CG   sing N N 252 
PHE CB  HB2  sing N N 253 
PHE CB  HB3  sing N N 254 
PHE CG  CD1  doub Y N 255 
PHE CG  CD2  sing Y N 256 
PHE CD1 CE1  sing Y N 257 
PHE CD1 HD1  sing N N 258 
PHE CD2 CE2  doub Y N 259 
PHE CD2 HD2  sing N N 260 
PHE CE1 CZ   doub Y N 261 
PHE CE1 HE1  sing N N 262 
PHE CE2 CZ   sing Y N 263 
PHE CE2 HE2  sing N N 264 
PHE CZ  HZ   sing N N 265 
PHE OXT HXT  sing N N 266 
PO4 P   O1   doub N N 267 
PO4 P   O2   sing N N 268 
PO4 P   O3   sing N N 269 
PO4 P   O4   sing N N 270 
PRO N   CA   sing N N 271 
PRO N   CD   sing N N 272 
PRO N   H    sing N N 273 
PRO CA  C    sing N N 274 
PRO CA  CB   sing N N 275 
PRO CA  HA   sing N N 276 
PRO C   O    doub N N 277 
PRO C   OXT  sing N N 278 
PRO CB  CG   sing N N 279 
PRO CB  HB2  sing N N 280 
PRO CB  HB3  sing N N 281 
PRO CG  CD   sing N N 282 
PRO CG  HG2  sing N N 283 
PRO CG  HG3  sing N N 284 
PRO CD  HD2  sing N N 285 
PRO CD  HD3  sing N N 286 
PRO OXT HXT  sing N N 287 
SER N   CA   sing N N 288 
SER N   H    sing N N 289 
SER N   H2   sing N N 290 
SER CA  C    sing N N 291 
SER CA  CB   sing N N 292 
SER CA  HA   sing N N 293 
SER C   O    doub N N 294 
SER C   OXT  sing N N 295 
SER CB  OG   sing N N 296 
SER CB  HB2  sing N N 297 
SER CB  HB3  sing N N 298 
SER OG  HG   sing N N 299 
SER OXT HXT  sing N N 300 
THR N   CA   sing N N 301 
THR N   H    sing N N 302 
THR N   H2   sing N N 303 
THR CA  C    sing N N 304 
THR CA  CB   sing N N 305 
THR CA  HA   sing N N 306 
THR C   O    doub N N 307 
THR C   OXT  sing N N 308 
THR CB  OG1  sing N N 309 
THR CB  CG2  sing N N 310 
THR CB  HB   sing N N 311 
THR OG1 HG1  sing N N 312 
THR CG2 HG21 sing N N 313 
THR CG2 HG22 sing N N 314 
THR CG2 HG23 sing N N 315 
THR OXT HXT  sing N N 316 
TRP N   CA   sing N N 317 
TRP N   H    sing N N 318 
TRP N   H2   sing N N 319 
TRP CA  C    sing N N 320 
TRP CA  CB   sing N N 321 
TRP CA  HA   sing N N 322 
TRP C   O    doub N N 323 
TRP C   OXT  sing N N 324 
TRP CB  CG   sing N N 325 
TRP CB  HB2  sing N N 326 
TRP CB  HB3  sing N N 327 
TRP CG  CD1  doub Y N 328 
TRP CG  CD2  sing Y N 329 
TRP CD1 NE1  sing Y N 330 
TRP CD1 HD1  sing N N 331 
TRP CD2 CE2  doub Y N 332 
TRP CD2 CE3  sing Y N 333 
TRP NE1 CE2  sing Y N 334 
TRP NE1 HE1  sing N N 335 
TRP CE2 CZ2  sing Y N 336 
TRP CE3 CZ3  doub Y N 337 
TRP CE3 HE3  sing N N 338 
TRP CZ2 CH2  doub Y N 339 
TRP CZ2 HZ2  sing N N 340 
TRP CZ3 CH2  sing Y N 341 
TRP CZ3 HZ3  sing N N 342 
TRP CH2 HH2  sing N N 343 
TRP OXT HXT  sing N N 344 
TYR N   CA   sing N N 345 
TYR N   H    sing N N 346 
TYR N   H2   sing N N 347 
TYR CA  C    sing N N 348 
TYR CA  CB   sing N N 349 
TYR CA  HA   sing N N 350 
TYR C   O    doub N N 351 
TYR C   OXT  sing N N 352 
TYR CB  CG   sing N N 353 
TYR CB  HB2  sing N N 354 
TYR CB  HB3  sing N N 355 
TYR CG  CD1  doub Y N 356 
TYR CG  CD2  sing Y N 357 
TYR CD1 CE1  sing Y N 358 
TYR CD1 HD1  sing N N 359 
TYR CD2 CE2  doub Y N 360 
TYR CD2 HD2  sing N N 361 
TYR CE1 CZ   doub Y N 362 
TYR CE1 HE1  sing N N 363 
TYR CE2 CZ   sing Y N 364 
TYR CE2 HE2  sing N N 365 
TYR CZ  OH   sing N N 366 
TYR OH  HH   sing N N 367 
TYR OXT HXT  sing N N 368 
VAL N   CA   sing N N 369 
VAL N   H    sing N N 370 
VAL N   H2   sing N N 371 
VAL CA  C    sing N N 372 
VAL CA  CB   sing N N 373 
VAL CA  HA   sing N N 374 
VAL C   O    doub N N 375 
VAL C   OXT  sing N N 376 
VAL CB  CG1  sing N N 377 
VAL CB  CG2  sing N N 378 
VAL CB  HB   sing N N 379 
VAL CG1 HG11 sing N N 380 
VAL CG1 HG12 sing N N 381 
VAL CG1 HG13 sing N N 382 
VAL CG2 HG21 sing N N 383 
VAL CG2 HG22 sing N N 384 
VAL CG2 HG23 sing N N 385 
VAL OXT HXT  sing N N 386 
# 
_atom_sites.entry_id                    4R03 
_atom_sites.fract_transf_matrix[1][1]   0.00087114 
_atom_sites.fract_transf_matrix[1][2]   -0.01662139 
_atom_sites.fract_transf_matrix[1][3]   -0.00319986 
_atom_sites.fract_transf_matrix[2][1]   -0.00405397 
_atom_sites.fract_transf_matrix[2][2]   -0.00272752 
_atom_sites.fract_transf_matrix[2][3]   0.01306418 
_atom_sites.fract_transf_matrix[3][1]   -0.01155519 
_atom_sites.fract_transf_matrix[3][2]   0.00008141 
_atom_sites.fract_transf_matrix[3][3]   -0.00356872 
_atom_sites.fract_transf_vector[1]      0.077274 
_atom_sites.fract_transf_vector[2]      0.447475 
_atom_sites.fract_transf_vector[3]      0.027978 
# 
loop_
_atom_type.symbol 
C  
N  
O  
P  
SE 
# 
loop_
_atom_site.group_PDB 
_atom_site.id 
_atom_site.type_symbol 
_atom_site.label_atom_id 
_atom_site.label_alt_id 
_atom_site.label_comp_id 
_atom_site.label_asym_id 
_atom_site.label_entity_id 
_atom_site.label_seq_id 
_atom_site.pdbx_PDB_ins_code 
_atom_site.Cartn_x 
_atom_site.Cartn_y 
_atom_site.Cartn_z 
_atom_site.occupancy 
_atom_site.B_iso_or_equiv 
_atom_site.pdbx_formal_charge 
_atom_site.auth_seq_id 
_atom_site.auth_comp_id 
_atom_site.auth_asym_id 
_atom_site.auth_atom_id 
_atom_site.pdbx_PDB_model_num 
ATOM   1    N  N   . GLY A 1 1   ? 2.313   -15.746 -19.631 1.00 25.69 ? 0   GLY A N   1 
ATOM   2    C  CA  . GLY A 1 1   ? 3.352   -15.033 -18.839 1.00 20.12 ? 0   GLY A CA  1 
ATOM   3    C  C   . GLY A 1 1   ? 2.670   -13.844 -18.184 1.00 18.72 ? 0   GLY A C   1 
ATOM   4    O  O   . GLY A 1 1   ? 1.469   -13.590 -18.425 1.00 19.59 ? 0   GLY A O   1 
ATOM   5    N  N   . LYS A 1 2   ? 3.405   -13.182 -17.313 1.00 15.06 ? 29  LYS A N   1 
ATOM   6    C  CA  . LYS A 1 2   ? 2.863   -11.970 -16.644 1.00 14.00 ? 29  LYS A CA  1 
ATOM   7    C  C   . LYS A 1 2   ? 3.673   -10.726 -17.064 1.00 12.31 ? 29  LYS A C   1 
ATOM   8    O  O   . LYS A 1 2   ? 4.890   -10.701 -16.950 1.00 12.04 ? 29  LYS A O   1 
ATOM   9    C  CB  . LYS A 1 2   ? 2.936   -12.160 -15.155 1.00 17.17 ? 29  LYS A CB  1 
ATOM   10   C  CG  . LYS A 1 2   ? 2.025   -13.308 -14.621 1.00 20.54 ? 29  LYS A CG  1 
ATOM   11   C  CD  . LYS A 1 2   ? 2.107   -13.264 -13.117 1.00 26.53 ? 29  LYS A CD  1 
ATOM   12   C  CE  . LYS A 1 2   ? 1.693   -14.540 -12.394 1.00 34.54 ? 29  LYS A CE  1 
ATOM   13   N  NZ  . LYS A 1 2   ? 0.335   -14.802 -12.712 1.00 31.68 ? 29  LYS A NZ  1 
ATOM   14   N  N   . ASP A 1 3   ? 2.937   -9.712  -17.494 1.00 12.62 ? 30  ASP A N   1 
ATOM   15   C  CA  . ASP A 1 3   ? 3.446   -8.350  -17.666 1.00 11.41 ? 30  ASP A CA  1 
ATOM   16   C  C   . ASP A 1 3   ? 2.606   -7.469  -16.730 1.00 11.57 ? 30  ASP A C   1 
ATOM   17   O  O   . ASP A 1 3   ? 1.477   -7.878  -16.340 1.00 11.36 ? 30  ASP A O   1 
ATOM   18   C  CB  . ASP A 1 3   ? 3.304   -7.899  -19.128 1.00 11.70 ? 30  ASP A CB  1 
ATOM   19   C  CG  . ASP A 1 3   ? 4.228   -8.695  -20.061 1.00 12.35 ? 30  ASP A CG  1 
ATOM   20   O  OD1 . ASP A 1 3   ? 5.460   -8.362  -20.099 1.00 13.14 ? 30  ASP A OD1 1 
ATOM   21   O  OD2 . ASP A 1 3   ? 3.666   -9.592  -20.760 1.00 14.47 ? 30  ASP A OD2 1 
ATOM   22   N  N   . TYR A 1 4   ? 3.068   -6.254  -16.463 1.00 11.18 ? 31  TYR A N   1 
ATOM   23   C  CA  . TYR A 1 4   ? 2.376   -5.345  -15.571 1.00 10.69 ? 31  TYR A CA  1 
ATOM   24   C  C   . TYR A 1 4   ? 2.296   -3.967  -16.213 1.00 10.61 ? 31  TYR A C   1 
ATOM   25   O  O   . TYR A 1 4   ? 3.281   -3.483  -16.822 1.00 11.44 ? 31  TYR A O   1 
ATOM   26   C  CB  . TYR A 1 4   ? 3.025   -5.234  -14.188 1.00 11.29 ? 31  TYR A CB  1 
ATOM   27   C  CG  . TYR A 1 4   ? 2.996   -6.518  -13.447 1.00 11.67 ? 31  TYR A CG  1 
ATOM   28   C  CD1 . TYR A 1 4   ? 1.855   -6.918  -12.779 1.00 12.44 ? 31  TYR A CD1 1 
ATOM   29   C  CD2 . TYR A 1 4   ? 4.113   -7.383  -13.472 1.00 13.56 ? 31  TYR A CD2 1 
ATOM   30   C  CE1 . TYR A 1 4   ? 1.841   -8.141  -12.081 1.00 14.36 ? 31  TYR A CE1 1 
ATOM   31   C  CE2 . TYR A 1 4   ? 4.067   -8.634  -12.827 1.00 14.29 ? 31  TYR A CE2 1 
ATOM   32   C  CZ  . TYR A 1 4   ? 2.937   -8.969  -12.139 1.00 15.76 ? 31  TYR A CZ  1 
ATOM   33   O  OH  . TYR A 1 4   ? 2.862   -10.221 -11.521 1.00 18.07 ? 31  TYR A OH  1 
ATOM   34   N  N   . LEU A 1 5   ? 1.137   -3.353  -16.053 1.00 10.64 ? 32  LEU A N   1 
ATOM   35   C  CA  . LEU A 1 5   ? 0.926   -1.946  -16.429 1.00 11.68 ? 32  LEU A CA  1 
ATOM   36   C  C   . LEU A 1 5   ? 0.661   -1.190  -15.119 1.00 12.33 ? 32  LEU A C   1 
ATOM   37   O  O   . LEU A 1 5   ? -0.166  -1.601  -14.278 1.00 12.43 ? 32  LEU A O   1 
ATOM   38   C  CB  . LEU A 1 5   ? -0.274  -1.850  -17.352 1.00 14.44 ? 32  LEU A CB  1 
ATOM   39   C  CG  . LEU A 1 5   ? -0.628  -0.433  -17.816 1.00 17.40 ? 32  LEU A CG  1 
ATOM   40   C  CD1 . LEU A 1 5   ? 0.353   0.137   -18.772 1.00 19.85 ? 32  LEU A CD1 1 
ATOM   41   C  CD2 . LEU A 1 5   ? -2.014  -0.479  -18.533 1.00 22.07 ? 32  LEU A CD2 1 
ATOM   42   N  N   . TYR A 1 6   ? 1.416   -0.135  -14.885 1.00 11.15 ? 33  TYR A N   1 
ATOM   43   C  CA  . TYR A 1 6   ? 1.318   0.623   -13.674 1.00 10.88 ? 33  TYR A CA  1 
ATOM   44   C  C   . TYR A 1 6   ? 0.763   2.003   -14.015 1.00 12.19 ? 33  TYR A C   1 
ATOM   45   O  O   . TYR A 1 6   ? 1.226   2.632   -14.966 1.00 13.06 ? 33  TYR A O   1 
ATOM   46   C  CB  . TYR A 1 6   ? 2.642   0.794   -13.023 1.00 11.28 ? 33  TYR A CB  1 
ATOM   47   C  CG  . TYR A 1 6   ? 3.384   -0.507  -12.739 1.00 11.49 ? 33  TYR A CG  1 
ATOM   48   C  CD1 . TYR A 1 6   ? 3.158   -1.215  -11.589 1.00 12.58 ? 33  TYR A CD1 1 
ATOM   49   C  CD2 . TYR A 1 6   ? 4.309   -0.975  -13.647 1.00 12.70 ? 33  TYR A CD2 1 
ATOM   50   C  CE1 . TYR A 1 6   ? 3.801   -2.411  -11.342 1.00 12.05 ? 33  TYR A CE1 1 
ATOM   51   C  CE2 . TYR A 1 6   ? 4.990   -2.169  -13.404 1.00 13.34 ? 33  TYR A CE2 1 
ATOM   52   C  CZ  . TYR A 1 6   ? 4.754   -2.858  -12.251 1.00 12.58 ? 33  TYR A CZ  1 
ATOM   53   O  OH  . TYR A 1 6   ? 5.376   -4.070  -11.955 1.00 13.23 ? 33  TYR A OH  1 
ATOM   54   N  N   . ASP A 1 7   ? -0.154  2.491   -13.190 1.00 10.15 ? 34  ASP A N   1 
ATOM   55   C  CA  A ASP A 1 7   ? -0.681  3.868   -13.320 0.50 10.88 ? 34  ASP A CA  1 
ATOM   56   C  CA  B ASP A 1 7   ? -0.626  3.871   -13.313 0.50 10.83 ? 34  ASP A CA  1 
ATOM   57   C  C   . ASP A 1 7   ? -0.383  4.578   -11.996 1.00 10.78 ? 34  ASP A C   1 
ATOM   58   O  O   . ASP A 1 7   ? -1.015  4.236   -10.953 1.00 11.89 ? 34  ASP A O   1 
ATOM   59   C  CB  A ASP A 1 7   ? -2.186  3.825   -13.571 0.50 11.78 ? 34  ASP A CB  1 
ATOM   60   C  CB  B ASP A 1 7   ? -2.097  3.979   -13.596 0.50 11.44 ? 34  ASP A CB  1 
ATOM   61   C  CG  A ASP A 1 7   ? -2.806  5.195   -13.721 0.50 13.49 ? 34  ASP A CG  1 
ATOM   62   C  CG  B ASP A 1 7   ? -2.516  5.418   -13.672 0.50 12.75 ? 34  ASP A CG  1 
ATOM   63   O  OD1 A ASP A 1 7   ? -2.065  6.142   -14.004 0.50 14.62 ? 34  ASP A OD1 1 
ATOM   64   O  OD1 B ASP A 1 7   ? -2.266  5.996   -14.740 0.50 14.61 ? 34  ASP A OD1 1 
ATOM   65   O  OD2 A ASP A 1 7   ? -4.042  5.307   -13.535 0.50 16.68 ? 34  ASP A OD2 1 
ATOM   66   O  OD2 B ASP A 1 7   ? -2.966  5.960   -12.640 0.50 15.64 ? 34  ASP A OD2 1 
ATOM   67   N  N   . THR A 1 8   ? 0.471   5.581   -12.024 1.00 9.41  ? 35  THR A N   1 
ATOM   68   C  CA  . THR A 1 8   ? 0.913   6.267   -10.806 1.00 10.47 ? 35  THR A CA  1 
ATOM   69   C  C   . THR A 1 8   ? 0.467   7.708   -10.843 1.00 11.30 ? 35  THR A C   1 
ATOM   70   O  O   . THR A 1 8   ? 0.683   8.422   -11.865 1.00 12.35 ? 35  THR A O   1 
ATOM   71   C  CB  . THR A 1 8   ? 2.446   6.214   -10.664 1.00 11.43 ? 35  THR A CB  1 
ATOM   72   O  OG1 . THR A 1 8   ? 2.871   4.848   -10.658 1.00 14.02 ? 35  THR A OG1 1 
ATOM   73   C  CG2 . THR A 1 8   ? 2.908   6.880   -9.391  1.00 13.62 ? 35  THR A CG2 1 
ATOM   74   N  N   . LYS A 1 9   ? -0.161  8.170   -9.768  1.00 10.95 ? 36  LYS A N   1 
ATOM   75   C  CA  A LYS A 1 9   ? -0.507  9.582   -9.605  0.50 11.13 ? 36  LYS A CA  1 
ATOM   76   C  CA  B LYS A 1 9   ? -0.450  9.575   -9.652  0.50 10.98 ? 36  LYS A CA  1 
ATOM   77   C  C   . LYS A 1 9   ? 0.416   10.229  -8.601  1.00 11.48 ? 36  LYS A C   1 
ATOM   78   O  O   . LYS A 1 9   ? 0.630   9.679   -7.496  1.00 11.43 ? 36  LYS A O   1 
ATOM   79   C  CB  A LYS A 1 9   ? -1.932  9.747   -9.100  0.50 12.23 ? 36  LYS A CB  1 
ATOM   80   C  CB  B LYS A 1 9   ? -1.929  9.776   -9.410  0.50 11.97 ? 36  LYS A CB  1 
ATOM   81   C  CG  A LYS A 1 9   ? -3.025  9.314   -10.043 0.50 14.57 ? 36  LYS A CG  1 
ATOM   82   C  CG  B LYS A 1 9   ? -2.777  9.324   -10.633 0.50 14.12 ? 36  LYS A CG  1 
ATOM   83   C  CD  A LYS A 1 9   ? -3.118  10.237  -11.230 0.50 16.37 ? 36  LYS A CD  1 
ATOM   84   C  CD  B LYS A 1 9   ? -4.268  9.471   -10.352 0.50 15.64 ? 36  LYS A CD  1 
ATOM   85   C  CE  A LYS A 1 9   ? -4.441  10.073  -11.954 0.50 18.24 ? 36  LYS A CE  1 
ATOM   86   C  CE  B LYS A 1 9   ? -5.166  9.033   -11.554 0.50 17.99 ? 36  LYS A CE  1 
ATOM   87   N  NZ  A LYS A 1 9   ? -4.552  8.771   -12.621 0.50 19.40 ? 36  LYS A NZ  1 
ATOM   88   N  NZ  B LYS A 1 9   ? -4.796  7.728   -12.127 0.50 19.84 ? 36  LYS A NZ  1 
ATOM   89   N  N   . GLU A 1 10  ? 0.974   11.391  -8.956  1.00 10.76 ? 37  GLU A N   1 
ATOM   90   C  CA  . GLU A 1 10  ? 1.777   12.173  -8.052  1.00 11.00 ? 37  GLU A CA  1 
ATOM   91   C  C   . GLU A 1 10  ? 1.200   13.566  -7.909  1.00 11.09 ? 37  GLU A C   1 
ATOM   92   O  O   . GLU A 1 10  ? 0.788   14.175  -8.893  1.00 11.69 ? 37  GLU A O   1 
ATOM   93   C  CB  . GLU A 1 10  ? 3.181   12.355  -8.577  1.00 12.50 ? 37  GLU A CB  1 
ATOM   94   C  CG  . GLU A 1 10  ? 4.055   11.114  -8.545  1.00 14.06 ? 37  GLU A CG  1 
ATOM   95   C  CD  . GLU A 1 10  ? 5.285   11.279  -9.445  1.00 17.23 ? 37  GLU A CD  1 
ATOM   96   O  OE1 . GLU A 1 10  ? 5.115   11.165  -10.712 1.00 19.66 ? 37  GLU A OE1 1 
ATOM   97   O  OE2 . GLU A 1 10  ? 6.399   11.575  -8.935  1.00 19.16 ? 37  GLU A OE2 1 
ATOM   98   N  N   . GLU A 1 11  ? 1.142   14.072  -6.676  1.00 10.71 ? 38  GLU A N   1 
ATOM   99   C  CA  . GLU A 1 11  ? 0.792   15.464  -6.400  1.00 10.97 ? 38  GLU A CA  1 
ATOM   100  C  C   . GLU A 1 11  ? 2.136   16.135  -6.128  1.00 10.24 ? 38  GLU A C   1 
ATOM   101  O  O   . GLU A 1 11  ? 2.826   15.806  -5.101  1.00 10.66 ? 38  GLU A O   1 
ATOM   102  C  CB  . GLU A 1 11  ? -0.142  15.570  -5.247  1.00 11.51 ? 38  GLU A CB  1 
ATOM   103  C  CG  . GLU A 1 11  ? -0.504  17.027  -4.875  1.00 12.38 ? 38  GLU A CG  1 
ATOM   104  C  CD  . GLU A 1 11  ? -1.247  17.666  -5.983  1.00 13.51 ? 38  GLU A CD  1 
ATOM   105  O  OE1 . GLU A 1 11  ? -2.308  17.185  -6.419  1.00 15.92 ? 38  GLU A OE1 1 
ATOM   106  O  OE2 . GLU A 1 11  ? -0.768  18.743  -6.493  1.00 13.98 ? 38  GLU A OE2 1 
ATOM   107  N  N   . ASN A 1 12  ? 2.534   17.093  -6.975  1.00 10.56 ? 39  ASN A N   1 
ATOM   108  C  CA  . ASN A 1 12  ? 3.878   17.641  -6.860  1.00 10.73 ? 39  ASN A CA  1 
ATOM   109  C  C   . ASN A 1 12  ? 4.909   16.544  -6.789  1.00 11.32 ? 39  ASN A C   1 
ATOM   110  O  O   . ASN A 1 12  ? 4.832   15.641  -7.615  1.00 11.16 ? 39  ASN A O   1 
ATOM   111  C  CB  . ASN A 1 12  ? 3.937   18.715  -5.762  1.00 11.16 ? 39  ASN A CB  1 
ATOM   112  C  CG  . ASN A 1 12  ? 2.948   19.818  -5.997  1.00 10.71 ? 39  ASN A CG  1 
ATOM   113  O  OD1 . ASN A 1 12  ? 2.877   20.343  -7.111  1.00 11.36 ? 39  ASN A OD1 1 
ATOM   114  N  ND2 . ASN A 1 12  ? 2.212   20.235  -4.938  1.00 11.98 ? 39  ASN A ND2 1 
ATOM   115  N  N   . GLY A 1 13  ? 5.782   16.511  -5.787  1.00 10.83 ? 40  GLY A N   1 
ATOM   116  C  CA  . GLY A 1 13  ? 6.798   15.522  -5.742  1.00 12.01 ? 40  GLY A CA  1 
ATOM   117  C  C   . GLY A 1 13  ? 6.469   14.154  -5.139  1.00 12.02 ? 40  GLY A C   1 
ATOM   118  O  O   . GLY A 1 13  ? 7.405   13.351  -4.982  1.00 13.99 ? 40  GLY A O   1 
ATOM   119  N  N   . LYS A 1 14  ? 5.236   13.949  -4.703  1.00 11.32 ? 41  LYS A N   1 
ATOM   120  C  CA  . LYS A 1 14  ? 4.897   12.753  -3.903  1.00 12.19 ? 41  LYS A CA  1 
ATOM   121  C  C   . LYS A 1 14  ? 3.897   11.881  -4.632  1.00 11.22 ? 41  LYS A C   1 
ATOM   122  O  O   . LYS A 1 14  ? 2.862   12.323  -5.143  1.00 11.40 ? 41  LYS A O   1 
ATOM   123  C  CB  . LYS A 1 14  ? 4.310   13.191  -2.569  1.00 13.59 ? 41  LYS A CB  1 
ATOM   124  C  CG  . LYS A 1 14  ? 5.388   13.827  -1.648  1.00 15.60 ? 41  LYS A CG  1 
ATOM   125  C  CD  . LYS A 1 14  ? 4.749   14.325  -0.440  1.00 17.41 ? 41  LYS A CD  1 
ATOM   126  C  CE  . LYS A 1 14  ? 5.785   14.786  0.605   1.00 18.72 ? 41  LYS A CE  1 
ATOM   127  N  NZ  . LYS A 1 14  ? 6.534   15.985  0.101   1.00 20.89 ? 41  LYS A NZ  1 
ATOM   128  N  N   . ILE A 1 15  ? 4.216   10.585  -4.646  1.00 11.75 ? 42  ILE A N   1 
ATOM   129  C  CA  . ILE A 1 15  ? 3.225   9.589   -5.078  1.00 11.58 ? 42  ILE A CA  1 
ATOM   130  C  C   . ILE A 1 15  ? 2.051   9.526   -4.140  1.00 11.14 ? 42  ILE A C   1 
ATOM   131  O  O   . ILE A 1 15  ? 2.229   9.336   -2.913  1.00 12.20 ? 42  ILE A O   1 
ATOM   132  C  CB  . ILE A 1 15  ? 3.886   8.188   -5.226  1.00 12.69 ? 42  ILE A CB  1 
ATOM   133  C  CG1 . ILE A 1 15  ? 5.000   8.212   -6.227  1.00 13.83 ? 42  ILE A CG1 1 
ATOM   134  C  CG2 . ILE A 1 15  ? 2.866   7.145   -5.555  1.00 12.88 ? 42  ILE A CG2 1 
ATOM   135  C  CD1 . ILE A 1 15  ? 5.823   6.888   -6.280  1.00 16.69 ? 42  ILE A CD1 1 
ATOM   136  N  N   . ILE A 1 16  ? 0.849   9.676   -4.659  1.00 10.50 ? 43  ILE A N   1 
ATOM   137  C  CA  . ILE A 1 16  ? -0.383  9.582   -3.891  1.00 11.84 ? 43  ILE A CA  1 
ATOM   138  C  C   . ILE A 1 16  ? -1.121  8.282   -4.123  1.00 11.75 ? 43  ILE A C   1 
ATOM   139  O  O   . ILE A 1 16  ? -1.802  7.774   -3.219  1.00 11.97 ? 43  ILE A O   1 
ATOM   140  C  CB  . ILE A 1 16  ? -1.259  10.807  -4.037  1.00 13.61 ? 43  ILE A CB  1 
ATOM   141  C  CG1 . ILE A 1 16  ? -1.732  11.007  -5.444  1.00 14.77 ? 43  ILE A CG1 1 
ATOM   142  C  CG2 . ILE A 1 16  ? -0.565  12.028  -3.354  1.00 15.37 ? 43  ILE A CG2 1 
ATOM   143  C  CD1 . ILE A 1 16  ? -2.798  12.129  -5.622  1.00 17.16 ? 43  ILE A CD1 1 
ATOM   144  N  N   . SER A 1 17  ? -1.033  7.723   -5.325  1.00 11.17 ? 44  SER A N   1 
ATOM   145  C  CA  . SER A 1 17  ? -1.650  6.437   -5.606  1.00 10.79 ? 44  SER A CA  1 
ATOM   146  C  C   . SER A 1 17  ? -0.914  5.716   -6.712  1.00 11.19 ? 44  SER A C   1 
ATOM   147  O  O   . SER A 1 17  ? -0.279  6.316   -7.573  1.00 10.48 ? 44  SER A O   1 
ATOM   148  C  CB  . SER A 1 17  ? -3.098  6.589   -6.015  1.00 11.64 ? 44  SER A CB  1 
ATOM   149  O  OG  . SER A 1 17  ? -3.261  7.294   -7.246  1.00 12.70 ? 44  SER A OG  1 
ATOM   150  N  N   . LYS A 1 18  ? -1.017  4.397   -6.694  1.00 10.93 ? 45  LYS A N   1 
ATOM   151  C  CA  A LYS A 1 18  ? -0.458  3.562   -7.751  0.70 11.27 ? 45  LYS A CA  1 
ATOM   152  C  CA  B LYS A 1 18  ? -0.490  3.571   -7.762  0.30 11.16 ? 45  LYS A CA  1 
ATOM   153  C  C   . LYS A 1 18  ? -1.430  2.395   -7.955  1.00 11.76 ? 45  LYS A C   1 
ATOM   154  O  O   . LYS A 1 18  ? -1.750  1.688   -6.973  1.00 13.37 ? 45  LYS A O   1 
ATOM   155  C  CB  A LYS A 1 18  ? 0.924   3.046   -7.380  0.70 12.47 ? 45  LYS A CB  1 
ATOM   156  C  CB  B LYS A 1 18  ? 0.899   3.058   -7.431  0.30 11.24 ? 45  LYS A CB  1 
ATOM   157  C  CG  A LYS A 1 18  ? 1.590   2.153   -8.404  0.70 14.44 ? 45  LYS A CG  1 
ATOM   158  C  CG  B LYS A 1 18  ? 1.513   2.226   -8.531  0.30 11.62 ? 45  LYS A CG  1 
ATOM   159  C  CD  A LYS A 1 18  ? 3.059   1.746   -7.977  0.70 16.41 ? 45  LYS A CD  1 
ATOM   160  C  CD  B LYS A 1 18  ? 3.010   2.027   -8.297  0.30 12.02 ? 45  LYS A CD  1 
ATOM   161  C  CE  A LYS A 1 18  ? 3.994   2.939   -7.790  0.70 19.92 ? 45  LYS A CE  1 
ATOM   162  C  CE  B LYS A 1 18  ? 3.617   1.173   -9.373  0.30 12.37 ? 45  LYS A CE  1 
ATOM   163  N  NZ  A LYS A 1 18  ? 5.518   2.685   -7.728  0.70 20.14 ? 45  LYS A NZ  1 
ATOM   164  N  NZ  B LYS A 1 18  ? 5.075   1.114   -9.201  0.30 13.43 ? 45  LYS A NZ  1 
ATOM   165  N  N   . VAL A 1 19  ? -1.831  2.169   -9.196  1.00 11.04 ? 46  VAL A N   1 
ATOM   166  C  CA  . VAL A 1 19  ? -2.634  1.008   -9.593  1.00 11.08 ? 46  VAL A CA  1 
ATOM   167  C  C   . VAL A 1 19  ? -1.793  0.071   -10.408 1.00 11.13 ? 46  VAL A C   1 
ATOM   168  O  O   . VAL A 1 19  ? -1.113  0.492   -11.366 1.00 11.53 ? 46  VAL A O   1 
ATOM   169  C  CB  . VAL A 1 19  ? -3.899  1.433   -10.363 1.00 11.52 ? 46  VAL A CB  1 
ATOM   170  C  CG1 . VAL A 1 19  ? -4.679  0.190   -10.840 1.00 12.94 ? 46  VAL A CG1 1 
ATOM   171  C  CG2 . VAL A 1 19  ? -4.769  2.295   -9.458  1.00 12.54 ? 46  VAL A CG2 1 
ATOM   172  N  N   . VAL A 1 20  ? -1.852  -1.219  -10.068 1.00 10.91 ? 47  VAL A N   1 
ATOM   173  C  CA  . VAL A 1 20  ? -1.168  -2.265  -10.821 1.00 10.43 ? 47  VAL A CA  1 
ATOM   174  C  C   . VAL A 1 20  ? -2.190  -3.078  -11.567 1.00 11.40 ? 47  VAL A C   1 
ATOM   175  O  O   . VAL A 1 20  ? -3.146  -3.604  -10.945 1.00 10.83 ? 47  VAL A O   1 
ATOM   176  C  CB  . VAL A 1 20  ? -0.397  -3.227  -9.881  1.00 12.41 ? 47  VAL A CB  1 
ATOM   177  C  CG1 . VAL A 1 20  ? 0.353   -4.295  -10.695 1.00 14.17 ? 47  VAL A CG1 1 
ATOM   178  C  CG2 . VAL A 1 20  ? 0.538   -2.465  -8.973  1.00 11.94 ? 47  VAL A CG2 1 
ATOM   179  N  N   . PHE A 1 21  ? -2.019  -3.167  -12.879 1.00 10.95 ? 48  PHE A N   1 
ATOM   180  C  CA  . PHE A 1 21  ? -2.793  -4.031  -13.759 1.00 11.42 ? 48  PHE A CA  1 
ATOM   181  C  C   . PHE A 1 21  ? -1.947  -5.252  -14.159 1.00 12.02 ? 48  PHE A C   1 
ATOM   182  O  O   . PHE A 1 21  ? -0.759  -5.107  -14.533 1.00 12.93 ? 48  PHE A O   1 
ATOM   183  C  CB  . PHE A 1 21  ? -3.228  -3.347  -15.025 1.00 12.59 ? 48  PHE A CB  1 
ATOM   184  C  CG  . PHE A 1 21  ? -4.098  -2.149  -14.842 1.00 12.83 ? 48  PHE A CG  1 
ATOM   185  C  CD1 . PHE A 1 21  ? -3.547  -0.927  -14.567 1.00 14.20 ? 48  PHE A CD1 1 
ATOM   186  C  CD2 . PHE A 1 21  ? -5.472  -2.217  -15.089 1.00 14.74 ? 48  PHE A CD2 1 
ATOM   187  C  CE1 . PHE A 1 21  ? -4.361  0.191   -14.450 1.00 14.56 ? 48  PHE A CE1 1 
ATOM   188  C  CE2 . PHE A 1 21  ? -6.260  -1.068  -14.970 1.00 16.43 ? 48  PHE A CE2 1 
ATOM   189  C  CZ  . PHE A 1 21  ? -5.711  0.088   -14.626 1.00 14.97 ? 48  PHE A CZ  1 
ATOM   190  N  N   . LEU A 1 22  ? -2.519  -6.439  -14.007 1.00 11.32 ? 49  LEU A N   1 
ATOM   191  C  CA  . LEU A 1 22  ? -1.902  -7.675  -14.494 1.00 11.22 ? 49  LEU A CA  1 
ATOM   192  C  C   . LEU A 1 22  ? -2.319  -7.961  -15.926 1.00 11.88 ? 49  LEU A C   1 
ATOM   193  O  O   . LEU A 1 22  ? -3.514  -8.012  -16.267 1.00 12.22 ? 49  LEU A O   1 
ATOM   194  C  CB  . LEU A 1 22  ? -2.303  -8.840  -13.572 1.00 11.73 ? 49  LEU A CB  1 
ATOM   195  C  CG  . LEU A 1 22  ? -1.839  -10.232 -14.052 1.00 13.93 ? 49  LEU A CG  1 
ATOM   196  C  CD1 . LEU A 1 22  ? -0.328  -10.331 -14.066 1.00 15.87 ? 49  LEU A CD1 1 
ATOM   197  C  CD2 . LEU A 1 22  ? -2.434  -11.313 -13.111 1.00 17.56 ? 49  LEU A CD2 1 
ATOM   198  N  N   . GLN A 1 23  ? -1.329  -8.136  -16.789 1.00 11.92 ? 50  GLN A N   1 
ATOM   199  C  CA  . GLN A 1 23  ? -1.498  -8.503  -18.188 1.00 13.66 ? 50  GLN A CA  1 
ATOM   200  C  C   . GLN A 1 23  ? -1.044  -9.961  -18.327 1.00 15.10 ? 50  GLN A C   1 
ATOM   201  O  O   . GLN A 1 23  ? 0.134   -10.261 -18.086 1.00 14.86 ? 50  GLN A O   1 
ATOM   202  C  CB  . GLN A 1 23  ? -0.662  -7.609  -19.061 1.00 13.94 ? 50  GLN A CB  1 
ATOM   203  C  CG  . GLN A 1 23  ? -1.114  -6.130  -19.075 1.00 13.22 ? 50  GLN A CG  1 
ATOM   204  C  CD  . GLN A 1 23  ? -0.027  -5.230  -19.545 1.00 14.60 ? 50  GLN A CD  1 
ATOM   205  O  OE1 . GLN A 1 23  ? 1.082   -5.269  -19.062 1.00 14.14 ? 50  GLN A OE1 1 
ATOM   206  N  NE2 . GLN A 1 23  ? -0.374  -4.333  -20.439 1.00 16.12 ? 50  GLN A NE2 1 
ATOM   207  N  N   . GLU A 1 24  ? -1.994  -10.843 -18.667 1.00 16.06 ? 51  GLU A N   1 
ATOM   208  C  CA  . GLU A 1 24  ? -1.638  -12.267 -18.686 1.00 18.33 ? 51  GLU A CA  1 
ATOM   209  C  C   . GLU A 1 24  ? -2.446  -12.925 -19.774 1.00 19.68 ? 51  GLU A C   1 
ATOM   210  O  O   . GLU A 1 24  ? -3.645  -12.815 -19.768 1.00 18.57 ? 51  GLU A O   1 
ATOM   211  C  CB  . GLU A 1 24  ? -1.938  -12.870 -17.334 1.00 21.34 ? 51  GLU A CB  1 
ATOM   212  C  CG  . GLU A 1 24  ? -1.650  -14.355 -17.212 1.00 23.58 ? 51  GLU A CG  1 
ATOM   213  C  CD  . GLU A 1 24  ? -1.587  -14.803 -15.751 1.00 29.41 ? 51  GLU A CD  1 
ATOM   214  O  OE1 . GLU A 1 24  ? -2.364  -14.305 -14.883 1.00 24.57 ? 51  GLU A OE1 1 
ATOM   215  O  OE2 . GLU A 1 24  ? -0.750  -15.690 -15.452 1.00 33.39 ? 51  GLU A OE2 1 
ATOM   216  N  N   . ASN A 1 25  ? -1.745  -13.634 -20.657 1.00 23.19 ? 52  ASN A N   1 
ATOM   217  C  CA  . ASN A 1 25  ? -2.387  -14.341 -21.759 1.00 27.98 ? 52  ASN A CA  1 
ATOM   218  C  C   . ASN A 1 25  ? -3.413  -13.517 -22.514 1.00 26.09 ? 52  ASN A C   1 
ATOM   219  O  O   . ASN A 1 25  ? -4.494  -14.014 -22.866 1.00 27.23 ? 52  ASN A O   1 
ATOM   220  C  CB  . ASN A 1 25  ? -2.962  -15.629 -21.242 1.00 30.15 ? 52  ASN A CB  1 
ATOM   221  C  CG  . ASN A 1 25  ? -1.897  -16.492 -20.595 1.00 30.30 ? 52  ASN A CG  1 
ATOM   222  O  OD1 . ASN A 1 25  ? -0.746  -16.537 -21.057 1.00 38.60 ? 52  ASN A OD1 1 
ATOM   223  N  ND2 . ASN A 1 25  ? -2.241  -17.114 -19.485 1.00 34.25 ? 52  ASN A ND2 1 
ATOM   224  N  N   . GLY A 1 26  ? -3.052  -12.264 -22.789 1.00 23.77 ? 53  GLY A N   1 
ATOM   225  C  CA  . GLY A 1 26  ? -3.886  -11.346 -23.554 1.00 25.36 ? 53  GLY A CA  1 
ATOM   226  C  C   . GLY A 1 26  ? -5.015  -10.657 -22.767 1.00 22.77 ? 53  GLY A C   1 
ATOM   227  O  O   . GLY A 1 26  ? -5.759  -9.851  -23.330 1.00 23.82 ? 53  GLY A O   1 
ATOM   228  N  N   . LEU A 1 27  ? -5.146  -10.989 -21.489 1.00 19.68 ? 54  LEU A N   1 
ATOM   229  C  CA  . LEU A 1 27  ? -6.159  -10.372 -20.613 1.00 18.90 ? 54  LEU A CA  1 
ATOM   230  C  C   . LEU A 1 27  ? -5.536  -9.215  -19.823 1.00 16.91 ? 54  LEU A C   1 
ATOM   231  O  O   . LEU A 1 27  ? -4.293  -9.189  -19.595 1.00 17.49 ? 54  LEU A O   1 
ATOM   232  C  CB  . LEU A 1 27  ? -6.672  -11.387 -19.625 1.00 19.81 ? 54  LEU A CB  1 
ATOM   233  C  CG  . LEU A 1 27  ? -7.161  -12.720 -20.241 1.00 25.19 ? 54  LEU A CG  1 
ATOM   234  C  CD1 . LEU A 1 27  ? -7.401  -13.710 -19.116 1.00 29.99 ? 54  LEU A CD1 1 
ATOM   235  C  CD2 . LEU A 1 27  ? -8.436  -12.436 -20.995 1.00 26.67 ? 54  LEU A CD2 1 
ATOM   236  N  N   . LEU A 1 28  ? -6.375  -8.301  -19.376 1.00 16.84 ? 55  LEU A N   1 
ATOM   237  C  CA  . LEU A 1 28  ? -5.949  -7.108  -18.594 1.00 15.61 ? 55  LEU A CA  1 
ATOM   238  C  C   . LEU A 1 28  ? -6.882  -6.969  -17.417 1.00 15.77 ? 55  LEU A C   1 
ATOM   239  O  O   . LEU A 1 28  ? -8.113  -6.860  -17.623 1.00 17.34 ? 55  LEU A O   1 
ATOM   240  C  CB  . LEU A 1 28  ? -5.991  -5.831  -19.441 1.00 17.48 ? 55  LEU A CB  1 
ATOM   241  C  CG  . LEU A 1 28  ? -5.709  -4.522  -18.721 1.00 19.95 ? 55  LEU A CG  1 
ATOM   242  C  CD1 . LEU A 1 28  ? -4.266  -4.443  -18.421 1.00 20.40 ? 55  LEU A CD1 1 
ATOM   243  C  CD2 . LEU A 1 28  ? -6.056  -3.321  -19.614 1.00 23.28 ? 55  LEU A CD2 1 
ATOM   244  N  N   . ASN A 1 29  ? -6.332  -7.050  -16.203 1.00 14.15 ? 56  ASN A N   1 
ATOM   245  C  CA  . ASN A 1 29  ? -7.170  -6.983  -14.995 1.00 13.58 ? 56  ASN A CA  1 
ATOM   246  C  C   . ASN A 1 29  ? -6.512  -6.166  -13.930 1.00 14.21 ? 56  ASN A C   1 
ATOM   247  O  O   . ASN A 1 29  ? -5.324  -6.300  -13.654 1.00 13.10 ? 56  ASN A O   1 
ATOM   248  C  CB  . ASN A 1 29  ? -7.466  -8.362  -14.456 1.00 14.22 ? 56  ASN A CB  1 
ATOM   249  C  CG  . ASN A 1 29  ? -8.393  -9.158  -15.338 1.00 17.81 ? 56  ASN A CG  1 
ATOM   250  O  OD1 . ASN A 1 29  ? -9.667  -9.053  -15.271 1.00 20.57 ? 56  ASN A OD1 1 
ATOM   251  N  ND2 . ASN A 1 29  ? -7.805  -9.969  -16.148 1.00 14.04 ? 56  ASN A ND2 1 
ATOM   252  N  N   . LYS A 1 30  ? -7.307  -5.362  -13.254 1.00 12.31 ? 57  LYS A N   1 
ATOM   253  C  CA  . LYS A 1 30  ? -6.838  -4.674  -12.081 1.00 12.89 ? 57  LYS A CA  1 
ATOM   254  C  C   . LYS A 1 30  ? -6.421  -5.633  -11.026 1.00 13.50 ? 57  LYS A C   1 
ATOM   255  O  O   . LYS A 1 30  ? -7.150  -6.615  -10.672 1.00 13.67 ? 57  LYS A O   1 
ATOM   256  C  CB  . LYS A 1 30  ? -7.930  -3.736  -11.513 1.00 13.36 ? 57  LYS A CB  1 
ATOM   257  C  CG  . LYS A 1 30  ? -8.143  -2.520  -12.392 1.00 14.89 ? 57  LYS A CG  1 
ATOM   258  C  CD  . LYS A 1 30  ? -9.411  -1.701  -12.022 1.00 16.99 ? 57  LYS A CD  1 
ATOM   259  C  CE  . LYS A 1 30  ? -9.402  -0.450  -12.810 1.00 21.49 ? 57  LYS A CE  1 
ATOM   260  N  NZ  . LYS A 1 30  ? -10.629 0.384   -12.446 1.00 24.57 ? 57  LYS A NZ  1 
ATOM   261  N  N   . GLN A 1 31  ? -5.242  -5.428  -10.461 1.00 11.40 ? 58  GLN A N   1 
ATOM   262  C  CA  . GLN A 1 31  ? -4.739  -6.308  -9.415  1.00 10.76 ? 58  GLN A CA  1 
ATOM   263  C  C   . GLN A 1 31  ? -4.765  -5.667  -8.045  1.00 12.07 ? 58  GLN A C   1 
ATOM   264  O  O   . GLN A 1 31  ? -5.282  -6.256  -7.086  1.00 13.42 ? 58  GLN A O   1 
ATOM   265  C  CB  . GLN A 1 31  ? -3.301  -6.776  -9.701  1.00 12.58 ? 58  GLN A CB  1 
ATOM   266  C  CG  . GLN A 1 31  ? -2.785  -7.802  -8.760  1.00 14.24 ? 58  GLN A CG  1 
ATOM   267  C  CD  . GLN A 1 31  ? -1.405  -8.169  -9.099  1.00 18.69 ? 58  GLN A CD  1 
ATOM   268  O  OE1 . GLN A 1 31  ? -0.538  -7.311  -9.127  1.00 20.01 ? 58  GLN A OE1 1 
ATOM   269  N  NE2 . GLN A 1 31  ? -1.144  -9.438  -9.309  1.00 20.91 ? 58  GLN A NE2 1 
ATOM   270  N  N   . VAL A 1 32  ? -4.145  -4.501  -7.883  1.00 10.74 ? 59  VAL A N   1 
ATOM   271  C  CA  . VAL A 1 32  ? -4.052  -3.871  -6.581  1.00 10.22 ? 59  VAL A CA  1 
ATOM   272  C  C   . VAL A 1 32  ? -3.933  -2.370  -6.766  1.00 10.36 ? 59  VAL A C   1 
ATOM   273  O  O   . VAL A 1 32  ? -3.371  -1.928  -7.775  1.00 10.99 ? 59  VAL A O   1 
ATOM   274  C  CB  . VAL A 1 32  ? -2.874  -4.469  -5.722  1.00 10.73 ? 59  VAL A CB  1 
ATOM   275  C  CG1 . VAL A 1 32  ? -1.532  -4.342  -6.412  1.00 11.07 ? 59  VAL A CG1 1 
ATOM   276  C  CG2 . VAL A 1 32  ? -2.820  -3.890  -4.359  1.00 11.98 ? 59  VAL A CG2 1 
ATOM   277  N  N   . ARG A 1 33  ? -4.450  -1.601  -5.814  1.00 10.49 ? 60  ARG A N   1 
ATOM   278  C  CA  . ARG A 1 33  ? -4.328  -0.151  -5.736  1.00 10.62 ? 60  ARG A CA  1 
ATOM   279  C  C   . ARG A 1 33  ? -3.718  0.212   -4.387  1.00 11.49 ? 60  ARG A C   1 
ATOM   280  O  O   . ARG A 1 33  ? -4.120  -0.277  -3.369  1.00 11.82 ? 60  ARG A O   1 
ATOM   281  C  CB  . ARG A 1 33  ? -5.691  0.522   -5.862  1.00 11.84 ? 60  ARG A CB  1 
ATOM   282  C  CG  . ARG A 1 33  ? -5.677  2.034   -5.663  1.00 12.69 ? 60  ARG A CG  1 
ATOM   283  C  CD  . ARG A 1 33  ? -7.099  2.589   -5.763  1.00 16.16 ? 60  ARG A CD  1 
ATOM   284  N  NE  . ARG A 1 33  ? -7.063  4.031   -5.452  1.00 17.24 ? 60  ARG A NE  1 
ATOM   285  C  CZ  . ARG A 1 33  ? -6.904  4.968   -6.344  1.00 19.78 ? 60  ARG A CZ  1 
ATOM   286  N  NH1 . ARG A 1 33  ? -6.871  4.701   -7.630  1.00 25.64 ? 60  ARG A NH1 1 
ATOM   287  N  NH2 . ARG A 1 33  ? -6.831  6.214   -5.907  1.00 22.01 ? 60  ARG A NH2 1 
ATOM   288  N  N   . TYR A 1 34  ? -2.695  1.071   -4.440  1.00 11.22 ? 61  TYR A N   1 
ATOM   289  C  CA  . TYR A 1 34  ? -2.024  1.563   -3.249  1.00 10.53 ? 61  TYR A CA  1 
ATOM   290  C  C   . TYR A 1 34  ? -2.309  3.057   -3.124  1.00 11.97 ? 61  TYR A C   1 
ATOM   291  O  O   . TYR A 1 34  ? -2.288  3.809   -4.114  1.00 12.29 ? 61  TYR A O   1 
ATOM   292  C  CB  . TYR A 1 34  ? -0.542  1.369   -3.342  1.00 10.80 ? 61  TYR A CB  1 
ATOM   293  C  CG  . TYR A 1 34  ? -0.109  -0.053  -3.523  1.00 11.92 ? 61  TYR A CG  1 
ATOM   294  C  CD1 . TYR A 1 34  ? -0.290  -0.966  -2.525  1.00 13.04 ? 61  TYR A CD1 1 
ATOM   295  C  CD2 . TYR A 1 34  ? 0.501   -0.479  -4.681  1.00 13.56 ? 61  TYR A CD2 1 
ATOM   296  C  CE1 . TYR A 1 34  ? 0.130   -2.260  -2.678  1.00 12.82 ? 61  TYR A CE1 1 
ATOM   297  C  CE2 . TYR A 1 34  ? 0.892   -1.811  -4.870  1.00 13.90 ? 61  TYR A CE2 1 
ATOM   298  C  CZ  . TYR A 1 34  ? 0.769   -2.689  -3.817  1.00 13.71 ? 61  TYR A CZ  1 
ATOM   299  O  OH  . TYR A 1 34  ? 1.172   -4.025  -3.977  1.00 15.85 ? 61  TYR A OH  1 
ATOM   300  N  N   . GLU A 1 35  ? -2.546  3.516   -1.907  1.00 11.88 ? 62  GLU A N   1 
ATOM   301  C  CA  . GLU A 1 35  ? -2.693  4.952   -1.598  1.00 11.68 ? 62  GLU A CA  1 
ATOM   302  C  C   . GLU A 1 35  ? -1.726  5.273   -0.478  1.00 12.54 ? 62  GLU A C   1 
ATOM   303  O  O   . GLU A 1 35  ? -1.568  4.478   0.467   1.00 13.63 ? 62  GLU A O   1 
ATOM   304  C  CB  . GLU A 1 35  ? -4.099  5.272   -1.196  1.00 13.33 ? 62  GLU A CB  1 
ATOM   305  C  CG  . GLU A 1 35  ? -5.120  5.047   -2.293  1.00 15.93 ? 62  GLU A CG  1 
ATOM   306  C  CD  . GLU A 1 35  ? -6.530  5.482   -1.952  1.00 22.10 ? 62  GLU A CD  1 
ATOM   307  O  OE1 . GLU A 1 35  ? -6.809  5.767   -0.775  1.00 22.72 ? 62  GLU A OE1 1 
ATOM   308  O  OE2 . GLU A 1 35  ? -7.387  5.439   -2.892  1.00 22.76 ? 62  GLU A OE2 1 
ATOM   309  N  N   . PHE A 1 36  ? -1.114  6.450   -0.554  1.00 12.02 ? 63  PHE A N   1 
ATOM   310  C  CA  . PHE A 1 36  ? -0.032  6.838   0.365   1.00 11.67 ? 63  PHE A CA  1 
ATOM   311  C  C   . PHE A 1 36  ? -0.356  8.149   1.038   1.00 13.02 ? 63  PHE A C   1 
ATOM   312  O  O   . PHE A 1 36  ? -0.848  9.106   0.423   1.00 14.69 ? 63  PHE A O   1 
ATOM   313  C  CB  . PHE A 1 36  ? 1.295   6.996   -0.394  1.00 11.51 ? 63  PHE A CB  1 
ATOM   314  C  CG  . PHE A 1 36  ? 1.726   5.781   -1.143  1.00 11.43 ? 63  PHE A CG  1 
ATOM   315  C  CD1 . PHE A 1 36  ? 2.465   4.783   -0.502  1.00 12.88 ? 63  PHE A CD1 1 
ATOM   316  C  CD2 . PHE A 1 36  ? 1.334   5.568   -2.449  1.00 11.24 ? 63  PHE A CD2 1 
ATOM   317  C  CE1 . PHE A 1 36  ? 2.835   3.634   -1.200  1.00 12.33 ? 63  PHE A CE1 1 
ATOM   318  C  CE2 . PHE A 1 36  ? 1.692   4.431   -3.125  1.00 11.45 ? 63  PHE A CE2 1 
ATOM   319  C  CZ  . PHE A 1 36  ? 2.439   3.451   -2.492  1.00 12.27 ? 63  PHE A CZ  1 
ATOM   320  N  N   . GLN A 1 37  ? -0.022  8.190   2.316   1.00 13.66 ? 64  GLN A N   1 
ATOM   321  C  CA  A GLN A 1 37  ? -0.034  9.443   3.072   0.50 15.04 ? 64  GLN A CA  1 
ATOM   322  C  CA  B GLN A 1 37  ? -0.046  9.413   3.138   0.50 15.04 ? 64  GLN A CA  1 
ATOM   323  C  C   . GLN A 1 37  ? 1.350   9.659   3.699   1.00 14.55 ? 64  GLN A C   1 
ATOM   324  O  O   . GLN A 1 37  ? 2.149   8.744   3.827   1.00 14.71 ? 64  GLN A O   1 
ATOM   325  C  CB  A GLN A 1 37  ? -1.155  9.443   4.118   0.50 16.64 ? 64  GLN A CB  1 
ATOM   326  C  CB  B GLN A 1 37  ? -1.009  9.264   4.312   0.50 16.57 ? 64  GLN A CB  1 
ATOM   327  C  CG  A GLN A 1 37  ? -2.582  9.327   3.536   0.50 18.64 ? 64  GLN A CG  1 
ATOM   328  C  CG  B GLN A 1 37  ? -2.445  9.002   3.944   0.50 18.60 ? 64  GLN A CG  1 
ATOM   329  C  CD  A GLN A 1 37  ? -3.689  9.459   4.602   0.50 21.74 ? 64  GLN A CD  1 
ATOM   330  C  CD  B GLN A 1 37  ? -3.233  8.529   5.134   0.50 21.76 ? 64  GLN A CD  1 
ATOM   331  O  OE1 A GLN A 1 37  ? -3.829  10.490  5.256   0.50 24.28 ? 64  GLN A OE1 1 
ATOM   332  O  OE1 B GLN A 1 37  ? -3.095  9.064   6.230   0.50 27.03 ? 64  GLN A OE1 1 
ATOM   333  N  NE2 A GLN A 1 37  ? -4.473  8.416   4.769   0.50 25.19 ? 64  GLN A NE2 1 
ATOM   334  N  NE2 B GLN A 1 37  ? -4.053  7.515   4.937   0.50 25.76 ? 64  GLN A NE2 1 
ATOM   335  N  N   . TYR A 1 38  ? 1.624   10.931  4.051   1.00 14.50 ? 65  TYR A N   1 
ATOM   336  C  CA  . TYR A 1 38  ? 2.972   11.369  4.424   1.00 14.36 ? 65  TYR A CA  1 
ATOM   337  C  C   . TYR A 1 38  ? 2.965   12.099  5.781   1.00 16.29 ? 65  TYR A C   1 
ATOM   338  O  O   . TYR A 1 38  ? 1.998   12.757  6.115   1.00 17.92 ? 65  TYR A O   1 
ATOM   339  C  CB  . TYR A 1 38  ? 3.541   12.322  3.361   1.00 15.08 ? 65  TYR A CB  1 
ATOM   340  C  CG  . TYR A 1 38  ? 3.766   11.577  2.088   1.00 12.67 ? 65  TYR A CG  1 
ATOM   341  C  CD1 . TYR A 1 38  ? 2.711   11.416  1.191   1.00 13.15 ? 65  TYR A CD1 1 
ATOM   342  C  CD2 . TYR A 1 38  ? 4.971   11.027  1.753   1.00 12.99 ? 65  TYR A CD2 1 
ATOM   343  C  CE1 . TYR A 1 38  ? 2.896   10.675  0.016   1.00 12.38 ? 65  TYR A CE1 1 
ATOM   344  C  CE2 . TYR A 1 38  ? 5.161   10.285  0.606   1.00 13.68 ? 65  TYR A CE2 1 
ATOM   345  C  CZ  . TYR A 1 38  ? 4.086   10.157  -0.293  1.00 12.23 ? 65  TYR A CZ  1 
ATOM   346  O  OH  . TYR A 1 38  ? 4.344   9.366   -1.403  1.00 14.17 ? 65  TYR A OH  1 
ATOM   347  N  N   . ASN A 1 39  ? 4.070   11.907  6.517   1.00 18.06 ? 66  ASN A N   1 
ATOM   348  C  CA  . ASN A 1 39  ? 4.275   12.668  7.777   1.00 19.59 ? 66  ASN A CA  1 
ATOM   349  C  C   . ASN A 1 39  ? 4.830   14.068  7.491   1.00 24.34 ? 66  ASN A C   1 
ATOM   350  O  O   . ASN A 1 39  ? 5.102   14.439  6.330   1.00 21.97 ? 66  ASN A O   1 
ATOM   351  C  CB  . ASN A 1 39  ? 5.136   11.871  8.755   1.00 19.96 ? 66  ASN A CB  1 
ATOM   352  C  CG  . ASN A 1 39  ? 6.547   11.665  8.317   1.00 17.95 ? 66  ASN A CG  1 
ATOM   353  O  OD1 . ASN A 1 39  ? 7.125   12.456  7.569   1.00 21.13 ? 66  ASN A OD1 1 
ATOM   354  N  ND2 . ASN A 1 39  ? 7.175   10.582  8.805   1.00 20.62 ? 66  ASN A ND2 1 
ATOM   355  N  N   . GLU A 1 40  ? 5.015   14.843  8.563   1.00 28.11 ? 67  GLU A N   1 
ATOM   356  C  CA  A GLU A 1 40  ? 5.473   16.240  8.435   0.50 29.87 ? 67  GLU A CA  1 
ATOM   357  C  CA  B GLU A 1 40  ? 5.459   16.238  8.430   0.50 29.90 ? 67  GLU A CA  1 
ATOM   358  C  C   . GLU A 1 40  ? 6.873   16.350  7.851   1.00 27.77 ? 67  GLU A C   1 
ATOM   359  O  O   . GLU A 1 40  ? 7.266   17.402  7.346   1.00 32.13 ? 67  GLU A O   1 
ATOM   360  C  CB  A GLU A 1 40  ? 5.402   16.957  9.804   0.50 31.92 ? 67  GLU A CB  1 
ATOM   361  C  CB  B GLU A 1 40  ? 5.345   16.952  9.798   0.50 32.04 ? 67  GLU A CB  1 
ATOM   362  C  CG  A GLU A 1 40  ? 6.425   16.487  10.837  0.50 34.07 ? 67  GLU A CG  1 
ATOM   363  C  CG  B GLU A 1 40  ? 3.897   17.127  10.296  0.50 34.18 ? 67  GLU A CG  1 
ATOM   364  C  CD  A GLU A 1 40  ? 6.309   17.247  12.167  0.50 38.00 ? 67  GLU A CD  1 
ATOM   365  C  CD  B GLU A 1 40  ? 3.818   17.530  11.773  0.50 39.06 ? 67  GLU A CD  1 
ATOM   366  O  OE1 A GLU A 1 40  ? 5.894   18.435  12.143  0.50 37.49 ? 67  GLU A OE1 1 
ATOM   367  O  OE1 B GLU A 1 40  ? 4.752   17.187  12.541  0.50 41.48 ? 67  GLU A OE1 1 
ATOM   368  O  OE2 A GLU A 1 40  ? 6.641   16.654  13.219  0.50 38.78 ? 67  GLU A OE2 1 
ATOM   369  O  OE2 B GLU A 1 40  ? 2.828   18.187  12.165  0.50 41.45 ? 67  GLU A OE2 1 
ATOM   370  N  N   . ASN A 1 41  ? 7.662   15.281  7.903   1.00 27.59 ? 68  ASN A N   1 
ATOM   371  C  CA  . ASN A 1 41  ? 8.965   15.257  7.290   1.00 27.01 ? 68  ASN A CA  1 
ATOM   372  C  C   . ASN A 1 41  ? 8.970   14.825  5.832   1.00 25.55 ? 68  ASN A C   1 
ATOM   373  O  O   . ASN A 1 41  ? 10.030  14.686  5.213   1.00 25.13 ? 68  ASN A O   1 
ATOM   374  C  CB  . ASN A 1 41  ? 9.904   14.382  8.084   1.00 32.84 ? 68  ASN A CB  1 
ATOM   375  C  CG  . ASN A 1 41  ? 10.104  14.902  9.493   1.00 39.79 ? 68  ASN A CG  1 
ATOM   376  O  OD1 . ASN A 1 41  ? 9.962   16.115  9.755   1.00 43.22 ? 68  ASN A OD1 1 
ATOM   377  N  ND2 . ASN A 1 41  ? 10.400  13.992  10.411  1.00 39.71 ? 68  ASN A ND2 1 
ATOM   378  N  N   . GLY A 1 42  ? 7.783   14.544  5.306   1.00 24.30 ? 69  GLY A N   1 
ATOM   379  C  CA  . GLY A 1 42  ? 7.692   14.184  3.907   1.00 22.70 ? 69  GLY A CA  1 
ATOM   380  C  C   . GLY A 1 42  ? 7.994   12.727  3.619   1.00 20.32 ? 69  GLY A C   1 
ATOM   381  O  O   . GLY A 1 42  ? 8.209   12.340  2.476   1.00 20.02 ? 69  GLY A O   1 
ATOM   382  N  N   . LYS A 1 43  ? 8.010   11.903  4.667   1.00 19.28 ? 70  LYS A N   1 
ATOM   383  C  CA  . LYS A 1 43  ? 8.182   10.476  4.508   1.00 19.46 ? 70  LYS A CA  1 
ATOM   384  C  C   . LYS A 1 43  ? 6.825   9.741   4.617   1.00 16.73 ? 70  LYS A C   1 
ATOM   385  O  O   . LYS A 1 43  ? 5.911   10.179  5.295   1.00 16.63 ? 70  LYS A O   1 
ATOM   386  C  CB  . LYS A 1 43  ? 9.157   9.911   5.551   1.00 23.25 ? 70  LYS A CB  1 
ATOM   387  C  CG  . LYS A 1 43  ? 10.568  10.569  5.475   1.00 29.34 ? 70  LYS A CG  1 
ATOM   388  C  CD  . LYS A 1 43  ? 11.653  9.655   6.050   1.00 38.22 ? 70  LYS A CD  1 
ATOM   389  C  CE  . LYS A 1 43  ? 12.854  10.421  6.664   1.00 47.84 ? 70  LYS A CE  1 
ATOM   390  N  NZ  . LYS A 1 43  ? 12.912  10.314  8.193   1.00 48.43 ? 70  LYS A NZ  1 
ATOM   391  N  N   . VAL A 1 44  ? 6.749   8.585   3.968   1.00 15.90 ? 71  VAL A N   1 
ATOM   392  C  CA  . VAL A 1 44  ? 5.470   7.872   3.972   1.00 16.60 ? 71  VAL A CA  1 
ATOM   393  C  C   . VAL A 1 44  ? 5.093   7.449   5.391   1.00 17.26 ? 71  VAL A C   1 
ATOM   394  O  O   . VAL A 1 44  ? 5.908   6.841   6.097   1.00 17.39 ? 71  VAL A O   1 
ATOM   395  C  CB  . VAL A 1 44  ? 5.508   6.582   3.116   1.00 17.76 ? 71  VAL A CB  1 
ATOM   396  C  CG1 . VAL A 1 44  ? 4.158   5.832   3.236   1.00 17.91 ? 71  VAL A CG1 1 
ATOM   397  C  CG2 . VAL A 1 44  ? 5.807   6.821   1.752   1.00 20.51 ? 71  VAL A CG2 1 
ATOM   398  N  N   . SER A 1 45  ? 3.901   7.766   5.796   1.00 15.44 ? 72  SER A N   1 
ATOM   399  C  CA  . SER A 1 45  ? 3.381   7.446   7.133   1.00 16.60 ? 72  SER A CA  1 
ATOM   400  C  C   . SER A 1 45  ? 2.351   6.324   7.095   1.00 16.89 ? 72  SER A C   1 
ATOM   401  O  O   . SER A 1 45  ? 2.187   5.596   8.066   1.00 16.18 ? 72  SER A O   1 
ATOM   402  C  CB  . SER A 1 45  ? 2.765   8.678   7.737   1.00 16.57 ? 72  SER A CB  1 
ATOM   403  O  OG  . SER A 1 45  ? 1.733   9.225   6.944   1.00 18.68 ? 72  SER A OG  1 
ATOM   404  N  N   . GLU A 1 46  ? 1.679   6.163   5.946   1.00 15.90 ? 73  GLU A N   1 
ATOM   405  C  CA  . GLU A 1 46  ? 0.650   5.171   5.816   1.00 16.40 ? 73  GLU A CA  1 
ATOM   406  C  C   . GLU A 1 46  ? 0.537   4.720   4.359   1.00 14.92 ? 73  GLU A C   1 
ATOM   407  O  O   . GLU A 1 46  ? 0.599   5.554   3.462   1.00 15.59 ? 73  GLU A O   1 
ATOM   408  C  CB  . GLU A 1 46  ? -0.679  5.719   6.296   1.00 18.31 ? 73  GLU A CB  1 
ATOM   409  C  CG  . GLU A 1 46  ? -1.797  4.662   6.360   1.00 20.88 ? 73  GLU A CG  1 
ATOM   410  C  CD  . GLU A 1 46  ? -3.174  5.269   6.366   1.00 32.69 ? 73  GLU A CD  1 
ATOM   411  O  OE1 . GLU A 1 46  ? -3.670  5.679   7.438   1.00 34.78 ? 73  GLU A OE1 1 
ATOM   412  O  OE2 . GLU A 1 46  ? -3.758  5.352   5.263   1.00 42.06 ? 73  GLU A OE2 1 
ATOM   413  N  N   . LYS A 1 47  ? 0.410   3.412   4.163   1.00 12.68 ? 74  LYS A N   1 
ATOM   414  C  CA  . LYS A 1 47  ? 0.178   2.791   2.854   1.00 12.25 ? 74  LYS A CA  1 
ATOM   415  C  C   . LYS A 1 47  ? -1.081  1.939   3.006   1.00 12.66 ? 74  LYS A C   1 
ATOM   416  O  O   . LYS A 1 47  ? -1.127  1.056   3.871   1.00 13.93 ? 74  LYS A O   1 
ATOM   417  C  CB  . LYS A 1 47  ? 1.341   1.970   2.388   1.00 12.60 ? 74  LYS A CB  1 
ATOM   418  C  CG  . LYS A 1 47  ? 1.158   1.149   1.123   1.00 13.63 ? 74  LYS A CG  1 
ATOM   419  C  CD  . LYS A 1 47  ? 2.381   0.328   0.839   1.00 14.61 ? 74  LYS A CD  1 
ATOM   420  C  CE  . LYS A 1 47  ? 2.333   -0.353  -0.480  1.00 15.62 ? 74  LYS A CE  1 
ATOM   421  N  NZ  . LYS A 1 47  ? 3.602   -1.056  -0.733  1.00 16.99 ? 74  LYS A NZ  1 
ATOM   422  N  N   . LYS A 1 48  ? -2.087  2.179   2.191   1.00 11.59 ? 75  LYS A N   1 
ATOM   423  C  CA  . LYS A 1 48  ? -3.273  1.341   2.119   1.00 12.51 ? 75  LYS A CA  1 
ATOM   424  C  C   . LYS A 1 48  ? -3.311  0.618   0.801   1.00 13.89 ? 75  LYS A C   1 
ATOM   425  O  O   . LYS A 1 48  ? -3.017  1.224   -0.239  1.00 14.29 ? 75  LYS A O   1 
ATOM   426  C  CB  . LYS A 1 48  ? -4.515  2.156   2.260   1.00 16.37 ? 75  LYS A CB  1 
ATOM   427  C  CG  . LYS A 1 48  ? -4.829  2.585   3.621   1.00 22.18 ? 75  LYS A CG  1 
ATOM   428  C  CD  . LYS A 1 48  ? -6.242  3.253   3.572   1.00 27.11 ? 75  LYS A CD  1 
ATOM   429  C  CE  . LYS A 1 48  ? -6.554  3.889   4.855   1.00 32.12 ? 75  LYS A CE  1 
ATOM   430  N  NZ  . LYS A 1 48  ? -7.950  4.315   4.871   1.00 35.97 ? 75  LYS A NZ  1 
ATOM   431  N  N   . ALA A 1 49  ? -3.604  -0.658  0.834   1.00 11.26 ? 76  ALA A N   1 
ATOM   432  C  CA  . ALA A 1 49  ? -3.699  -1.494  -0.347  1.00 11.50 ? 76  ALA A CA  1 
ATOM   433  C  C   . ALA A 1 49  ? -5.170  -1.917  -0.482  1.00 12.43 ? 76  ALA A C   1 
ATOM   434  O  O   . ALA A 1 49  ? -5.799  -2.326  0.540   1.00 12.60 ? 76  ALA A O   1 
ATOM   435  C  CB  . ALA A 1 49  ? -2.836  -2.709  -0.270  1.00 12.60 ? 76  ALA A CB  1 
ATOM   436  N  N   . PHE A 1 50  ? -5.696  -1.846  -1.707  1.00 11.22 ? 77  PHE A N   1 
ATOM   437  C  CA  . PHE A 1 50  ? -7.048  -2.237  -2.046  1.00 11.61 ? 77  PHE A CA  1 
ATOM   438  C  C   . PHE A 1 50  ? -7.017  -3.356  -3.074  1.00 11.34 ? 77  PHE A C   1 
ATOM   439  O  O   . PHE A 1 50  ? -6.196  -3.336  -4.007  1.00 10.62 ? 77  PHE A O   1 
ATOM   440  C  CB  . PHE A 1 50  ? -7.803  -1.055  -2.641  1.00 10.84 ? 77  PHE A CB  1 
ATOM   441  C  CG  . PHE A 1 50  ? -7.914  0.147   -1.759  1.00 12.00 ? 77  PHE A CG  1 
ATOM   442  C  CD1 . PHE A 1 50  ? -6.833  1.016   -1.592  1.00 13.18 ? 77  PHE A CD1 1 
ATOM   443  C  CD2 . PHE A 1 50  ? -9.103  0.429   -1.067  1.00 13.99 ? 77  PHE A CD2 1 
ATOM   444  C  CE1 . PHE A 1 50  ? -6.931  2.123   -0.782  1.00 13.80 ? 77  PHE A CE1 1 
ATOM   445  C  CE2 . PHE A 1 50  ? -9.176  1.533   -0.241  1.00 14.82 ? 77  PHE A CE2 1 
ATOM   446  C  CZ  . PHE A 1 50  ? -8.094  2.377   -0.102  1.00 14.74 ? 77  PHE A CZ  1 
ATOM   447  N  N   . ARG A 1 51  ? -7.949  -4.301  -2.940  1.00 12.15 ? 78  ARG A N   1 
ATOM   448  C  CA  . ARG A 1 51  ? -8.164  -5.349  -3.940  1.00 12.53 ? 78  ARG A CA  1 
ATOM   449  C  C   . ARG A 1 51  ? -9.314  -4.892  -4.866  1.00 11.87 ? 78  ARG A C   1 
ATOM   450  O  O   . ARG A 1 51  ? -10.171 -4.089  -4.478  1.00 12.56 ? 78  ARG A O   1 
ATOM   451  C  CB  . ARG A 1 51  ? -8.488  -6.693  -3.289  1.00 15.42 ? 78  ARG A CB  1 
ATOM   452  C  CG  . ARG A 1 51  ? -9.782  -6.699  -2.516  1.00 18.89 ? 78  ARG A CG  1 
ATOM   453  C  CD  . ARG A 1 51  ? -10.014 -8.119  -1.875  1.00 20.80 ? 78  ARG A CD  1 
ATOM   454  N  NE  . ARG A 1 51  ? -11.227 -8.048  -1.104  1.00 26.48 ? 78  ARG A NE  1 
ATOM   455  C  CZ  . ARG A 1 51  ? -12.441 -8.162  -1.621  1.00 26.00 ? 78  ARG A CZ  1 
ATOM   456  N  NH1 . ARG A 1 51  ? -12.597 -8.487  -2.869  1.00 27.01 ? 78  ARG A NH1 1 
ATOM   457  N  NH2 . ARG A 1 51  ? -13.514 -8.050  -0.830  1.00 32.78 ? 78  ARG A NH2 1 
ATOM   458  N  N   . TRP A 1 52  ? -9.320  -5.447  -6.057  1.00 12.50 ? 79  TRP A N   1 
ATOM   459  C  CA  . TRP A 1 52  ? -10.373 -5.136  -7.037  1.00 12.42 ? 79  TRP A CA  1 
ATOM   460  C  C   . TRP A 1 52  ? -11.411 -6.239  -6.913  1.00 12.37 ? 79  TRP A C   1 
ATOM   461  O  O   . TRP A 1 52  ? -11.181 -7.408  -7.248  1.00 13.08 ? 79  TRP A O   1 
ATOM   462  C  CB  . TRP A 1 52  ? -9.852  -5.017  -8.438  1.00 11.79 ? 79  TRP A CB  1 
ATOM   463  C  CG  . TRP A 1 52  ? -10.866 -4.656  -9.430  1.00 12.50 ? 79  TRP A CG  1 
ATOM   464  C  CD1 . TRP A 1 52  ? -11.366 -5.480  -10.377 1.00 14.93 ? 79  TRP A CD1 1 
ATOM   465  C  CD2 . TRP A 1 52  ? -11.505 -3.390  -9.601  1.00 12.53 ? 79  TRP A CD2 1 
ATOM   466  N  NE1 . TRP A 1 52  ? -12.278 -4.811  -11.135 1.00 14.74 ? 79  TRP A NE1 1 
ATOM   467  C  CE2 . TRP A 1 52  ? -12.380 -3.517  -10.699 1.00 13.33 ? 79  TRP A CE2 1 
ATOM   468  C  CE3 . TRP A 1 52  ? -11.441 -2.158  -8.944  1.00 14.30 ? 79  TRP A CE3 1 
ATOM   469  C  CZ2 . TRP A 1 52  ? -13.153 -2.455  -11.129 1.00 15.03 ? 79  TRP A CZ2 1 
ATOM   470  C  CZ3 . TRP A 1 52  ? -12.176 -1.134  -9.377  1.00 14.46 ? 79  TRP A CZ3 1 
ATOM   471  C  CH2 . TRP A 1 52  ? -13.078 -1.292  -10.439 1.00 15.58 ? 79  TRP A CH2 1 
ATOM   472  N  N   . ASP A 1 53  ? -12.595 -5.852  -6.459  1.00 13.57 ? 80  ASP A N   1 
ATOM   473  C  CA  A ASP A 1 53  ? -13.713 -6.805  -6.388  0.50 14.33 ? 80  ASP A CA  1 
ATOM   474  C  CA  B ASP A 1 53  ? -13.751 -6.775  -6.385  0.50 14.38 ? 80  ASP A CA  1 
ATOM   475  C  C   . ASP A 1 53  ? -14.460 -6.852  -7.725  1.00 13.92 ? 80  ASP A C   1 
ATOM   476  O  O   . ASP A 1 53  ? -15.065 -5.892  -8.164  1.00 15.06 ? 80  ASP A O   1 
ATOM   477  C  CB  A ASP A 1 53  ? -14.609 -6.427  -5.224  0.50 14.94 ? 80  ASP A CB  1 
ATOM   478  C  CB  B ASP A 1 53  ? -14.699 -6.241  -5.339  0.50 15.30 ? 80  ASP A CB  1 
ATOM   479  C  CG  A ASP A 1 53  ? -15.753 -7.400  -5.035  0.50 16.68 ? 80  ASP A CG  1 
ATOM   480  C  CG  B ASP A 1 53  ? -15.949 -7.087  -5.182  0.50 16.85 ? 80  ASP A CG  1 
ATOM   481  O  OD1 A ASP A 1 53  ? -16.552 -7.491  -5.984  0.50 16.16 ? 80  ASP A OD1 1 
ATOM   482  O  OD1 B ASP A 1 53  ? -16.060 -8.165  -5.816  0.50 17.22 ? 80  ASP A OD1 1 
ATOM   483  O  OD2 A ASP A 1 53  ? -15.799 -8.063  -3.974  0.50 17.57 ? 80  ASP A OD2 1 
ATOM   484  O  OD2 B ASP A 1 53  ? -16.767 -6.671  -4.366  0.50 20.07 ? 80  ASP A OD2 1 
ATOM   485  N  N   . ARG A 1 54  ? -14.343 -7.989  -8.404  1.00 15.30 ? 81  ARG A N   1 
ATOM   486  C  CA  . ARG A 1 54  ? -14.889 -8.123  -9.759  1.00 16.19 ? 81  ARG A CA  1 
ATOM   487  C  C   . ARG A 1 54  ? -16.396 -8.392  -9.723  1.00 17.21 ? 81  ARG A C   1 
ATOM   488  O  O   . ARG A 1 54  ? -17.048 -8.147  -10.739 1.00 18.98 ? 81  ARG A O   1 
ATOM   489  C  CB  . ARG A 1 54  ? -14.229 -9.288  -10.522 1.00 19.09 ? 81  ARG A CB  1 
ATOM   490  C  CG  . ARG A 1 54  ? -12.691 -9.125  -10.625 1.00 22.12 ? 81  ARG A CG  1 
ATOM   491  C  CD  . ARG A 1 54  ? -12.046 -10.275 -11.387 1.00 24.35 ? 81  ARG A CD  1 
ATOM   492  N  NE  . ARG A 1 54  ? -12.392 -10.175 -12.801 1.00 26.79 ? 81  ARG A NE  1 
ATOM   493  C  CZ  . ARG A 1 54  ? -12.242 -11.166 -13.702 1.00 30.96 ? 81  ARG A CZ  1 
ATOM   494  N  NH1 . ARG A 1 54  ? -11.809 -12.342 -13.320 1.00 32.22 ? 81  ARG A NH1 1 
ATOM   495  N  NH2 . ARG A 1 54  ? -12.578 -10.971 -14.968 1.00 31.31 ? 81  ARG A NH2 1 
ATOM   496  N  N   . THR A 1 55  ? -16.903 -8.850  -8.603  1.00 17.29 ? 82  THR A N   1 
ATOM   497  C  CA  . THR A 1 55  ? -18.383 -9.039  -8.443  1.00 18.38 ? 82  THR A CA  1 
ATOM   498  C  C   . THR A 1 55  ? -19.116 -7.715  -8.496  1.00 19.38 ? 82  THR A C   1 
ATOM   499  O  O   . THR A 1 55  ? -20.154 -7.567  -9.190  1.00 21.59 ? 82  THR A O   1 
ATOM   500  C  CB  . THR A 1 55  ? -18.667 -9.719  -7.179  1.00 21.24 ? 82  THR A CB  1 
ATOM   501  O  OG1 . THR A 1 55  ? -18.026 -10.992 -7.211  1.00 23.51 ? 82  THR A OG1 1 
ATOM   502  C  CG2 . THR A 1 55  ? -20.144 -9.978  -6.994  1.00 22.60 ? 82  THR A CG2 1 
ATOM   503  N  N   . ASN A 1 56  ? -18.544 -6.698  -7.876  1.00 19.02 ? 83  ASN A N   1 
ATOM   504  C  CA  . ASN A 1 56  ? -19.156 -5.384  -7.888  1.00 21.06 ? 83  ASN A CA  1 
ATOM   505  C  C   . ASN A 1 56  ? -18.427 -4.269  -8.673  1.00 19.55 ? 83  ASN A C   1 
ATOM   506  O  O   . ASN A 1 56  ? -18.954 -3.162  -8.737  1.00 20.26 ? 83  ASN A O   1 
ATOM   507  C  CB  . ASN A 1 56  ? -19.228 -4.937  -6.431  1.00 21.91 ? 83  ASN A CB  1 
ATOM   508  C  CG  . ASN A 1 56  ? -19.997 -5.908  -5.598  1.00 24.02 ? 83  ASN A CG  1 
ATOM   509  O  OD1 . ASN A 1 56  ? -21.021 -6.410  -6.044  1.00 28.16 ? 83  ASN A OD1 1 
ATOM   510  N  ND2 . ASN A 1 56  ? -19.564 -6.120  -4.411  1.00 27.83 ? 83  ASN A ND2 1 
ATOM   511  N  N   . ASP A 1 57  ? -17.192 -4.554  -9.206  1.00 19.43 ? 84  ASP A N   1 
ATOM   512  C  CA  . ASP A 1 57  ? -16.223 -3.566  -9.858  1.00 17.39 ? 84  ASP A CA  1 
ATOM   513  C  C   . ASP A 1 57  ? -15.940 -2.348  -8.961  1.00 16.53 ? 84  ASP A C   1 
ATOM   514  O  O   . ASP A 1 57  ? -16.331 -1.197  -9.227  1.00 15.68 ? 84  ASP A O   1 
ATOM   515  C  CB  . ASP A 1 57  ? -16.658 -3.095  -11.257 1.00 18.58 ? 84  ASP A CB  1 
ATOM   516  C  CG  . ASP A 1 57  ? -16.352 -4.096  -12.325 1.00 18.54 ? 84  ASP A CG  1 
ATOM   517  O  OD1 . ASP A 1 57  ? -16.003 -5.241  -11.996 1.00 19.88 ? 84  ASP A OD1 1 
ATOM   518  O  OD2 . ASP A 1 57  ? -16.576 -3.694  -13.496 1.00 23.73 ? 84  ASP A OD2 1 
ATOM   519  N  N   . GLU A 1 58  ? -15.260 -2.634  -7.877  1.00 14.74 ? 85  GLU A N   1 
ATOM   520  C  CA  A GLU A 1 58  ? -14.960 -1.615  -6.896  0.50 15.61 ? 85  GLU A CA  1 
ATOM   521  C  CA  B GLU A 1 58  ? -14.887 -1.586  -6.935  0.50 15.93 ? 85  GLU A CA  1 
ATOM   522  C  C   . GLU A 1 58  ? -13.654 -1.989  -6.162  1.00 14.06 ? 85  GLU A C   1 
ATOM   523  O  O   . GLU A 1 58  ? -13.363 -3.177  -5.960  1.00 14.08 ? 85  GLU A O   1 
ATOM   524  C  CB  A GLU A 1 58  ? -16.169 -1.427  -5.964  0.50 18.88 ? 85  GLU A CB  1 
ATOM   525  C  CB  B GLU A 1 58  ? -15.991 -1.272  -5.953  0.50 19.61 ? 85  GLU A CB  1 
ATOM   526  C  CG  A GLU A 1 58  ? -16.128 -2.110  -4.690  0.50 19.75 ? 85  GLU A CG  1 
ATOM   527  C  CG  B GLU A 1 58  ? -16.527 -2.449  -5.307  0.50 20.23 ? 85  GLU A CG  1 
ATOM   528  C  CD  A GLU A 1 58  ? -17.481 -2.083  -3.880  0.50 23.89 ? 85  GLU A CD  1 
ATOM   529  C  CD  B GLU A 1 58  ? -17.452 -2.144  -4.125  0.50 27.30 ? 85  GLU A CD  1 
ATOM   530  O  OE1 A GLU A 1 58  ? -18.588 -1.954  -4.459  0.50 25.13 ? 85  GLU A OE1 1 
ATOM   531  O  OE1 B GLU A 1 58  ? -17.752 -0.950  -3.832  0.50 30.13 ? 85  GLU A OE1 1 
ATOM   532  O  OE2 A GLU A 1 58  ? -17.374 -2.177  -2.655  0.50 21.03 ? 85  GLU A OE2 1 
ATOM   533  O  OE2 B GLU A 1 58  ? -17.818 -3.130  -3.481  0.50 24.11 ? 85  GLU A OE2 1 
ATOM   534  N  N   . TRP A 1 59  ? -12.936 -0.968  -5.749  1.00 13.00 ? 86  TRP A N   1 
ATOM   535  C  CA  . TRP A 1 59  ? -11.813 -1.152  -4.849  1.00 12.65 ? 86  TRP A CA  1 
ATOM   536  C  C   . TRP A 1 59  ? -12.314 -1.370  -3.430  1.00 14.16 ? 86  TRP A C   1 
ATOM   537  O  O   . TRP A 1 59  ? -13.130 -0.563  -2.919  1.00 15.56 ? 86  TRP A O   1 
ATOM   538  C  CB  . TRP A 1 59  ? -10.923 0.085   -4.910  1.00 12.97 ? 86  TRP A CB  1 
ATOM   539  C  CG  . TRP A 1 59  ? -10.191 0.285   -6.198  1.00 13.18 ? 86  TRP A CG  1 
ATOM   540  C  CD1 . TRP A 1 59  ? -10.364 1.323   -7.063  1.00 13.42 ? 86  TRP A CD1 1 
ATOM   541  C  CD2 . TRP A 1 59  ? -9.161  -0.522  -6.750  1.00 12.22 ? 86  TRP A CD2 1 
ATOM   542  N  NE1 . TRP A 1 59  ? -9.536  1.187   -8.140  1.00 13.91 ? 86  TRP A NE1 1 
ATOM   543  C  CE2 . TRP A 1 59  ? -8.775  0.067   -7.981  1.00 13.31 ? 86  TRP A CE2 1 
ATOM   544  C  CE3 . TRP A 1 59  ? -8.532  -1.705  -6.357  1.00 12.60 ? 86  TRP A CE3 1 
ATOM   545  C  CZ2 . TRP A 1 59  ? -7.807  -0.520  -8.824  1.00 12.62 ? 86  TRP A CZ2 1 
ATOM   546  C  CZ3 . TRP A 1 59  ? -7.548  -2.267  -7.206  1.00 12.92 ? 86  TRP A CZ3 1 
ATOM   547  C  CH2 . TRP A 1 59  ? -7.200  -1.639  -8.401  1.00 12.79 ? 86  TRP A CH2 1 
ATOM   548  N  N   . VAL A 1 60  ? -11.816 -2.416  -2.777  1.00 12.84 ? 87  VAL A N   1 
ATOM   549  C  CA  . VAL A 1 60  ? -12.181 -2.768  -1.412  1.00 13.63 ? 87  VAL A CA  1 
ATOM   550  C  C   . VAL A 1 60  ? -10.866 -2.795  -0.593  1.00 13.66 ? 87  VAL A C   1 
ATOM   551  O  O   . VAL A 1 60  ? -9.880  -3.389  -1.029  1.00 13.54 ? 87  VAL A O   1 
ATOM   552  C  CB  . VAL A 1 60  ? -12.831 -4.131  -1.339  1.00 14.53 ? 87  VAL A CB  1 
ATOM   553  C  CG1 . VAL A 1 60  ? -13.281 -4.404  0.062   1.00 16.28 ? 87  VAL A CG1 1 
ATOM   554  C  CG2 . VAL A 1 60  ? -14.029 -4.169  -2.283  1.00 15.66 ? 87  VAL A CG2 1 
ATOM   555  N  N   . PRO A 1 61  ? -10.874 -2.179  0.590   1.00 13.50 ? 88  PRO A N   1 
ATOM   556  C  CA  . PRO A 1 61  ? -9.646  -2.214  1.394   1.00 14.22 ? 88  PRO A CA  1 
ATOM   557  C  C   . PRO A 1 61  ? -9.199  -3.616  1.703   1.00 13.18 ? 88  PRO A C   1 
ATOM   558  O  O   . PRO A 1 61  ? -10.039 -4.526  1.937   1.00 14.25 ? 88  PRO A O   1 
ATOM   559  C  CB  . PRO A 1 61  ? -10.020 -1.505  2.700   1.00 15.05 ? 88  PRO A CB  1 
ATOM   560  C  CG  . PRO A 1 61  ? -11.307 -0.944  2.512   1.00 17.12 ? 88  PRO A CG  1 
ATOM   561  C  CD  . PRO A 1 61  ? -11.967 -1.484  1.265   1.00 15.93 ? 88  PRO A CD  1 
ATOM   562  N  N   . PHE A 1 62  ? -7.870  -3.832  1.700   1.00 12.88 ? 89  PHE A N   1 
ATOM   563  C  CA  . PHE A 1 62  ? -7.257  -5.098  1.906   1.00 13.97 ? 89  PHE A CA  1 
ATOM   564  C  C   . PHE A 1 62  ? -6.291  -5.103  3.092   1.00 13.73 ? 89  PHE A C   1 
ATOM   565  O  O   . PHE A 1 62  ? -6.441  -5.910  4.017   1.00 13.74 ? 89  PHE A O   1 
ATOM   566  C  CB  . PHE A 1 62  ? -6.564  -5.613  0.616   1.00 16.86 ? 89  PHE A CB  1 
ATOM   567  C  CG  . PHE A 1 62  ? -6.084  -7.004  0.731   1.00 21.07 ? 89  PHE A CG  1 
ATOM   568  C  CD1 . PHE A 1 62  ? -6.964  -8.022  1.057   1.00 23.58 ? 89  PHE A CD1 1 
ATOM   569  C  CD2 . PHE A 1 62  ? -4.776  -7.310  0.563   1.00 28.79 ? 89  PHE A CD2 1 
ATOM   570  C  CE1 . PHE A 1 62  ? -6.539  -9.326  1.211   1.00 29.17 ? 89  PHE A CE1 1 
ATOM   571  C  CE2 . PHE A 1 62  ? -4.325  -8.641  0.719   1.00 31.38 ? 89  PHE A CE2 1 
ATOM   572  C  CZ  . PHE A 1 62  ? -5.214  -9.630  1.054   1.00 30.99 ? 89  PHE A CZ  1 
ATOM   573  N  N   . TYR A 1 63  ? -5.340  -4.170  3.105   1.00 12.34 ? 90  TYR A N   1 
ATOM   574  C  CA  . TYR A 1 63  ? -4.439  -3.989  4.249   1.00 12.91 ? 90  TYR A CA  1 
ATOM   575  C  C   . TYR A 1 63  ? -3.986  -2.586  4.367   1.00 13.25 ? 90  TYR A C   1 
ATOM   576  O  O   . TYR A 1 63  ? -4.129  -1.766  3.448   1.00 13.17 ? 90  TYR A O   1 
ATOM   577  C  CB  . TYR A 1 63  ? -3.247  -4.963  4.237   1.00 14.11 ? 90  TYR A CB  1 
ATOM   578  C  CG  . TYR A 1 63  ? -2.170  -4.738  3.164   1.00 14.76 ? 90  TYR A CG  1 
ATOM   579  C  CD1 . TYR A 1 63  ? -1.336  -3.635  3.245   1.00 15.71 ? 90  TYR A CD1 1 
ATOM   580  C  CD2 . TYR A 1 63  ? -1.997  -5.611  2.131   1.00 16.82 ? 90  TYR A CD2 1 
ATOM   581  C  CE1 . TYR A 1 63  ? -0.282  -3.422  2.302   1.00 16.93 ? 90  TYR A CE1 1 
ATOM   582  C  CE2 . TYR A 1 63  ? -0.933  -5.410  1.182   1.00 16.94 ? 90  TYR A CE2 1 
ATOM   583  C  CZ  . TYR A 1 63  ? -0.129  -4.324  1.311   1.00 16.91 ? 90  TYR A CZ  1 
ATOM   584  O  OH  . TYR A 1 63  ? 0.887   -4.044  0.375   1.00 21.41 ? 90  TYR A OH  1 
ATOM   585  N  N   . GLN A 1 64  ? -3.403  -2.268  5.511   1.00 13.22 ? 91  GLN A N   1 
ATOM   586  C  CA  . GLN A 1 64  ? -2.909  -0.938  5.830   1.00 13.48 ? 91  GLN A CA  1 
ATOM   587  C  C   . GLN A 1 64  ? -1.585  -1.110  6.588   1.00 14.83 ? 91  GLN A C   1 
ATOM   588  O  O   . GLN A 1 64  ? -1.516  -1.913  7.528   1.00 14.81 ? 91  GLN A O   1 
ATOM   589  C  CB  . GLN A 1 64  ? -3.859  -0.162  6.703   1.00 15.13 ? 91  GLN A CB  1 
ATOM   590  C  CG  . GLN A 1 64  ? -3.361  1.191   7.097   1.00 17.36 ? 91  GLN A CG  1 
ATOM   591  C  CD  . GLN A 1 64  ? -4.293  1.895   8.037   1.00 21.49 ? 91  GLN A CD  1 
ATOM   592  O  OE1 . GLN A 1 64  ? -4.402  1.535   9.224   1.00 23.58 ? 91  GLN A OE1 1 
ATOM   593  N  NE2 . GLN A 1 64  ? -4.962  2.906   7.533   1.00 22.60 ? 91  GLN A NE2 1 
ATOM   594  N  N   . ILE A 1 65  ? -0.541  -0.387  6.171   1.00 13.84 ? 92  ILE A N   1 
ATOM   595  C  CA  . ILE A 1 65  ? 0.717   -0.391  6.924   1.00 13.40 ? 92  ILE A CA  1 
ATOM   596  C  C   . ILE A 1 65  ? 0.993   1.040   7.366   1.00 14.30 ? 92  ILE A C   1 
ATOM   597  O  O   . ILE A 1 65  ? 0.789   2.002   6.605   1.00 14.57 ? 92  ILE A O   1 
ATOM   598  C  CB  . ILE A 1 65  ? 1.846   -0.890  6.031   1.00 14.44 ? 92  ILE A CB  1 
ATOM   599  C  CG1 . ILE A 1 65  ? 1.545   -2.255  5.420   1.00 15.80 ? 92  ILE A CG1 1 
ATOM   600  C  CG2 . ILE A 1 65  ? 3.224   -0.851  6.787   1.00 15.06 ? 92  ILE A CG2 1 
ATOM   601  C  CD1 . ILE A 1 65  ? 2.569   -2.791  4.514   1.00 15.87 ? 92  ILE A CD1 1 
ATOM   602  N  N   . THR A 1 66  ? 1.437   1.205   8.625   1.00 14.05 ? 93  THR A N   1 
ATOM   603  C  CA  . THR A 1 66  ? 1.927   2.488   9.105   1.00 15.24 ? 93  THR A CA  1 
ATOM   604  C  C   . THR A 1 66  ? 3.426   2.390   9.432   1.00 13.98 ? 93  THR A C   1 
ATOM   605  O  O   . THR A 1 66  ? 3.939   1.311   9.694   1.00 15.38 ? 93  THR A O   1 
ATOM   606  C  CB  . THR A 1 66  ? 1.158   3.034   10.314  1.00 16.91 ? 93  THR A CB  1 
ATOM   607  O  OG1 . THR A 1 66  ? 1.217   2.073   11.361  1.00 18.78 ? 93  THR A OG1 1 
ATOM   608  C  CG2 . THR A 1 66  ? -0.283  3.320   9.972   1.00 17.44 ? 93  THR A CG2 1 
ATOM   609  N  N   . TYR A 1 67  ? 4.094   3.507   9.264   1.00 14.79 ? 94  TYR A N   1 
ATOM   610  C  CA  . TYR A 1 67  ? 5.602   3.569   9.276   1.00 15.72 ? 94  TYR A CA  1 
ATOM   611  C  C   . TYR A 1 67  ? 6.055   4.593   10.296  1.00 16.51 ? 94  TYR A C   1 
ATOM   612  O  O   . TYR A 1 67  ? 5.575   5.698   10.332  1.00 18.76 ? 94  TYR A O   1 
ATOM   613  C  CB  . TYR A 1 67  ? 6.179   3.952   7.920   1.00 16.42 ? 94  TYR A CB  1 
ATOM   614  C  CG  . TYR A 1 67  ? 5.717   3.058   6.815   1.00 14.67 ? 94  TYR A CG  1 
ATOM   615  C  CD1 . TYR A 1 67  ? 4.495   3.313   6.156   1.00 16.10 ? 94  TYR A CD1 1 
ATOM   616  C  CD2 . TYR A 1 67  ? 6.472   1.987   6.386   1.00 15.12 ? 94  TYR A CD2 1 
ATOM   617  C  CE1 . TYR A 1 67  ? 4.057   2.442   5.146   1.00 14.83 ? 94  TYR A CE1 1 
ATOM   618  C  CE2 . TYR A 1 67  ? 6.030   1.101   5.378   1.00 15.51 ? 94  TYR A CE2 1 
ATOM   619  C  CZ  . TYR A 1 67  ? 4.813   1.349   4.768   1.00 14.98 ? 94  TYR A CZ  1 
ATOM   620  O  OH  . TYR A 1 67  ? 4.426   0.525   3.768   1.00 15.81 ? 94  TYR A OH  1 
ATOM   621  N  N   . GLN A 1 68  ? 7.008   4.158   11.140  1.00 18.77 ? 95  GLN A N   1 
ATOM   622  C  CA  . GLN A 1 68  ? 7.689   5.032   12.113  1.00 20.67 ? 95  GLN A CA  1 
ATOM   623  C  C   . GLN A 1 68  ? 9.216   5.008   11.904  1.00 18.93 ? 95  GLN A C   1 
ATOM   624  O  O   . GLN A 1 68  ? 9.800   3.988   11.580  1.00 21.52 ? 95  GLN A O   1 
ATOM   625  C  CB  . GLN A 1 68  ? 7.362   4.539   13.495  1.00 24.80 ? 95  GLN A CB  1 
ATOM   626  C  CG  . GLN A 1 68  ? 5.945   4.679   13.868  1.00 31.17 ? 95  GLN A CG  1 
ATOM   627  C  CD  . GLN A 1 68  ? 5.768   4.244   15.304  1.00 40.76 ? 95  GLN A CD  1 
ATOM   628  O  OE1 . GLN A 1 68  ? 5.978   3.068   15.643  1.00 45.20 ? 95  GLN A OE1 1 
ATOM   629  N  NE2 . GLN A 1 68  ? 5.435   5.199   16.166  1.00 46.58 ? 95  GLN A NE2 1 
ATOM   630  N  N   . TYR A 1 69  ? 9.808   6.202   12.014  1.00 21.62 ? 96  TYR A N   1 
ATOM   631  C  CA  . TYR A 1 69  ? 11.189  6.485   11.650  1.00 22.22 ? 96  TYR A CA  1 
ATOM   632  C  C   . TYR A 1 69  ? 11.992  6.895   12.902  1.00 26.15 ? 96  TYR A C   1 
ATOM   633  O  O   . TYR A 1 69  ? 11.470  7.581   13.769  1.00 28.27 ? 96  TYR A O   1 
ATOM   634  C  CB  . TYR A 1 69  ? 11.252  7.627   10.631  1.00 23.51 ? 96  TYR A CB  1 
ATOM   635  C  CG  . TYR A 1 69  ? 10.519  7.221   9.360   1.00 20.28 ? 96  TYR A CG  1 
ATOM   636  C  CD1 . TYR A 1 69  ? 11.171  6.541   8.353   1.00 19.72 ? 96  TYR A CD1 1 
ATOM   637  C  CD2 . TYR A 1 69  ? 9.158   7.510   9.232   1.00 21.02 ? 96  TYR A CD2 1 
ATOM   638  C  CE1 . TYR A 1 69  ? 10.490  6.127   7.208   1.00 20.69 ? 96  TYR A CE1 1 
ATOM   639  C  CE2 . TYR A 1 69  ? 8.485   7.134   8.064   1.00 18.50 ? 96  TYR A CE2 1 
ATOM   640  C  CZ  . TYR A 1 69  ? 9.143   6.420   7.104   1.00 19.30 ? 96  TYR A CZ  1 
ATOM   641  O  OH  . TYR A 1 69  ? 8.489   5.993   5.915   1.00 18.49 ? 96  TYR A OH  1 
ATOM   642  N  N   . ASP A 1 70  ? 13.242  6.517   12.900  1.00 34.74 ? 97  ASP A N   1 
ATOM   643  C  CA  . ASP A 1 70  ? 14.150  6.748   14.052  1.00 45.65 ? 97  ASP A CA  1 
ATOM   644  C  C   . ASP A 1 70  ? 15.438  7.365   13.496  1.00 50.05 ? 97  ASP A C   1 
ATOM   645  O  O   . ASP A 1 70  ? 15.962  6.894   12.486  1.00 48.87 ? 97  ASP A O   1 
ATOM   646  C  CB  . ASP A 1 70  ? 14.382  5.385   14.709  1.00 48.97 ? 97  ASP A CB  1 
ATOM   647  C  CG  . ASP A 1 70  ? 15.246  5.433   15.948  1.00 58.91 ? 97  ASP A CG  1 
ATOM   648  O  OD1 . ASP A 1 70  ? 15.770  6.507   16.311  1.00 60.58 ? 97  ASP A OD1 1 
ATOM   649  O  OD2 . ASP A 1 70  ? 15.405  4.341   16.552  1.00 63.34 ? 97  ASP A OD2 1 
ATOM   650  N  N   . ASP A 1 71  ? 15.938  8.415   14.156  1.00 61.60 ? 98  ASP A N   1 
ATOM   651  C  CA  . ASP A 1 71  ? 17.178  9.127   13.733  1.00 65.00 ? 98  ASP A CA  1 
ATOM   652  C  C   . ASP A 1 71  ? 18.389  8.195   13.552  1.00 65.15 ? 98  ASP A C   1 
ATOM   653  O  O   . ASP A 1 71  ? 19.021  8.180   12.494  1.00 74.87 ? 98  ASP A O   1 
ATOM   654  C  CB  . ASP A 1 71  ? 17.536  10.251  14.730  1.00 62.34 ? 98  ASP A CB  1 
ATOM   655  N  N   . GLN A 1 72  ? 18.673  7.391   14.569  1.00 62.76 ? 99  GLN A N   1 
ATOM   656  C  CA  . GLN A 1 72  ? 19.949  6.682   14.667  1.00 57.66 ? 99  GLN A CA  1 
ATOM   657  C  C   . GLN A 1 72  ? 19.894  5.188   14.297  1.00 51.83 ? 99  GLN A C   1 
ATOM   658  O  O   . GLN A 1 72  ? 20.920  4.513   14.276  1.00 52.02 ? 99  GLN A O   1 
ATOM   659  C  CB  . GLN A 1 72  ? 20.476  6.828   16.103  1.00 55.28 ? 99  GLN A CB  1 
ATOM   660  N  N   . SER A 1 73  ? 18.714  4.655   14.001  1.00 43.25 ? 100 SER A N   1 
ATOM   661  C  CA  . SER A 1 73  ? 18.564  3.209   13.922  1.00 38.07 ? 100 SER A CA  1 
ATOM   662  C  C   . SER A 1 73  ? 18.909  2.609   12.568  1.00 29.14 ? 100 SER A C   1 
ATOM   663  O  O   . SER A 1 73  ? 19.188  1.409   12.466  1.00 30.59 ? 100 SER A O   1 
ATOM   664  C  CB  . SER A 1 73  ? 17.107  2.817   14.241  1.00 42.79 ? 100 SER A CB  1 
ATOM   665  O  OG  . SER A 1 73  ? 16.246  3.339   13.224  1.00 41.55 ? 100 SER A OG  1 
ATOM   666  N  N   . GLY A 1 74  ? 18.761  3.398   11.520  1.00 30.15 ? 101 GLY A N   1 
ATOM   667  C  CA  . GLY A 1 74  ? 18.843  2.845   10.149  1.00 27.67 ? 101 GLY A CA  1 
ATOM   668  C  C   . GLY A 1 74  ? 17.687  1.906   9.799   1.00 27.86 ? 101 GLY A C   1 
ATOM   669  O  O   . GLY A 1 74  ? 17.807  1.097   8.877   1.00 27.05 ? 101 GLY A O   1 
ATOM   670  N  N   . GLU A 1 75  ? 16.603  1.994   10.565  1.00 28.50 ? 102 GLU A N   1 
ATOM   671  C  CA  . GLU A 1 75  ? 15.498  1.020   10.476  1.00 29.29 ? 102 GLU A CA  1 
ATOM   672  C  C   . GLU A 1 75  ? 14.150  1.763   10.466  1.00 25.30 ? 102 GLU A C   1 
ATOM   673  O  O   . GLU A 1 75  ? 13.983  2.814   11.070  1.00 24.89 ? 102 GLU A O   1 
ATOM   674  C  CB  . GLU A 1 75  ? 15.545  0.022   11.624  1.00 33.71 ? 102 GLU A CB  1 
ATOM   675  C  CG  . GLU A 1 75  ? 16.724  -0.977  11.499  1.00 41.51 ? 102 GLU A CG  1 
ATOM   676  C  CD  . GLU A 1 75  ? 16.828  -1.943  12.684  1.00 49.96 ? 102 GLU A CD  1 
ATOM   677  O  OE1 . GLU A 1 75  ? 16.280  -1.632  13.767  1.00 54.05 ? 102 GLU A OE1 1 
ATOM   678  O  OE2 . GLU A 1 75  ? 17.463  -3.010  12.516  1.00 56.76 ? 102 GLU A OE2 1 
ATOM   679  N  N   . ILE A 1 76  ? 13.241  1.228   9.683   1.00 23.53 ? 103 ILE A N   1 
ATOM   680  C  CA  . ILE A 1 76  ? 11.874  1.708   9.674   1.00 22.31 ? 103 ILE A CA  1 
ATOM   681  C  C   . ILE A 1 76  ? 10.977  0.656   10.376  1.00 18.99 ? 103 ILE A C   1 
ATOM   682  O  O   . ILE A 1 76  ? 11.011  -0.502  10.012  1.00 21.83 ? 103 ILE A O   1 
ATOM   683  C  CB  . ILE A 1 76  ? 11.410  1.935   8.200   1.00 20.43 ? 103 ILE A CB  1 
ATOM   684  C  CG1 . ILE A 1 76  ? 12.350  2.896   7.448   1.00 21.73 ? 103 ILE A CG1 1 
ATOM   685  C  CG2 . ILE A 1 76  ? 10.025  2.503   8.181   1.00 21.12 ? 103 ILE A CG2 1 
ATOM   686  C  CD1 . ILE A 1 76  ? 12.213  2.817   5.921   1.00 22.55 ? 103 ILE A CD1 1 
ATOM   687  N  N   . LYS A 1 77  ? 10.208  1.095   11.345  1.00 19.74 ? 104 LYS A N   1 
ATOM   688  C  CA  A LYS A 1 77  ? 9.289   0.229   12.091  0.50 21.06 ? 104 LYS A CA  1 
ATOM   689  C  CA  B LYS A 1 77  ? 9.294   0.219   12.082  0.50 21.11 ? 104 LYS A CA  1 
ATOM   690  C  C   . LYS A 1 77  ? 7.911   0.268   11.415  1.00 18.74 ? 104 LYS A C   1 
ATOM   691  O  O   . LYS A 1 77  ? 7.355   1.353   11.234  1.00 21.07 ? 104 LYS A O   1 
ATOM   692  C  CB  A LYS A 1 77  ? 9.171   0.688   13.533  0.50 24.53 ? 104 LYS A CB  1 
ATOM   693  C  CB  B LYS A 1 77  ? 9.195   0.641   13.533  0.50 24.64 ? 104 LYS A CB  1 
ATOM   694  C  CG  A LYS A 1 77  ? 10.411  0.328   14.349  0.50 28.75 ? 104 LYS A CG  1 
ATOM   695  C  CG  B LYS A 1 77  ? 10.453  0.267   14.314  0.50 28.84 ? 104 LYS A CG  1 
ATOM   696  C  CD  A LYS A 1 77  ? 10.301  0.818   15.793  0.50 33.01 ? 104 LYS A CD  1 
ATOM   697  C  CD  B LYS A 1 77  ? 10.417  0.814   15.737  0.50 33.09 ? 104 LYS A CD  1 
ATOM   698  C  CE  A LYS A 1 77  ? 11.508  0.341   16.627  0.50 37.71 ? 104 LYS A CE  1 
ATOM   699  C  CE  B LYS A 1 77  ? 11.721  0.479   16.499  0.50 37.45 ? 104 LYS A CE  1 
ATOM   700  N  NZ  A LYS A 1 77  ? 11.352  0.581   18.098  0.50 37.74 ? 104 LYS A NZ  1 
ATOM   701  N  NZ  B LYS A 1 77  ? 11.933  -1.002  16.704  0.50 37.38 ? 104 LYS A NZ  1 
ATOM   702  N  N   . THR A 1 78  ? 7.441   -0.885  11.011  1.00 18.87 ? 105 THR A N   1 
ATOM   703  C  CA  . THR A 1 78  ? 6.159   -0.991  10.279  1.00 18.88 ? 105 THR A CA  1 
ATOM   704  C  C   . THR A 1 78  ? 5.144   -1.807  11.053  1.00 18.90 ? 105 THR A C   1 
ATOM   705  O  O   . THR A 1 78  ? 5.479   -2.796  11.710  1.00 20.81 ? 105 THR A O   1 
ATOM   706  C  CB  . THR A 1 78  ? 6.312   -1.567  8.860   1.00 21.95 ? 105 THR A CB  1 
ATOM   707  O  OG1 . THR A 1 78  ? 6.548   -2.984  8.907   1.00 25.14 ? 105 THR A OG1 1 
ATOM   708  C  CG2 . THR A 1 78  ? 7.453   -0.829  8.122   1.00 23.58 ? 105 THR A CG2 1 
ATOM   709  N  N   . ASN A 1 79  ? 3.889   -1.341  11.000  1.00 16.52 ? 106 ASN A N   1 
ATOM   710  C  CA  . ASN A 1 79  ? 2.762   -2.004  11.665  1.00 16.46 ? 106 ASN A CA  1 
ATOM   711  C  C   . ASN A 1 79  ? 1.693   -2.262  10.596  1.00 15.48 ? 106 ASN A C   1 
ATOM   712  O  O   . ASN A 1 79  ? 1.238   -1.304  9.931   1.00 16.33 ? 106 ASN A O   1 
ATOM   713  C  CB  . ASN A 1 79  ? 2.193   -1.127  12.725  1.00 17.74 ? 106 ASN A CB  1 
ATOM   714  C  CG  . ASN A 1 79  ? 1.057   -1.811  13.509  1.00 22.31 ? 106 ASN A CG  1 
ATOM   715  O  OD1 . ASN A 1 79  ? -0.122  -1.523  13.315  1.00 26.40 ? 106 ASN A OD1 1 
ATOM   716  N  ND2 . ASN A 1 79  ? 1.433   -2.699  14.407  1.00 23.54 ? 106 ASN A ND2 1 
ATOM   717  N  N   . TYR A 1 80  ? 1.380   -3.527  10.409  1.00 14.64 ? 107 TYR A N   1 
ATOM   718  C  CA  . TYR A 1 80  ? 0.511   -3.989  9.334   1.00 14.52 ? 107 TYR A CA  1 
ATOM   719  C  C   . TYR A 1 80  ? -0.757  -4.534  9.953   1.00 16.68 ? 107 TYR A C   1 
ATOM   720  O  O   . TYR A 1 80  ? -0.712  -5.247  10.966  1.00 16.45 ? 107 TYR A O   1 
ATOM   721  C  CB  . TYR A 1 80  ? 1.242   -5.094  8.544   1.00 16.70 ? 107 TYR A CB  1 
ATOM   722  C  CG  . TYR A 1 80  ? 0.422   -5.979  7.661   1.00 17.86 ? 107 TYR A CG  1 
ATOM   723  C  CD1 . TYR A 1 80  ? -0.289  -7.083  8.169   1.00 18.28 ? 107 TYR A CD1 1 
ATOM   724  C  CD2 . TYR A 1 80  ? 0.408   -5.805  6.268   1.00 18.23 ? 107 TYR A CD2 1 
ATOM   725  C  CE1 . TYR A 1 80  ? -1.019  -7.906  7.318   1.00 20.27 ? 107 TYR A CE1 1 
ATOM   726  C  CE2 . TYR A 1 80  ? -0.292  -6.619  5.457   1.00 19.26 ? 107 TYR A CE2 1 
ATOM   727  C  CZ  . TYR A 1 80  ? -0.999  -7.668  5.967   1.00 20.61 ? 107 TYR A CZ  1 
ATOM   728  O  OH  . TYR A 1 80  ? -1.723  -8.533  5.156   1.00 23.67 ? 107 TYR A OH  1 
ATOM   729  N  N   . GLY A 1 81  ? -1.882  -4.297  9.294   1.00 14.75 ? 108 GLY A N   1 
ATOM   730  C  CA  . GLY A 1 81  ? -3.153  -4.928  9.670   1.00 13.85 ? 108 GLY A CA  1 
ATOM   731  C  C   . GLY A 1 81  ? -4.008  -5.155  8.435   1.00 14.93 ? 108 GLY A C   1 
ATOM   732  O  O   . GLY A 1 81  ? -3.918  -4.359  7.510   1.00 13.98 ? 108 GLY A O   1 
HETATM 733  N  N   . MSE A 1 82  ? -4.780  -6.244  8.414   1.00 15.39 ? 109 MSE A N   1 
HETATM 734  C  CA  . MSE A 1 82  ? -5.709  -6.559  7.337   1.00 15.20 ? 109 MSE A CA  1 
HETATM 735  C  C   . MSE A 1 82  ? -7.079  -5.992  7.654   1.00 16.56 ? 109 MSE A C   1 
HETATM 736  O  O   . MSE A 1 82  ? -7.533  -5.958  8.807   1.00 15.17 ? 109 MSE A O   1 
HETATM 737  C  CB  . MSE A 1 82  ? -5.769  -8.052  7.080   1.00 17.64 ? 109 MSE A CB  1 
HETATM 738  C  CG  . MSE A 1 82  ? -4.521  -8.545  6.554   1.00 23.78 ? 109 MSE A CG  1 
HETATM 739  SE SE  . MSE A 1 82  ? -4.610  -10.403 6.118   0.75 28.83 ? 109 MSE A SE  1 
HETATM 740  C  CE  . MSE A 1 82  ? -6.433  -10.525 5.610   1.00 19.03 ? 109 MSE A CE  1 
ATOM   741  N  N   . TRP A 1 83  ? -7.779  -5.599  6.581   1.00 13.57 ? 110 TRP A N   1 
ATOM   742  C  CA  . TRP A 1 83  ? -9.162  -5.119  6.698   1.00 13.91 ? 110 TRP A CA  1 
ATOM   743  C  C   . TRP A 1 83  ? -10.095 -6.225  7.203   1.00 14.04 ? 110 TRP A C   1 
ATOM   744  O  O   . TRP A 1 83  ? -10.108 -7.317  6.695   1.00 15.55 ? 110 TRP A O   1 
ATOM   745  C  CB  . TRP A 1 83  ? -9.647  -4.706  5.309   1.00 14.26 ? 110 TRP A CB  1 
ATOM   746  C  CG  . TRP A 1 83  ? -11.018 -4.129  5.255   1.00 14.34 ? 110 TRP A CG  1 
ATOM   747  C  CD1 . TRP A 1 83  ? -12.089 -4.682  4.617   1.00 15.82 ? 110 TRP A CD1 1 
ATOM   748  C  CD2 . TRP A 1 83  ? -11.442 -2.870  5.753   1.00 14.64 ? 110 TRP A CD2 1 
ATOM   749  N  NE1 . TRP A 1 83  ? -13.143 -3.828  4.684   1.00 16.23 ? 110 TRP A NE1 1 
ATOM   750  C  CE2 . TRP A 1 83  ? -12.807 -2.722  5.406   1.00 15.49 ? 110 TRP A CE2 1 
ATOM   751  C  CE3 . TRP A 1 83  ? -10.818 -1.832  6.439   1.00 15.46 ? 110 TRP A CE3 1 
ATOM   752  C  CZ2 . TRP A 1 83  ? -13.524 -1.570  5.715   1.00 18.26 ? 110 TRP A CZ2 1 
ATOM   753  C  CZ3 . TRP A 1 83  ? -11.534 -0.713  6.770   1.00 18.02 ? 110 TRP A CZ3 1 
ATOM   754  C  CH2 . TRP A 1 83  ? -12.907 -0.597  6.405   1.00 18.51 ? 110 TRP A CH2 1 
ATOM   755  N  N   . ASP A 1 84  ? -10.842 -5.862  8.221   1.00 14.85 ? 111 ASP A N   1 
ATOM   756  C  CA  . ASP A 1 84  ? -11.911 -6.691  8.793   1.00 16.34 ? 111 ASP A CA  1 
ATOM   757  C  C   . ASP A 1 84  ? -13.248 -6.125  8.267   1.00 14.89 ? 111 ASP A C   1 
ATOM   758  O  O   . ASP A 1 84  ? -13.614 -5.010  8.593   1.00 15.65 ? 111 ASP A O   1 
ATOM   759  C  CB  . ASP A 1 84  ? -11.841 -6.608  10.312  1.00 17.15 ? 111 ASP A CB  1 
ATOM   760  C  CG  . ASP A 1 84  ? -12.835 -7.509  10.978  1.00 22.72 ? 111 ASP A CG  1 
ATOM   761  O  OD1 . ASP A 1 84  ? -13.987 -7.526  10.533  1.00 21.24 ? 111 ASP A OD1 1 
ATOM   762  O  OD2 . ASP A 1 84  ? -12.413 -8.215  11.909  1.00 24.90 ? 111 ASP A OD2 1 
ATOM   763  N  N   . LYS A 1 85  ? -13.858 -6.867  7.376   1.00 17.19 ? 112 LYS A N   1 
ATOM   764  C  CA  . LYS A 1 85  ? -15.061 -6.412  6.639   1.00 17.38 ? 112 LYS A CA  1 
ATOM   765  C  C   . LYS A 1 85  ? -16.287 -6.209  7.542   1.00 20.50 ? 112 LYS A C   1 
ATOM   766  O  O   . LYS A 1 85  ? -17.179 -5.463  7.180   1.00 19.78 ? 112 LYS A O   1 
ATOM   767  C  CB  . LYS A 1 85  ? -15.357 -7.388  5.503   1.00 19.53 ? 112 LYS A CB  1 
ATOM   768  C  CG  . LYS A 1 85  ? -15.637 -8.846  5.993   1.00 24.45 ? 112 LYS A CG  1 
ATOM   769  C  CD  . LYS A 1 85  ? -17.053 -9.278  5.861   1.00 26.63 ? 112 LYS A CD  1 
ATOM   770  C  CE  . LYS A 1 85  ? -17.171 -10.775 6.136   1.00 28.29 ? 112 LYS A CE  1 
ATOM   771  N  NZ  . LYS A 1 85  ? -18.550 -11.112 6.285   1.00 33.10 ? 112 LYS A NZ  1 
ATOM   772  N  N   . LYS A 1 86  ? -16.286 -6.821  8.722   1.00 21.89 ? 113 LYS A N   1 
ATOM   773  C  CA  A LYS A 1 86  ? -17.369 -6.596  9.688   0.50 24.59 ? 113 LYS A CA  1 
ATOM   774  C  CA  B LYS A 1 86  ? -17.364 -6.603  9.698   0.50 25.15 ? 113 LYS A CA  1 
ATOM   775  C  C   . LYS A 1 86  ? -17.100 -5.375  10.562  1.00 25.87 ? 113 LYS A C   1 
ATOM   776  O  O   . LYS A 1 86  ? -17.944 -4.486  10.699  1.00 25.61 ? 113 LYS A O   1 
ATOM   777  C  CB  A LYS A 1 86  ? -17.556 -7.860  10.535  0.50 27.21 ? 113 LYS A CB  1 
ATOM   778  C  CB  B LYS A 1 86  ? -17.513 -7.856  10.570  0.50 28.77 ? 113 LYS A CB  1 
ATOM   779  C  CG  A LYS A 1 86  ? -18.892 -7.941  11.241  0.50 30.94 ? 113 LYS A CG  1 
ATOM   780  C  CG  B LYS A 1 86  ? -18.781 -7.899  11.391  0.50 33.42 ? 113 LYS A CG  1 
ATOM   781  C  CD  A LYS A 1 86  ? -19.060 -9.303  11.901  0.50 31.87 ? 113 LYS A CD  1 
ATOM   782  C  CD  B LYS A 1 86  ? -18.672 -8.931  12.509  0.50 36.00 ? 113 LYS A CD  1 
ATOM   783  C  CE  A LYS A 1 86  ? -20.182 -9.282  12.955  0.50 36.14 ? 113 LYS A CE  1 
ATOM   784  C  CE  B LYS A 1 86  ? -18.387 -10.323 11.985  0.50 38.22 ? 113 LYS A CE  1 
ATOM   785  N  NZ  A LYS A 1 86  ? -19.927 -10.313 14.027  0.50 38.70 ? 113 LYS A NZ  1 
ATOM   786  N  NZ  B LYS A 1 86  ? -18.191 -11.326 13.092  0.50 40.45 ? 113 LYS A NZ  1 
ATOM   787  N  N   . LYS A 1 87  ? -15.907 -5.305  11.142  1.00 23.68 ? 114 LYS A N   1 
ATOM   788  C  CA  . LYS A 1 87  ? -15.511 -4.185  11.988  1.00 24.13 ? 114 LYS A CA  1 
ATOM   789  C  C   . LYS A 1 87  ? -15.177 -2.864  11.297  1.00 23.43 ? 114 LYS A C   1 
ATOM   790  O  O   . LYS A 1 87  ? -15.156 -1.784  11.910  1.00 24.04 ? 114 LYS A O   1 
ATOM   791  C  CB  . LYS A 1 87  ? -14.329 -4.639  12.861  1.00 27.23 ? 114 LYS A CB  1 
ATOM   792  C  CG  . LYS A 1 87  ? -14.677 -5.795  13.784  1.00 30.71 ? 114 LYS A CG  1 
ATOM   793  C  CD  . LYS A 1 87  ? -13.516 -6.178  14.710  1.00 36.86 ? 114 LYS A CD  1 
ATOM   794  C  CE  . LYS A 1 87  ? -13.738 -7.576  15.315  1.00 42.03 ? 114 LYS A CE  1 
ATOM   795  N  NZ  . LYS A 1 87  ? -12.499 -8.104  15.988  1.00 45.32 ? 114 LYS A NZ  1 
ATOM   796  N  N   . LYS A 1 88  ? -14.884 -2.922  9.987   1.00 19.03 ? 115 LYS A N   1 
ATOM   797  C  CA  . LYS A 1 88  ? -14.548 -1.749  9.222   1.00 18.79 ? 115 LYS A CA  1 
ATOM   798  C  C   . LYS A 1 88  ? -13.293 -1.053  9.767   1.00 18.32 ? 115 LYS A C   1 
ATOM   799  O  O   . LYS A 1 88  ? -13.207 0.168   9.791   1.00 20.08 ? 115 LYS A O   1 
ATOM   800  C  CB  . LYS A 1 88  ? -15.732 -0.776  9.096   1.00 19.85 ? 115 LYS A CB  1 
ATOM   801  C  CG  . LYS A 1 88  ? -17.043 -1.454  8.658   1.00 19.99 ? 115 LYS A CG  1 
ATOM   802  C  CD  . LYS A 1 88  ? -16.895 -2.110  7.329   1.00 19.14 ? 115 LYS A CD  1 
ATOM   803  C  CE  . LYS A 1 88  ? -18.281 -2.619  6.784   1.00 18.95 ? 115 LYS A CE  1 
ATOM   804  N  NZ  . LYS A 1 88  ? -18.112 -3.458  5.595   1.00 17.78 ? 115 LYS A NZ  1 
ATOM   805  N  N   . ASN A 1 89  ? -12.302 -1.885  10.057  1.00 18.27 ? 116 ASN A N   1 
ATOM   806  C  CA  . ASN A 1 89  ? -11.001 -1.395  10.448  1.00 18.18 ? 116 ASN A CA  1 
ATOM   807  C  C   . ASN A 1 89  ? -9.935  -2.382  10.023  1.00 17.06 ? 116 ASN A C   1 
ATOM   808  O  O   . ASN A 1 89  ? -10.225 -3.424  9.398   1.00 16.05 ? 116 ASN A O   1 
ATOM   809  C  CB  . ASN A 1 89  ? -10.978 -1.101  11.944  1.00 19.80 ? 116 ASN A CB  1 
ATOM   810  C  CG  . ASN A 1 89  ? -11.132 -2.347  12.791  1.00 19.15 ? 116 ASN A CG  1 
ATOM   811  O  OD1 . ASN A 1 89  ? -10.933 -3.496  12.400  1.00 20.07 ? 116 ASN A OD1 1 
ATOM   812  N  ND2 . ASN A 1 89  ? -11.584 -2.103  14.011  1.00 26.37 ? 116 ASN A ND2 1 
ATOM   813  N  N   . PHE A 1 90  ? -8.681  -2.043  10.324  1.00 17.26 ? 117 PHE A N   1 
ATOM   814  C  CA  . PHE A 1 90  ? -7.537  -2.898  9.961   1.00 15.75 ? 117 PHE A CA  1 
ATOM   815  C  C   . PHE A 1 90  ? -7.005  -3.712  11.151  1.00 17.27 ? 117 PHE A C   1 
ATOM   816  O  O   . PHE A 1 90  ? -5.800  -3.799  11.387  1.00 18.67 ? 117 PHE A O   1 
ATOM   817  C  CB  . PHE A 1 90  ? -6.448  -2.065  9.292   1.00 15.64 ? 117 PHE A CB  1 
ATOM   818  C  CG  . PHE A 1 90  ? -6.885  -1.448  7.978   1.00 13.98 ? 117 PHE A CG  1 
ATOM   819  C  CD1 . PHE A 1 90  ? -6.789  -2.160  6.794   1.00 14.54 ? 117 PHE A CD1 1 
ATOM   820  C  CD2 . PHE A 1 90  ? -7.372  -0.157  7.923   1.00 14.45 ? 117 PHE A CD2 1 
ATOM   821  C  CE1 . PHE A 1 90  ? -7.199  -1.603  5.582   1.00 14.11 ? 117 PHE A CE1 1 
ATOM   822  C  CE2 . PHE A 1 90  ? -7.768  0.416   6.740   1.00 14.94 ? 117 PHE A CE2 1 
ATOM   823  C  CZ  . PHE A 1 90  ? -7.655  -0.328  5.541   1.00 15.73 ? 117 PHE A CZ  1 
ATOM   824  N  N   . SER A 1 91  ? -7.929  -4.398  11.846  1.00 17.84 ? 118 SER A N   1 
ATOM   825  C  CA  . SER A 1 91  ? -7.559  -5.116  13.073  1.00 19.57 ? 118 SER A CA  1 
ATOM   826  C  C   . SER A 1 91  ? -7.269  -6.590  12.929  1.00 19.49 ? 118 SER A C   1 
ATOM   827  O  O   . SER A 1 91  ? -7.005  -7.285  13.935  1.00 22.92 ? 118 SER A O   1 
ATOM   828  C  CB  . SER A 1 91  ? -8.704  -4.909  14.099  1.00 21.66 ? 118 SER A CB  1 
ATOM   829  O  OG  . SER A 1 91  ? -9.877  -5.518  13.632  1.00 23.56 ? 118 SER A OG  1 
ATOM   830  N  N   . LEU A 1 92  ? -7.269  -7.126  11.715  1.00 17.70 ? 119 LEU A N   1 
ATOM   831  C  CA  A LEU A 1 92  ? -7.028  -8.549  11.515  0.50 17.67 ? 119 LEU A CA  1 
ATOM   832  C  CA  B LEU A 1 92  ? -7.063  -8.527  11.485  0.50 17.70 ? 119 LEU A CA  1 
ATOM   833  C  C   . LEU A 1 92  ? -5.577  -8.831  11.225  1.00 19.07 ? 119 LEU A C   1 
ATOM   834  O  O   . LEU A 1 92  ? -4.931  -8.132  10.460  1.00 17.58 ? 119 LEU A O   1 
ATOM   835  C  CB  A LEU A 1 92  ? -7.876  -9.145  10.391  0.50 19.04 ? 119 LEU A CB  1 
ATOM   836  C  CB  B LEU A 1 92  ? -7.955  -8.912  10.306  0.50 19.45 ? 119 LEU A CB  1 
ATOM   837  C  CG  A LEU A 1 92  ? -9.350  -9.361  10.678  0.50 19.14 ? 119 LEU A CG  1 
ATOM   838  C  CG  B LEU A 1 92  ? -8.221  -10.332 9.863   0.50 19.67 ? 119 LEU A CG  1 
ATOM   839  C  CD1 A LEU A 1 92  ? -10.030 -9.822  9.406   0.50 19.28 ? 119 LEU A CD1 1 
ATOM   840  C  CD1 B LEU A 1 92  ? -8.746  -11.240 11.012  0.50 20.49 ? 119 LEU A CD1 1 
ATOM   841  C  CD2 A LEU A 1 92  ? -9.549  -10.369 11.812  0.50 20.98 ? 119 LEU A CD2 1 
ATOM   842  C  CD2 B LEU A 1 92  ? -9.212  -10.301 8.705   0.50 19.58 ? 119 LEU A CD2 1 
ATOM   843  N  N   . ASN A 1 93  ? -5.032  -9.865  11.873  1.00 18.34 ? 120 ASN A N   1 
ATOM   844  C  CA  . ASN A 1 93  ? -3.698  -10.365 11.585  1.00 18.39 ? 120 ASN A CA  1 
ATOM   845  C  C   . ASN A 1 93  ? -2.634  -9.294  11.740  1.00 18.69 ? 120 ASN A C   1 
ATOM   846  O  O   . ASN A 1 93  ? -1.787  -9.152  10.873  1.00 18.85 ? 120 ASN A O   1 
ATOM   847  C  CB  . ASN A 1 93  ? -3.685  -11.066 10.232  1.00 19.57 ? 120 ASN A CB  1 
ATOM   848  C  CG  . ASN A 1 93  ? -4.736  -12.170 10.146  1.00 23.40 ? 120 ASN A CG  1 
ATOM   849  O  OD1 . ASN A 1 93  ? -4.866  -12.977 11.065  1.00 27.56 ? 120 ASN A OD1 1 
ATOM   850  N  ND2 . ASN A 1 93  ? -5.472  -12.230 9.033   1.00 25.21 ? 120 ASN A ND2 1 
ATOM   851  N  N   . VAL A 1 94  ? -2.712  -8.512  12.813  1.00 17.72 ? 121 VAL A N   1 
ATOM   852  C  CA  . VAL A 1 94  ? -1.793  -7.380  13.016  1.00 18.65 ? 121 VAL A CA  1 
ATOM   853  C  C   . VAL A 1 94  ? -0.390  -7.915  13.269  1.00 20.38 ? 121 VAL A C   1 
ATOM   854  O  O   . VAL A 1 94  ? -0.205  -8.929  14.003  1.00 20.77 ? 121 VAL A O   1 
ATOM   855  C  CB  . VAL A 1 94  ? -2.278  -6.470  14.119  1.00 19.90 ? 121 VAL A CB  1 
ATOM   856  C  CG1 . VAL A 1 94  ? -1.251  -5.394  14.467  1.00 21.59 ? 121 VAL A CG1 1 
ATOM   857  C  CG2 . VAL A 1 94  ? -3.611  -5.847  13.728  1.00 19.51 ? 121 VAL A CG2 1 
ATOM   858  N  N   . GLN A 1 95  ? 0.602   -7.302  12.631  1.00 18.99 ? 122 GLN A N   1 
ATOM   859  C  CA  A GLN A 1 95  ? 1.982   -7.752  12.791  0.50 20.38 ? 122 GLN A CA  1 
ATOM   860  C  CA  B GLN A 1 95  ? 1.982   -7.759  12.781  0.50 20.98 ? 122 GLN A CA  1 
ATOM   861  C  C   . GLN A 1 95  ? 2.913   -6.560  12.625  1.00 21.70 ? 122 GLN A C   1 
ATOM   862  O  O   . GLN A 1 95  ? 2.579   -5.563  11.980  1.00 20.64 ? 122 GLN A O   1 
ATOM   863  C  CB  A GLN A 1 95  ? 2.310   -8.911  11.819  0.50 22.94 ? 122 GLN A CB  1 
ATOM   864  C  CB  B GLN A 1 95  ? 2.305   -8.923  11.801  0.50 24.46 ? 122 GLN A CB  1 
ATOM   865  C  CG  A GLN A 1 95  ? 1.629   -8.811  10.491  0.50 22.39 ? 122 GLN A CG  1 
ATOM   866  C  CG  B GLN A 1 95  ? 2.890   -8.532  10.458  0.50 25.08 ? 122 GLN A CG  1 
ATOM   867  C  CD  A GLN A 1 95  ? 1.430   -10.139 9.789   0.50 22.53 ? 122 GLN A CD  1 
ATOM   868  C  CD  B GLN A 1 95  ? 3.556   -9.710  9.700   0.50 25.95 ? 122 GLN A CD  1 
ATOM   869  O  OE1 A GLN A 1 95  ? 2.392   -10.736 9.308   0.50 22.38 ? 122 GLN A OE1 1 
ATOM   870  O  OE1 B GLN A 1 95  ? 4.791   -9.750  9.494   0.50 24.44 ? 122 GLN A OE1 1 
ATOM   871  N  NE2 A GLN A 1 95  ? 0.169   -10.591 9.677   0.50 22.24 ? 122 GLN A NE2 1 
ATOM   872  N  NE2 B GLN A 1 95  ? 2.731   -10.655 9.271   0.50 25.61 ? 122 GLN A NE2 1 
ATOM   873  N  N   . ASN A 1 96  ? 4.044   -6.622  13.293  1.00 20.86 ? 123 ASN A N   1 
ATOM   874  C  CA  . ASN A 1 96  ? 5.064   -5.619  13.175  1.00 22.43 ? 123 ASN A CA  1 
ATOM   875  C  C   . ASN A 1 96  ? 6.261   -6.163  12.455  1.00 24.47 ? 123 ASN A C   1 
ATOM   876  O  O   . ASN A 1 96  ? 6.616   -7.315  12.657  1.00 25.44 ? 123 ASN A O   1 
ATOM   877  C  CB  . ASN A 1 96  ? 5.524   -5.177  14.548  1.00 23.86 ? 123 ASN A CB  1 
ATOM   878  C  CG  . ASN A 1 96  ? 4.477   -4.453  15.287  1.00 28.84 ? 123 ASN A CG  1 
ATOM   879  O  OD1 . ASN A 1 96  ? 4.122   -3.318  14.938  1.00 28.22 ? 123 ASN A OD1 1 
ATOM   880  N  ND2 . ASN A 1 96  ? 3.933   -5.091  16.331  1.00 31.63 ? 123 ASN A ND2 1 
HETATM 881  N  N   A MSE A 1 97  ? 6.877   -5.347  11.602  0.50 23.77 ? 124 MSE A N   1 
HETATM 882  N  N   B MSE A 1 97  ? 6.911   -5.335  11.653  0.50 23.08 ? 124 MSE A N   1 
HETATM 883  C  CA  A MSE A 1 97  ? 8.129   -5.710  10.913  0.50 27.68 ? 124 MSE A CA  1 
HETATM 884  C  CA  B MSE A 1 97  ? 8.156   -5.741  11.016  0.50 26.38 ? 124 MSE A CA  1 
HETATM 885  C  C   A MSE A 1 97  ? 9.109   -4.544  11.031  0.50 27.41 ? 124 MSE A C   1 
HETATM 886  C  C   B MSE A 1 97  ? 9.054   -4.544  10.728  0.50 27.60 ? 124 MSE A C   1 
HETATM 887  O  O   A MSE A 1 97  ? 8.774   -3.468  11.544  0.50 24.80 ? 124 MSE A O   1 
HETATM 888  O  O   B MSE A 1 97  ? 8.597   -3.430  10.572  0.50 28.80 ? 124 MSE A O   1 
HETATM 889  C  CB  A MSE A 1 97  ? 7.906   -6.058  9.420   0.50 31.80 ? 124 MSE A CB  1 
HETATM 890  C  CB  B MSE A 1 97  ? 7.897   -6.577  9.752   0.50 27.98 ? 124 MSE A CB  1 
HETATM 891  C  CG  A MSE A 1 97  ? 9.068   -6.865  8.775   0.50 35.47 ? 124 MSE A CG  1 
HETATM 892  C  CG  B MSE A 1 97  ? 6.936   -5.995  8.700   0.50 28.09 ? 124 MSE A CG  1 
HETATM 893  SE SE  A MSE A 1 97  ? 8.688   -7.726  7.062   0.37 46.32 ? 124 MSE A SE  1 
HETATM 894  SE SE  B MSE A 1 97  ? 4.961   -5.943  9.128   0.38 29.07 ? 124 MSE A SE  1 
HETATM 895  C  CE  A MSE A 1 97  ? 7.418   -9.092  7.647   0.50 41.11 ? 124 MSE A CE  1 
HETATM 896  C  CE  B MSE A 1 97  ? 4.344   -6.573  7.381   0.50 29.18 ? 124 MSE A CE  1 
ATOM   897  N  N   . ILE A 1 98  ? 10.351  -4.812  10.620  1.00 31.29 ? 125 ILE A N   1 
ATOM   898  C  CA  . ILE A 1 98  ? 11.371  -3.779  10.393  1.00 34.18 ? 125 ILE A CA  1 
ATOM   899  C  C   . ILE A 1 98  ? 11.853  -3.840  8.956   1.00 35.47 ? 125 ILE A C   1 
ATOM   900  O  O   . ILE A 1 98  ? 12.074  -4.918  8.424   1.00 42.38 ? 125 ILE A O   1 
ATOM   901  C  CB  . ILE A 1 98  ? 12.614  -4.012  11.267  1.00 39.09 ? 125 ILE A CB  1 
ATOM   902  C  CG1 . ILE A 1 98  ? 12.250  -3.990  12.740  1.00 36.39 ? 125 ILE A CG1 1 
ATOM   903  C  CG2 . ILE A 1 98  ? 13.689  -2.945  10.952  1.00 42.38 ? 125 ILE A CG2 1 
ATOM   904  C  CD1 . ILE A 1 98  ? 11.970  -2.676  13.270  1.00 40.45 ? 125 ILE A CD1 1 
ATOM   905  N  N   . ILE A 1 99  ? 11.986  -2.683  8.327   1.00 32.27 ? 126 ILE A N   1 
ATOM   906  C  CA  . ILE A 1 99  ? 12.528  -2.548  6.983   1.00 35.84 ? 126 ILE A CA  1 
ATOM   907  C  C   . ILE A 1 99  ? 13.850  -1.768  7.167   1.00 33.64 ? 126 ILE A C   1 
ATOM   908  O  O   . ILE A 1 99  ? 13.871  -0.749  7.853   1.00 30.98 ? 126 ILE A O   1 
ATOM   909  C  CB  . ILE A 1 99  ? 11.571  -1.685  6.115   1.00 36.99 ? 126 ILE A CB  1 
ATOM   910  C  CG1 . ILE A 1 99  ? 10.240  -2.398  5.884   1.00 42.59 ? 126 ILE A CG1 1 
ATOM   911  C  CG2 . ILE A 1 99  ? 12.171  -1.345  4.736   1.00 42.52 ? 126 ILE A CG2 1 
ATOM   912  C  CD1 . ILE A 1 99  ? 9.245   -1.529  5.042   1.00 43.06 ? 126 ILE A CD1 1 
ATOM   913  N  N   . PRO A 1 100 ? 14.949  -2.223  6.543   1.00 32.03 ? 127 PRO A N   1 
ATOM   914  C  CA  . PRO A 1 100 ? 16.099  -1.300  6.585   1.00 30.77 ? 127 PRO A CA  1 
ATOM   915  C  C   . PRO A 1 100 ? 15.803  0.008   5.840   1.00 29.34 ? 127 PRO A C   1 
ATOM   916  O  O   . PRO A 1 100 ? 15.141  -0.009  4.785   1.00 27.15 ? 127 PRO A O   1 
ATOM   917  C  CB  . PRO A 1 100 ? 17.228  -2.068  5.854   1.00 31.93 ? 127 PRO A CB  1 
ATOM   918  C  CG  . PRO A 1 100 ? 16.668  -3.361  5.398   1.00 34.07 ? 127 PRO A CG  1 
ATOM   919  C  CD  . PRO A 1 100 ? 15.169  -3.407  5.695   1.00 33.30 ? 127 PRO A CD  1 
ATOM   920  N  N   . SER A 1 101 ? 16.311  1.116   6.354   1.00 26.86 ? 128 SER A N   1 
ATOM   921  C  CA  . SER A 1 101 ? 16.121  2.425   5.746   1.00 27.65 ? 128 SER A CA  1 
ATOM   922  C  C   . SER A 1 101 ? 16.570  2.482   4.289   1.00 27.48 ? 128 SER A C   1 
ATOM   923  O  O   . SER A 1 101 ? 15.992  3.248   3.475   1.00 25.77 ? 128 SER A O   1 
ATOM   924  C  CB  . SER A 1 101 ? 16.849  3.499   6.550   1.00 33.89 ? 128 SER A CB  1 
ATOM   925  O  OG  . SER A 1 101 ? 16.212  3.641   7.804   1.00 38.79 ? 128 SER A OG  1 
ATOM   926  N  N   . THR A 1 102 ? 17.567  1.670   3.942   1.00 28.24 ? 129 THR A N   1 
ATOM   927  C  CA  . THR A 1 102 ? 18.075  1.643   2.564   1.00 27.12 ? 129 THR A CA  1 
ATOM   928  C  C   . THR A 1 102 ? 17.027  1.104   1.564   1.00 27.94 ? 129 THR A C   1 
ATOM   929  O  O   . THR A 1 102 ? 17.175  1.303   0.377   1.00 29.88 ? 129 THR A O   1 
ATOM   930  C  CB  . THR A 1 102 ? 19.294  0.742   2.408   1.00 31.34 ? 129 THR A CB  1 
ATOM   931  O  OG1 . THR A 1 102 ? 18.969  -0.574  2.836   1.00 29.78 ? 129 THR A OG1 1 
ATOM   932  C  CG2 . THR A 1 102 ? 20.463  1.256   3.248   1.00 34.41 ? 129 THR A CG2 1 
ATOM   933  N  N   . ASN A 1 103 ? 16.021  0.384   2.060   1.00 24.53 ? 130 ASN A N   1 
ATOM   934  C  CA  . ASN A 1 103 ? 14.946  -0.124  1.196   1.00 26.67 ? 130 ASN A CA  1 
ATOM   935  C  C   . ASN A 1 103 ? 13.719  0.772   1.155   1.00 23.06 ? 130 ASN A C   1 
ATOM   936  O  O   . ASN A 1 103 ? 12.656  0.327   0.719   1.00 22.59 ? 130 ASN A O   1 
ATOM   937  C  CB  . ASN A 1 103 ? 14.516  -1.518  1.644   1.00 30.45 ? 130 ASN A CB  1 
ATOM   938  C  CG  . ASN A 1 103 ? 15.618  -2.568  1.432   1.00 38.49 ? 130 ASN A CG  1 
ATOM   939  O  OD1 . ASN A 1 103 ? 16.538  -2.391  0.623   1.00 41.45 ? 130 ASN A OD1 1 
ATOM   940  N  ND2 . ASN A 1 103 ? 15.516  -3.660  2.165   1.00 45.28 ? 130 ASN A ND2 1 
ATOM   941  N  N   . TYR A 1 104 ? 13.838  2.000   1.642   1.00 19.96 ? 131 TYR A N   1 
ATOM   942  C  CA  . TYR A 1 104 ? 12.702  2.969   1.728   1.00 18.26 ? 131 TYR A CA  1 
ATOM   943  C  C   . TYR A 1 104 ? 11.902  3.039   0.433   1.00 18.18 ? 131 TYR A C   1 
ATOM   944  O  O   . TYR A 1 104 ? 10.668  2.964   0.461   1.00 17.89 ? 131 TYR A O   1 
ATOM   945  C  CB  . TYR A 1 104 ? 13.206  4.382   2.075   1.00 19.19 ? 131 TYR A CB  1 
ATOM   946  C  CG  . TYR A 1 104 ? 12.153  5.420   2.101   1.00 17.76 ? 131 TYR A CG  1 
ATOM   947  C  CD1 . TYR A 1 104 ? 11.286  5.509   3.184   1.00 17.54 ? 131 TYR A CD1 1 
ATOM   948  C  CD2 . TYR A 1 104 ? 11.955  6.292   1.045   1.00 17.33 ? 131 TYR A CD2 1 
ATOM   949  C  CE1 . TYR A 1 104 ? 10.289  6.440   3.230   1.00 19.68 ? 131 TYR A CE1 1 
ATOM   950  C  CE2 . TYR A 1 104 ? 10.956  7.260   1.084   1.00 18.06 ? 131 TYR A CE2 1 
ATOM   951  C  CZ  . TYR A 1 104 ? 10.085  7.316   2.145   1.00 17.27 ? 131 TYR A CZ  1 
ATOM   952  O  OH  . TYR A 1 104 ? 9.084   8.270   2.202   1.00 20.05 ? 131 TYR A OH  1 
ATOM   953  N  N   . GLU A 1 105 ? 12.583  3.161   -0.701  1.00 17.78 ? 132 GLU A N   1 
ATOM   954  C  CA  . GLU A 1 105 ? 11.860  3.322   -1.965  1.00 19.73 ? 132 GLU A CA  1 
ATOM   955  C  C   . GLU A 1 105 ? 10.986  2.134   -2.352  1.00 17.89 ? 132 GLU A C   1 
ATOM   956  O  O   . GLU A 1 105 ? 10.037  2.278   -3.130  1.00 18.45 ? 132 GLU A O   1 
ATOM   957  C  CB  . GLU A 1 105 ? 12.813  3.695   -3.112  1.00 20.57 ? 132 GLU A CB  1 
ATOM   958  C  CG  . GLU A 1 105 ? 13.329  5.140   -2.964  1.00 25.10 ? 132 GLU A CG  1 
ATOM   959  C  CD  . GLU A 1 105 ? 12.246  6.193   -3.205  1.00 28.99 ? 132 GLU A CD  1 
ATOM   960  O  OE1 . GLU A 1 105 ? 11.472  6.081   -4.204  1.00 37.82 ? 132 GLU A OE1 1 
ATOM   961  O  OE2 . GLU A 1 105 ? 12.160  7.136   -2.413  1.00 35.86 ? 132 GLU A OE2 1 
ATOM   962  N  N   . GLU A 1 106 ? 11.255  0.967   -1.812  1.00 17.74 ? 133 GLU A N   1 
ATOM   963  C  CA  . GLU A 1 106 ? 10.453  -0.182  -2.103  1.00 18.08 ? 133 GLU A CA  1 
ATOM   964  C  C   . GLU A 1 106 ? 9.100   -0.109  -1.425  1.00 16.67 ? 133 GLU A C   1 
ATOM   965  O  O   . GLU A 1 106 ? 8.183   -0.872  -1.806  1.00 17.15 ? 133 GLU A O   1 
ATOM   966  C  CB  . GLU A 1 106 ? 11.153  -1.469  -1.746  1.00 20.70 ? 133 GLU A CB  1 
ATOM   967  C  CG  . GLU A 1 106 ? 12.541  -1.605  -2.407  1.00 21.96 ? 133 GLU A CG  1 
ATOM   968  C  CD  . GLU A 1 106 ? 12.524  -1.729  -3.949  1.00 25.05 ? 133 GLU A CD  1 
ATOM   969  O  OE1 . GLU A 1 106 ? 11.444  -1.943  -4.549  1.00 27.81 ? 133 GLU A OE1 1 
ATOM   970  O  OE2 . GLU A 1 106 ? 13.625  -1.657  -4.568  1.00 28.10 ? 133 GLU A OE2 1 
ATOM   971  N  N   . ILE A 1 107 ? 8.897   0.848   -0.517  1.00 15.20 ? 134 ILE A N   1 
ATOM   972  C  CA  . ILE A 1 107 ? 7.555   1.076   0.037   1.00 15.16 ? 134 ILE A CA  1 
ATOM   973  C  C   . ILE A 1 107 ? 6.523   1.438   -1.052  1.00 14.71 ? 134 ILE A C   1 
ATOM   974  O  O   . ILE A 1 107 ? 5.354   1.128   -0.924  1.00 14.16 ? 134 ILE A O   1 
ATOM   975  C  CB  . ILE A 1 107 ? 7.589   2.153   1.145   1.00 16.32 ? 134 ILE A CB  1 
ATOM   976  C  CG1 . ILE A 1 107 ? 8.320   1.573   2.359   1.00 17.58 ? 134 ILE A CG1 1 
ATOM   977  C  CG2 . ILE A 1 107 ? 6.184   2.637   1.533   1.00 18.77 ? 134 ILE A CG2 1 
ATOM   978  C  CD1 . ILE A 1 107 ? 8.666   2.672   3.440   1.00 18.58 ? 134 ILE A CD1 1 
ATOM   979  N  N   . PHE A 1 108 ? 6.989   2.079   -2.114  1.00 15.01 ? 135 PHE A N   1 
ATOM   980  C  CA  . PHE A 1 108 ? 6.109   2.513   -3.161  1.00 14.86 ? 135 PHE A CA  1 
ATOM   981  C  C   . PHE A 1 108 ? 5.684   1.467   -4.106  1.00 17.99 ? 135 PHE A C   1 
ATOM   982  O  O   . PHE A 1 108 ? 4.837   1.788   -4.955  1.00 19.27 ? 135 PHE A O   1 
ATOM   983  C  CB  . PHE A 1 108 ? 6.689   3.729   -3.894  1.00 16.13 ? 135 PHE A CB  1 
ATOM   984  C  CG  . PHE A 1 108 ? 6.964   4.867   -2.983  1.00 16.26 ? 135 PHE A CG  1 
ATOM   985  C  CD1 . PHE A 1 108 ? 5.926   5.586   -2.448  1.00 17.28 ? 135 PHE A CD1 1 
ATOM   986  C  CD2 . PHE A 1 108 ? 8.258   5.182   -2.618  1.00 18.19 ? 135 PHE A CD2 1 
ATOM   987  C  CE1 . PHE A 1 108 ? 6.144   6.602   -1.558  1.00 20.26 ? 135 PHE A CE1 1 
ATOM   988  C  CE2 . PHE A 1 108 ? 8.488   6.225   -1.713  1.00 20.10 ? 135 PHE A CE2 1 
ATOM   989  C  CZ  . PHE A 1 108 ? 7.410   6.928   -1.207  1.00 20.05 ? 135 PHE A CZ  1 
ATOM   990  N  N   . SER A 1 109 ? 6.216   0.248   -3.970  1.00 18.89 ? 136 SER A N   1 
ATOM   991  C  CA  . SER A 1 109 ? 5.857   -0.888  -4.845  1.00 22.38 ? 136 SER A CA  1 
ATOM   992  C  C   . SER A 1 109 ? 6.051   -0.477  -6.318  1.00 26.64 ? 136 SER A C   1 
ATOM   993  O  O   . SER A 1 109 ? 6.949   0.369   -6.597  1.00 28.96 ? 136 SER A O   1 
ATOM   994  C  CB  . SER A 1 109 ? 4.420   -1.379  -4.581  1.00 22.94 ? 136 SER A CB  1 
ATOM   995  O  OG  . SER A 1 109 ? 4.293   -1.945  -3.297  1.00 21.13 ? 136 SER A OG  1 
ATOM   996  O  OXT . SER A 1 109 ? 5.349   -0.973  -7.268  1.00 30.10 ? 136 SER A OXT 1 
HETATM 997  C  C1  . MPD B 2 .   ? -5.474  -9.865  -11.339 1.00 26.03 ? 201 MPD A C1  1 
HETATM 998  C  C2  . MPD B 2 .   ? -6.189  -11.059 -10.682 1.00 28.12 ? 201 MPD A C2  1 
HETATM 999  O  O2  . MPD B 2 .   ? -5.257  -12.166 -10.580 1.00 25.80 ? 201 MPD A O2  1 
HETATM 1000 C  CM  . MPD B 2 .   ? -6.682  -10.695 -9.258  1.00 34.51 ? 201 MPD A CM  1 
HETATM 1001 C  C3  . MPD B 2 .   ? -7.369  -11.543 -11.503 1.00 29.17 ? 201 MPD A C3  1 
HETATM 1002 C  C4  . MPD B 2 .   ? -7.039  -12.064 -12.898 1.00 27.80 ? 201 MPD A C4  1 
HETATM 1003 O  O4  . MPD B 2 .   ? -6.187  -13.201 -12.857 1.00 27.94 ? 201 MPD A O4  1 
HETATM 1004 C  C5  . MPD B 2 .   ? -8.285  -12.513 -13.669 1.00 28.06 ? 201 MPD A C5  1 
HETATM 1005 C  C1  . CIT C 3 .   ? -10.884 -6.063  -14.222 1.00 24.80 ? 202 CIT A C1  1 
HETATM 1006 O  O1  . CIT C 3 .   ? -10.015 -5.137  -14.129 1.00 20.18 ? 202 CIT A O1  1 
HETATM 1007 O  O2  . CIT C 3 .   ? -10.896 -7.154  -13.517 1.00 23.00 ? 202 CIT A O2  1 
HETATM 1008 C  C2  . CIT C 3 .   ? -11.881 -5.774  -15.347 1.00 30.58 ? 202 CIT A C2  1 
HETATM 1009 C  C3  . CIT C 3 .   ? -13.363 -5.934  -14.956 1.00 36.50 ? 202 CIT A C3  1 
HETATM 1010 O  O7  . CIT C 3 .   ? -13.610 -5.227  -13.719 1.00 35.01 ? 202 CIT A O7  1 
HETATM 1011 C  C4  . CIT C 3 .   ? -14.272 -5.372  -16.079 1.00 36.26 ? 202 CIT A C4  1 
HETATM 1012 C  C5  . CIT C 3 .   ? -15.682 -5.915  -15.995 1.00 40.40 ? 202 CIT A C5  1 
HETATM 1013 O  O3  . CIT C 3 .   ? -16.032 -6.896  -16.706 1.00 48.01 ? 202 CIT A O3  1 
HETATM 1014 O  O4  . CIT C 3 .   ? -16.519 -5.423  -15.204 1.00 36.12 ? 202 CIT A O4  1 
HETATM 1015 C  C6  . CIT C 3 .   ? -13.688 -7.391  -14.627 1.00 41.23 ? 202 CIT A C6  1 
HETATM 1016 O  O5  . CIT C 3 .   ? -13.324 -8.276  -15.428 1.00 40.90 ? 202 CIT A O5  1 
HETATM 1017 O  O6  . CIT C 3 .   ? -14.270 -7.681  -13.558 1.00 39.65 ? 202 CIT A O6  1 
HETATM 1018 P  P   . PO4 D 4 .   ? -8.638  3.204   -11.062 0.50 26.44 ? 203 PO4 A P   1 
HETATM 1019 O  O1  . PO4 D 4 .   ? -7.976  3.646   -9.773  0.50 26.78 ? 203 PO4 A O1  1 
HETATM 1020 O  O2  . PO4 D 4 .   ? -9.752  2.306   -10.678 0.50 26.39 ? 203 PO4 A O2  1 
HETATM 1021 O  O3  . PO4 D 4 .   ? -7.699  2.472   -12.042 0.50 22.35 ? 203 PO4 A O3  1 
HETATM 1022 O  O4  . PO4 D 4 .   ? -9.135  4.433   -11.786 0.50 31.40 ? 203 PO4 A O4  1 
HETATM 1023 P  P   . PO4 E 4 .   ? 9.522   19.615  -0.209  0.50 30.29 ? 204 PO4 A P   1 
HETATM 1024 O  O1  . PO4 E 4 .   ? 10.578  19.531  -1.295  0.50 25.28 ? 204 PO4 A O1  1 
HETATM 1025 O  O2  . PO4 E 4 .   ? 9.876   18.484  0.744   0.50 28.81 ? 204 PO4 A O2  1 
HETATM 1026 O  O3  . PO4 E 4 .   ? 8.079   19.508  -0.655  0.50 23.94 ? 204 PO4 A O3  1 
HETATM 1027 O  O4  . PO4 E 4 .   ? 9.574   20.917  0.538   0.50 21.97 ? 204 PO4 A O4  1 
HETATM 1028 O  O   . HOH F 5 .   ? 5.078   21.517  -8.110  0.50 10.45 ? 301 HOH A O   1 
HETATM 1029 O  O   . HOH F 5 .   ? 7.088   -4.734  -13.886 1.00 12.18 ? 302 HOH A O   1 
HETATM 1030 O  O   . HOH F 5 .   ? 2.999   10.234  -11.965 1.00 13.52 ? 303 HOH A O   1 
HETATM 1031 O  O   . HOH F 5 .   ? -3.147  5.662   -9.435  1.00 14.55 ? 304 HOH A O   1 
HETATM 1032 O  O   . HOH F 5 .   ? -7.546  -7.682  -6.859  1.00 15.46 ? 305 HOH A O   1 
HETATM 1033 O  O   . HOH F 5 .   ? 6.809   14.407  -9.186  1.00 15.60 ? 306 HOH A O   1 
HETATM 1034 O  O   . HOH F 5 .   ? 6.601   9.842   -3.039  1.00 15.82 ? 307 HOH A O   1 
HETATM 1035 O  O   . HOH F 5 .   ? -9.224  -8.004  -11.475 1.00 16.65 ? 308 HOH A O   1 
HETATM 1036 O  O   . HOH F 5 .   ? -9.475  -8.784  -8.764  1.00 16.84 ? 309 HOH A O   1 
HETATM 1037 O  O   . HOH F 5 .   ? 1.409   -10.882 -20.571 1.00 17.11 ? 310 HOH A O   1 
HETATM 1038 O  O   . HOH F 5 .   ? -5.098  -10.481 -16.252 1.00 17.04 ? 311 HOH A O   1 
HETATM 1039 O  O   . HOH F 5 .   ? 7.419   10.926  -6.469  1.00 17.98 ? 312 HOH A O   1 
HETATM 1040 O  O   . HOH F 5 .   ? -12.186 -9.044  6.326   1.00 17.81 ? 313 HOH A O   1 
HETATM 1041 O  O   . HOH F 5 .   ? 6.999   -8.419  -22.363 1.00 19.90 ? 314 HOH A O   1 
HETATM 1042 O  O   . HOH F 5 .   ? -4.879  -13.043 -15.207 1.00 20.94 ? 315 HOH A O   1 
HETATM 1043 O  O   . HOH F 5 .   ? -2.389  -0.677  9.976   1.00 20.24 ? 316 HOH A O   1 
HETATM 1044 O  O   . HOH F 5 .   ? -13.946 1.744   -6.325  1.00 20.61 ? 317 HOH A O   1 
HETATM 1045 O  O   . HOH F 5 .   ? -0.446  12.850  3.155   1.00 21.62 ? 318 HOH A O   1 
HETATM 1046 O  O   . HOH F 5 .   ? 5.844   8.469   10.488  1.00 22.33 ? 319 HOH A O   1 
HETATM 1047 O  O   . HOH F 5 .   ? 4.212   -10.592 -23.221 1.00 22.21 ? 320 HOH A O   1 
HETATM 1048 O  O   . HOH F 5 .   ? -0.709  -10.613 -22.247 1.00 22.00 ? 321 HOH A O   1 
HETATM 1049 O  O   . HOH F 5 .   ? -0.980  0.580   11.827  1.00 22.25 ? 322 HOH A O   1 
HETATM 1050 O  O   . HOH F 5 .   ? -2.557  -8.668  -21.719 1.00 22.42 ? 323 HOH A O   1 
HETATM 1051 O  O   . HOH F 5 .   ? -13.753 -7.176  2.207   1.00 22.45 ? 324 HOH A O   1 
HETATM 1052 O  O   . HOH F 5 .   ? 2.346   -4.619  -6.292  1.00 23.76 ? 325 HOH A O   1 
HETATM 1053 O  O   . HOH F 5 .   ? 2.996   16.788  -2.632  1.00 24.09 ? 326 HOH A O   1 
HETATM 1054 O  O   . HOH F 5 .   ? -3.156  5.828   2.660   1.00 24.41 ? 327 HOH A O   1 
HETATM 1055 O  O   . HOH F 5 .   ? -3.798  -1.952  11.928  1.00 23.92 ? 328 HOH A O   1 
HETATM 1056 O  O   . HOH F 5 .   ? -10.837 -6.936  1.463   1.00 24.68 ? 329 HOH A O   1 
HETATM 1057 O  O   A HOH F 5 .   ? 5.280   -11.270 -10.755 0.75 18.60 ? 330 HOH A O   1 
HETATM 1058 O  O   B HOH F 5 .   ? 4.770   -12.167 -11.894 0.25 12.23 ? 330 HOH A O   1 
HETATM 1059 O  O   . HOH F 5 .   ? -21.459 -2.685  -8.032  1.00 25.44 ? 331 HOH A O   1 
HETATM 1060 O  O   . HOH F 5 .   ? -13.181 -10.332 -7.333  1.00 24.06 ? 332 HOH A O   1 
HETATM 1061 O  O   . HOH F 5 .   ? -5.149  9.213   -6.897  1.00 25.15 ? 333 HOH A O   1 
HETATM 1062 O  O   . HOH F 5 .   ? 1.268   -11.058 -9.621  1.00 25.09 ? 334 HOH A O   1 
HETATM 1063 O  O   . HOH F 5 .   ? 5.845   -1.542  3.016   1.00 25.25 ? 335 HOH A O   1 
HETATM 1064 O  O   . HOH F 5 .   ? -9.047  -8.495  -20.594 1.00 26.31 ? 336 HOH A O   1 
HETATM 1065 O  O   . HOH F 5 .   ? -1.104  11.814  0.461   1.00 25.37 ? 337 HOH A O   1 
HETATM 1066 O  O   . HOH F 5 .   ? -8.569  -8.041  4.296   1.00 26.69 ? 338 HOH A O   1 
HETATM 1067 O  O   . HOH F 5 .   ? 3.439   -3.316  0.990   1.00 26.44 ? 339 HOH A O   1 
HETATM 1068 O  O   . HOH F 5 .   ? 4.783   -3.532  -7.392  1.00 27.35 ? 340 HOH A O   1 
HETATM 1069 O  O   . HOH F 5 .   ? -2.898  -11.811 -9.197  1.00 25.90 ? 341 HOH A O   1 
HETATM 1070 O  O   . HOH F 5 .   ? 8.975   10.362  0.648   1.00 26.14 ? 342 HOH A O   1 
HETATM 1071 O  O   . HOH F 5 .   ? 5.338   1.130   13.308  1.00 25.76 ? 343 HOH A O   1 
HETATM 1072 O  O   . HOH F 5 .   ? -13.030 -11.234 7.698   1.00 26.60 ? 344 HOH A O   1 
HETATM 1073 O  O   . HOH F 5 .   ? 15.490  3.180   -0.973  1.00 27.09 ? 345 HOH A O   1 
HETATM 1074 O  O   . HOH F 5 .   ? 1.852   -6.927  -8.015  1.00 28.10 ? 346 HOH A O   1 
HETATM 1075 O  O   . HOH F 5 .   ? -23.848 -7.205  -10.283 1.00 28.03 ? 347 HOH A O   1 
HETATM 1076 O  O   . HOH F 5 .   ? 8.438   8.634   -4.597  1.00 27.69 ? 348 HOH A O   1 
HETATM 1077 O  O   . HOH F 5 .   ? 7.976   8.418   12.622  1.00 27.77 ? 349 HOH A O   1 
HETATM 1078 O  O   . HOH F 5 .   ? 3.041   2.671   13.164  1.00 27.93 ? 350 HOH A O   1 
HETATM 1079 O  O   . HOH F 5 .   ? 4.359   -9.004  14.887  1.00 28.20 ? 351 HOH A O   1 
HETATM 1080 O  O   . HOH F 5 .   ? -10.420 -11.200 -8.253  1.00 28.43 ? 352 HOH A O   1 
HETATM 1081 O  O   . HOH F 5 .   ? -10.896 -9.240  -5.053  1.00 27.23 ? 353 HOH A O   1 
HETATM 1082 O  O   . HOH F 5 .   ? -6.467  -11.138 14.050  1.00 28.58 ? 354 HOH A O   1 
HETATM 1083 O  O   . HOH F 5 .   ? 6.957   -0.583  -10.827 1.00 29.53 ? 355 HOH A O   1 
HETATM 1084 O  O   . HOH F 5 .   ? -4.176  15.637  -5.214  1.00 28.53 ? 356 HOH A O   1 
HETATM 1085 O  O   . HOH F 5 .   ? 1.083   -13.539 -21.393 1.00 28.62 ? 357 HOH A O   1 
HETATM 1086 O  O   . HOH F 5 .   ? -5.342  11.777  -8.263  1.00 28.55 ? 358 HOH A O   1 
HETATM 1087 O  O   . HOH F 5 .   ? -14.879 -10.064 9.344   1.00 29.48 ? 359 HOH A O   1 
HETATM 1088 O  O   . HOH F 5 .   ? -4.444  -9.321  15.109  1.00 29.29 ? 360 HOH A O   1 
HETATM 1089 O  O   . HOH F 5 .   ? -21.802 -9.247  -10.446 1.00 29.04 ? 361 HOH A O   1 
HETATM 1090 O  O   . HOH F 5 .   ? -7.858  0.335   11.779  1.00 29.27 ? 362 HOH A O   1 
HETATM 1091 O  O   . HOH F 5 .   ? 8.613   11.004  -1.883  1.00 30.53 ? 363 HOH A O   1 
HETATM 1092 O  O   . HOH F 5 .   ? 9.349   0.917   -5.371  1.00 30.05 ? 364 HOH A O   1 
HETATM 1093 O  O   . HOH F 5 .   ? 3.940   17.446  0.825   1.00 47.96 ? 365 HOH A O   1 
HETATM 1094 O  O   . HOH F 5 .   ? -2.575  12.698  4.711   1.00 49.15 ? 366 HOH A O   1 
HETATM 1095 O  O   . HOH F 5 .   ? -0.439  7.558   10.223  1.00 59.94 ? 367 HOH A O   1 
HETATM 1096 O  O   . HOH F 5 .   ? 9.492   -10.285 10.825  1.00 55.34 ? 368 HOH A O   1 
HETATM 1097 O  O   . HOH F 5 .   ? 14.853  0.684   -2.251  1.00 45.48 ? 369 HOH A O   1 
HETATM 1098 O  O   . HOH F 5 .   ? 16.103  3.691   -5.539  1.00 56.01 ? 370 HOH A O   1 
HETATM 1099 O  O   . HOH F 5 .   ? 19.308  2.019   -1.151  1.00 47.09 ? 371 HOH A O   1 
HETATM 1100 O  O   . HOH F 5 .   ? 16.063  6.359   0.119   1.00 58.86 ? 372 HOH A O   1 
HETATM 1101 O  O   . HOH F 5 .   ? 12.108  11.014  1.178   1.00 50.96 ? 373 HOH A O   1 
HETATM 1102 O  O   . HOH F 5 .   ? 6.523   8.247   15.361  1.00 55.26 ? 374 HOH A O   1 
HETATM 1103 O  O   . HOH F 5 .   ? 5.388   12.341  12.549  1.00 50.13 ? 375 HOH A O   1 
HETATM 1104 O  O   . HOH F 5 .   ? 3.845   13.983  11.121  1.00 38.85 ? 376 HOH A O   1 
HETATM 1105 O  O   . HOH F 5 .   ? 1.597   15.373  7.579   1.00 52.26 ? 377 HOH A O   1 
HETATM 1106 O  O   . HOH F 5 .   ? 6.479   19.255  6.007   1.00 43.98 ? 378 HOH A O   1 
HETATM 1107 O  O   . HOH F 5 .   ? -7.120  11.615  -10.168 1.00 54.45 ? 379 HOH A O   1 
HETATM 1108 O  O   . HOH F 5 .   ? -12.292 2.354   -10.582 1.00 47.73 ? 380 HOH A O   1 
HETATM 1109 O  O   . HOH F 5 .   ? -13.329 3.095   -8.536  1.00 48.80 ? 381 HOH A O   1 
HETATM 1110 O  O   . HOH F 5 .   ? -2.562  -1.893  14.380  1.00 31.09 ? 382 HOH A O   1 
HETATM 1111 O  O   . HOH F 5 .   ? -10.451 -8.109  13.681  1.00 31.04 ? 383 HOH A O   1 
HETATM 1112 O  O   . HOH F 5 .   ? -2.763  15.021  -2.736  1.00 32.22 ? 384 HOH A O   1 
HETATM 1113 O  O   . HOH F 5 .   ? -5.596  6.091   -10.592 1.00 31.46 ? 385 HOH A O   1 
HETATM 1114 O  O   . HOH F 5 .   ? 9.949   11.069  9.761   1.00 31.16 ? 386 HOH A O   1 
HETATM 1115 O  O   . HOH F 5 .   ? -15.580 1.362   -9.132  1.00 31.59 ? 387 HOH A O   1 
HETATM 1116 O  O   . HOH F 5 .   ? -9.838  -11.455 -17.292 1.00 31.45 ? 388 HOH A O   1 
HETATM 1117 O  O   . HOH F 5 .   ? 6.271   -2.298  -0.230  1.00 33.11 ? 389 HOH A O   1 
HETATM 1118 O  O   . HOH F 5 .   ? 9.945   -4.312  -4.956  1.00 32.52 ? 390 HOH A O   1 
HETATM 1119 O  O   . HOH F 5 .   ? -17.099 -1.448  3.900   1.00 32.23 ? 391 HOH A O   1 
HETATM 1120 O  O   . HOH F 5 .   ? 5.899   -1.295  14.642  1.00 32.63 ? 392 HOH A O   1 
HETATM 1121 O  O   . HOH F 5 .   ? 2.202   19.389  -2.231  1.00 33.17 ? 393 HOH A O   1 
HETATM 1122 O  O   . HOH F 5 .   ? 8.231   -2.659  13.867  1.00 32.22 ? 394 HOH A O   1 
HETATM 1123 O  O   . HOH F 5 .   ? -2.787  -4.028  -22.047 1.00 33.69 ? 395 HOH A O   1 
HETATM 1124 O  O   . HOH F 5 .   ? 4.478   15.846  3.798   1.00 34.02 ? 396 HOH A O   1 
HETATM 1125 O  O   . HOH F 5 .   ? -5.287  7.304   -15.231 0.50 36.48 ? 397 HOH A O   1 
HETATM 1126 O  O   . HOH F 5 .   ? -5.684  6.506   1.563   1.00 34.30 ? 398 HOH A O   1 
HETATM 1127 O  O   . HOH F 5 .   ? -9.070  -10.264 14.836  1.00 34.57 ? 399 HOH A O   1 
HETATM 1128 O  O   . HOH F 5 .   ? -10.252 2.183   4.419   1.00 34.14 ? 400 HOH A O   1 
HETATM 1129 O  O   . HOH F 5 .   ? 1.208   -5.550  -1.708  1.00 33.88 ? 401 HOH A O   1 
HETATM 1130 O  O   . HOH F 5 .   ? 9.192   13.242  -3.052  1.00 35.08 ? 402 HOH A O   1 
HETATM 1131 O  O   . HOH F 5 .   ? 19.442  0.728   6.406   1.00 36.12 ? 403 HOH A O   1 
HETATM 1132 O  O   . HOH F 5 .   ? -5.875  13.808  -6.442  1.00 35.87 ? 404 HOH A O   1 
HETATM 1133 O  O   . HOH F 5 .   ? 3.499   9.403   11.400  1.00 34.04 ? 405 HOH A O   1 
HETATM 1134 O  O   . HOH F 5 .   ? 9.283   6.286   -5.966  1.00 34.32 ? 406 HOH A O   1 
HETATM 1135 O  O   . HOH F 5 .   ? -5.309  0.787   11.983  1.00 35.73 ? 407 HOH A O   1 
HETATM 1136 O  O   . HOH F 5 .   ? 14.168  5.346   10.566  1.00 36.83 ? 408 HOH A O   1 
HETATM 1137 O  O   . HOH F 5 .   ? -19.899 -13.803 6.336   1.00 35.75 ? 409 HOH A O   1 
HETATM 1138 O  O   . HOH F 5 .   ? 5.821   -4.242  -2.979  1.00 34.68 ? 410 HOH A O   1 
HETATM 1139 O  O   . HOH F 5 .   ? 16.457  -1.564  -2.149  1.00 37.68 ? 411 HOH A O   1 
HETATM 1140 O  O   . HOH F 5 .   ? -6.306  -6.721  16.408  1.00 38.10 ? 412 HOH A O   1 
HETATM 1141 O  O   . HOH F 5 .   ? -5.771  9.601   -4.296  1.00 36.18 ? 413 HOH A O   1 
HETATM 1142 O  O   . HOH F 5 .   ? 8.223   -3.090  -3.413  1.00 35.98 ? 414 HOH A O   1 
HETATM 1143 O  O   . HOH F 5 .   ? -10.130 -9.011  2.635   1.00 36.09 ? 415 HOH A O   1 
HETATM 1144 O  O   . HOH F 5 .   ? 10.651  8.936   -3.076  1.00 36.62 ? 416 HOH A O   1 
HETATM 1145 O  O   . HOH F 5 .   ? -5.485  -15.517 -16.201 1.00 38.03 ? 417 HOH A O   1 
HETATM 1146 O  O   . HOH F 5 .   ? 6.810   -9.850  11.192  1.00 39.87 ? 418 HOH A O   1 
HETATM 1147 O  O   . HOH F 5 .   ? 0.763   -16.787 -17.411 1.00 38.17 ? 419 HOH A O   1 
HETATM 1148 O  O   . HOH F 5 .   ? -3.213  12.780  -0.857  1.00 37.67 ? 420 HOH A O   1 
HETATM 1149 O  O   . HOH F 5 .   ? -11.323 -3.879  16.486  1.00 38.83 ? 421 HOH A O   1 
HETATM 1150 O  O   . HOH F 5 .   ? -4.207  8.774   -2.324  1.00 39.84 ? 422 HOH A O   1 
HETATM 1151 O  O   . HOH F 5 .   ? 4.190   -7.068  -9.493  1.00 39.90 ? 423 HOH A O   1 
HETATM 1152 O  O   . HOH F 5 .   ? 8.565   11.156  -10.462 1.00 39.97 ? 424 HOH A O   1 
HETATM 1153 O  O   . HOH F 5 .   ? -2.497  -13.970 12.232  1.00 38.58 ? 425 HOH A O   1 
HETATM 1154 O  O   . HOH F 5 .   ? -14.353 -12.772 5.848   1.00 43.34 ? 426 HOH A O   1 
HETATM 1155 O  O   . HOH F 5 .   ? -7.116  7.965   -8.794  1.00 42.23 ? 427 HOH A O   1 
HETATM 1156 O  O   . HOH F 5 .   ? 15.266  1.327   -4.798  1.00 40.84 ? 428 HOH A O   1 
HETATM 1157 O  O   . HOH F 5 .   ? -3.258  -3.131  16.695  1.00 42.38 ? 429 HOH A O   1 
HETATM 1158 O  O   . HOH F 5 .   ? 2.328   6.584   10.778  1.00 41.98 ? 430 HOH A O   1 
HETATM 1159 O  O   . HOH F 5 .   ? -9.131  5.936   0.601   1.00 42.50 ? 431 HOH A O   1 
HETATM 1160 O  O   . HOH F 5 .   ? -12.529 -0.921  -14.203 1.00 41.76 ? 432 HOH A O   1 
HETATM 1161 O  O   . HOH F 5 .   ? -7.572  -14.091 8.479   1.00 40.60 ? 433 HOH A O   1 
HETATM 1162 O  O   . HOH F 5 .   ? 8.444   3.976   -7.139  1.00 39.77 ? 434 HOH A O   1 
HETATM 1163 O  O   . HOH F 5 .   ? 2.159   11.433  10.239  1.00 40.64 ? 435 HOH A O   1 
HETATM 1164 O  O   . HOH F 5 .   ? -2.505  2.205   12.985  1.00 41.88 ? 436 HOH A O   1 
HETATM 1165 O  O   . HOH F 5 .   ? -15.115 -0.593  -0.775  1.00 43.80 ? 437 HOH A O   1 
HETATM 1166 O  O   . HOH F 5 .   ? 5.222   -4.983  -0.341  1.00 42.91 ? 438 HOH A O   1 
HETATM 1167 O  O   . HOH F 5 .   ? -20.432 -4.307  9.520   1.00 43.04 ? 439 HOH A O   1 
HETATM 1168 O  O   . HOH F 5 .   ? -1.266  -11.174 6.243   1.00 41.16 ? 440 HOH A O   1 
HETATM 1169 O  O   . HOH F 5 .   ? -10.833 -9.802  -19.374 1.00 44.26 ? 441 HOH A O   1 
HETATM 1170 O  O   . HOH F 5 .   ? -0.921  -8.862  2.430   1.00 43.38 ? 442 HOH A O   1 
HETATM 1171 O  O   . HOH F 5 .   ? -4.182  -7.662  17.404  1.00 42.37 ? 443 HOH A O   1 
HETATM 1172 O  O   . HOH F 5 .   ? -10.100 -6.134  -18.907 1.00 41.17 ? 444 HOH A O   1 
HETATM 1173 O  O   . HOH F 5 .   ? -10.803 -13.166 -10.323 1.00 44.56 ? 445 HOH A O   1 
HETATM 1174 O  O   . HOH F 5 .   ? -0.639  -2.861  -23.992 1.00 49.32 ? 446 HOH A O   1 
HETATM 1175 O  O   . HOH F 5 .   ? -17.236 -11.650 9.677   1.00 46.48 ? 447 HOH A O   1 
HETATM 1176 O  O   . HOH F 5 .   ? 11.828  3.496   13.667  1.00 46.06 ? 448 HOH A O   1 
HETATM 1177 O  O   . HOH F 5 .   ? 0.239   11.098  8.162   1.00 43.33 ? 449 HOH A O   1 
HETATM 1178 O  O   . HOH F 5 .   ? -20.999 -1.297  -5.500  1.00 47.36 ? 450 HOH A O   1 
HETATM 1179 O  O   . HOH F 5 .   ? 12.832  1.387   -5.544  1.00 43.62 ? 451 HOH A O   1 
HETATM 1180 O  O   . HOH F 5 .   ? -7.643  -9.865  -5.333  1.00 44.86 ? 452 HOH A O   1 
HETATM 1181 O  O   . HOH F 5 .   ? -5.767  -15.314 11.711  1.00 43.85 ? 453 HOH A O   1 
HETATM 1182 O  O   . HOH F 5 .   ? -10.144 -14.073 -17.063 1.00 45.57 ? 454 HOH A O   1 
HETATM 1183 O  O   . HOH F 5 .   ? -15.539 -1.708  14.622  1.00 46.09 ? 455 HOH A O   1 
HETATM 1184 O  O   . HOH F 5 .   ? -6.007  7.158   7.117   1.00 46.11 ? 456 HOH A O   1 
HETATM 1185 O  O   . HOH F 5 .   ? -7.471  4.141   7.857   1.00 44.68 ? 457 HOH A O   1 
HETATM 1186 O  O   . HOH F 5 .   ? -6.586  12.255  -4.301  1.00 49.52 ? 458 HOH A O   1 
HETATM 1187 O  O   . HOH F 5 .   ? -15.145 -1.726  -14.472 1.00 47.69 ? 459 HOH A O   1 
HETATM 1188 O  O   . HOH F 5 .   ? 0.791   15.369  3.121   1.00 44.83 ? 460 HOH A O   1 
HETATM 1189 O  O   . HOH F 5 .   ? -4.932  11.466  -2.246  1.00 50.20 ? 461 HOH A O   1 
HETATM 1190 O  O   . HOH F 5 .   ? -1.058  12.460  6.881   1.00 48.95 ? 462 HOH A O   1 
HETATM 1191 O  O   . HOH F 5 .   ? 14.787  6.270   8.360   1.00 51.06 ? 463 HOH A O   1 
HETATM 1192 O  O   . HOH F 5 .   ? -9.015  2.556   -14.776 1.00 57.92 ? 464 HOH A O   1 
HETATM 1193 O  O   . HOH F 5 .   ? 12.787  -4.858  3.106   1.00 58.28 ? 465 HOH A O   1 
HETATM 1194 O  O   . HOH F 5 .   ? -12.972 1.845   -0.360  1.00 56.33 ? 466 HOH A O   1 
HETATM 1195 O  O   . HOH F 5 .   ? -0.111  -19.052 -18.645 1.00 56.74 ? 467 HOH A O   1 
HETATM 1196 O  O   . HOH F 5 .   ? -4.446  -16.921 -18.095 1.00 47.18 ? 468 HOH A O   1 
HETATM 1197 O  O   . HOH F 5 .   ? -5.761  3.512   -12.982 1.00 36.97 ? 469 HOH A O   1 
HETATM 1198 O  O   . HOH F 5 .   ? 7.842   17.395  2.139   1.00 29.31 ? 470 HOH A O   1 
HETATM 1199 O  O   . HOH F 5 .   ? 7.469   21.774  2.209   1.00 39.23 ? 471 HOH A O   1 
HETATM 1200 O  O   . HOH F 5 .   ? 5.198   20.884  1.361   1.00 41.50 ? 472 HOH A O   1 
HETATM 1201 O  O   A HOH F 5 .   ? -9.779  3.405   -3.278  0.60 23.30 ? 473 HOH A O   1 
HETATM 1202 O  O   B HOH F 5 .   ? -11.179 4.607   -3.474  0.40 39.01 ? 473 HOH A O   1 
HETATM 1203 O  O   A HOH F 5 .   ? 6.255   12.655  -12.631 0.70 31.30 ? 474 HOH A O   1 
HETATM 1204 O  O   . HOH F 5 .   ? 17.829  5.900   11.159  1.00 56.69 ? 475 HOH A O   1 
HETATM 1205 O  O   . HOH F 5 .   ? 23.497  5.084   14.577  1.00 47.44 ? 476 HOH A O   1 
HETATM 1206 O  O   . HOH F 5 .   ? -16.319 0.934   5.318   1.00 50.95 ? 477 HOH A O   1 
HETATM 1207 O  O   A HOH F 5 .   ? -9.264  2.147   10.178  0.50 31.62 ? 478 HOH A O   1 
HETATM 1208 O  O   B HOH F 5 .   ? -11.068 2.269   9.410   0.50 36.23 ? 478 HOH A O   1 
HETATM 1209 O  O   . HOH F 5 .   ? -14.005 2.266   8.386   1.00 51.10 ? 479 HOH A O   1 
HETATM 1210 O  O   . HOH F 5 .   ? -1.832  -10.841 15.033  1.00 48.65 ? 480 HOH A O   1 
HETATM 1211 O  O   . HOH F 5 .   ? -4.027  8.975   0.144   1.00 49.64 ? 481 HOH A O   1 
HETATM 1212 O  O   . HOH F 5 .   ? -18.186 -9.156  -3.535  0.50 36.67 ? 482 HOH A O   1 
HETATM 1213 O  O   . HOH F 5 .   ? 14.515  -0.268  14.957  1.00 45.82 ? 483 HOH A O   1 
HETATM 1214 O  O   . HOH F 5 .   ? -10.587 4.980   -6.229  1.00 48.45 ? 484 HOH A O   1 
HETATM 1215 O  O   . HOH F 5 .   ? 8.742   1.108   -9.427  1.00 34.52 ? 485 HOH A O   1 
HETATM 1216 O  O   A HOH F 5 .   ? -9.374  -3.498  -16.142 0.50 32.26 ? 486 HOH A O   1 
HETATM 1217 O  O   B HOH F 5 .   ? -10.507 -2.933  -17.610 0.50 36.25 ? 486 HOH A O   1 
HETATM 1218 O  O   . HOH F 5 .   ? -12.009 -7.664  -18.069 1.00 48.82 ? 487 HOH A O   1 
HETATM 1219 O  O   . HOH F 5 .   ? -12.282 -11.980 -20.935 1.00 51.07 ? 488 HOH A O   1 
# 
